data_1DG7
# 
_entry.id   1DG7 
# 
_audit_conform.dict_name       mmcif_pdbx.dic 
_audit_conform.dict_version    5.385 
_audit_conform.dict_location   http://mmcif.pdb.org/dictionaries/ascii/mmcif_pdbx.dic 
# 
loop_
_database_2.database_id 
_database_2.database_code 
_database_2.pdbx_database_accession 
_database_2.pdbx_DOI 
PDB   1DG7         pdb_00001dg7 10.2210/pdb1dg7/pdb 
RCSB  RCSB010059   ?            ?                   
WWPDB D_1000010059 ?            ?                   
# 
loop_
_pdbx_audit_revision_history.ordinal 
_pdbx_audit_revision_history.data_content_type 
_pdbx_audit_revision_history.major_revision 
_pdbx_audit_revision_history.minor_revision 
_pdbx_audit_revision_history.revision_date 
1 'Structure model' 1 0 2000-03-09 
2 'Structure model' 1 1 2008-04-27 
3 'Structure model' 1 2 2011-07-13 
4 'Structure model' 1 3 2024-02-07 
# 
_pdbx_audit_revision_details.ordinal             1 
_pdbx_audit_revision_details.revision_ordinal    1 
_pdbx_audit_revision_details.data_content_type   'Structure model' 
_pdbx_audit_revision_details.provider            repository 
_pdbx_audit_revision_details.type                'Initial release' 
_pdbx_audit_revision_details.description         ? 
_pdbx_audit_revision_details.details             ? 
# 
loop_
_pdbx_audit_revision_group.ordinal 
_pdbx_audit_revision_group.revision_ordinal 
_pdbx_audit_revision_group.data_content_type 
_pdbx_audit_revision_group.group 
1 2 'Structure model' 'Version format compliance' 
2 3 'Structure model' 'Non-polymer description'   
3 3 'Structure model' 'Version format compliance' 
4 4 'Structure model' 'Data collection'           
5 4 'Structure model' 'Database references'       
6 4 'Structure model' 'Derived calculations'      
# 
loop_
_pdbx_audit_revision_category.ordinal 
_pdbx_audit_revision_category.revision_ordinal 
_pdbx_audit_revision_category.data_content_type 
_pdbx_audit_revision_category.category 
1 4 'Structure model' chem_comp_atom 
2 4 'Structure model' chem_comp_bond 
3 4 'Structure model' database_2     
4 4 'Structure model' struct_site    
# 
loop_
_pdbx_audit_revision_item.ordinal 
_pdbx_audit_revision_item.revision_ordinal 
_pdbx_audit_revision_item.data_content_type 
_pdbx_audit_revision_item.item 
1 4 'Structure model' '_database_2.pdbx_DOI'                
2 4 'Structure model' '_database_2.pdbx_database_accession' 
3 4 'Structure model' '_struct_site.pdbx_auth_asym_id'      
4 4 'Structure model' '_struct_site.pdbx_auth_comp_id'      
5 4 'Structure model' '_struct_site.pdbx_auth_seq_id'       
# 
_pdbx_database_status.status_code                     REL 
_pdbx_database_status.entry_id                        1DG7 
_pdbx_database_status.recvd_initial_deposition_date   1999-11-23 
_pdbx_database_status.deposit_site                    RCSB 
_pdbx_database_status.process_site                    RCSB 
_pdbx_database_status.SG_entry                        . 
_pdbx_database_status.pdb_format_compatible           Y 
_pdbx_database_status.status_code_mr                  ? 
_pdbx_database_status.status_code_sf                  ? 
_pdbx_database_status.status_code_cs                  ? 
_pdbx_database_status.status_code_nmr_data            ? 
_pdbx_database_status.methods_development_category    ? 
# 
loop_
_pdbx_database_related.db_name 
_pdbx_database_related.db_id 
_pdbx_database_related.details 
_pdbx_database_related.content_type 
PDB 1DF7 . unspecified 
PDB 1DG5 . unspecified 
PDB 1DG8 . unspecified 
# 
loop_
_audit_author.name 
_audit_author.pdbx_ordinal 
'Li, R.'           1 
'Sirawaraporn, R.' 2 
'Chitnumsub, P.'   3 
'Sirawaraporn, W.' 4 
'Wooden, J.'       5 
'Athappilly, F.'   6 
'Turley, S.'       7 
'Hol, W.G.'        8 
# 
loop_
_citation.id 
_citation.title 
_citation.journal_abbrev 
_citation.journal_volume 
_citation.page_first 
_citation.page_last 
_citation.year 
_citation.journal_id_ASTM 
_citation.country 
_citation.journal_id_ISSN 
_citation.journal_id_CSD 
_citation.book_publisher 
_citation.pdbx_database_id_PubMed 
_citation.pdbx_database_id_DOI 
primary 
;Three-dimensional structure of M. tuberculosis dihydrofolate reductase reveals opportunities for the design of novel tuberculosis drugs.
;
J.Mol.Biol.  295 307   323   2000 JMOBAK UK 0022-2836 0070 ? 10623528 10.1006/jmbi.1999.3328 
1       
;Comparison of Two Independent Crystal Structures of Human Dihydrofolate Reductase Ternary Complexes Reduced with Nicotinamide Adenine Dinucleotide Phosphate and the Very Tight-Binding Inhibitor PT523
;
Biochemistry 36  13897 13903 1997 BICHAW US 0006-2960 0033 ? ?        10.1021/bi971711l      
# 
loop_
_citation_author.citation_id 
_citation_author.name 
_citation_author.ordinal 
_citation_author.identifier_ORCID 
primary 'Li, R.'           1  ? 
primary 'Sirawaraporn, R.' 2  ? 
primary 'Chitnumsub, P.'   3  ? 
primary 'Sirawaraporn, W.' 4  ? 
primary 'Wooden, J.'       5  ? 
primary 'Athappilly, F.'   6  ? 
primary 'Turley, S.'       7  ? 
primary 'Hol, W.G.'        8  ? 
1       'Cody, V.'         9  ? 
1       'Galitsky, N.'     10 ? 
1       'Luft, J.R.'       11 ? 
1       'Pangborn, W.'     12 ? 
1       'Rosowsky, A.'     13 ? 
1       'Blakely, R.L.'    14 ? 
# 
loop_
_entity.id 
_entity.type 
_entity.src_method 
_entity.pdbx_description 
_entity.formula_weight 
_entity.pdbx_number_of_molecules 
_entity.pdbx_ec 
_entity.pdbx_mutation 
_entity.pdbx_fragment 
_entity.details 
1 polymer     nat 'DIHYDROFOLATE REDUCTASE'                                                              17660.992 1   1.5.1.3 ? ? 
? 
2 non-polymer syn '1-[3-(4-BROMO-PHENOXY)-PROPOXY]-6,6-DIMETHYL-1.6-DIHYDRO-[1,3,5]TRIAZINE-2,4-DIAMINE' 370.245   1   ?       ? ? 
? 
3 non-polymer syn 'NADPH DIHYDRO-NICOTINAMIDE-ADENINE-DINUCLEOTIDE PHOSPHATE'                            745.421   1   ?       ? ? 
? 
4 non-polymer syn GLYCEROL                                                                               92.094    4   ?       ? ? 
? 
5 water       nat water                                                                                  18.015    175 ?       ? ? 
? 
# 
_entity_name_com.entity_id   1 
_entity_name_com.name        DHFR 
# 
_entity_poly.entity_id                      1 
_entity_poly.type                           'polypeptide(L)' 
_entity_poly.nstd_linkage                   no 
_entity_poly.nstd_monomer                   no 
_entity_poly.pdbx_seq_one_letter_code       
;MVGLIWAQATSGVIGRGGDIPWRLPEDQAHFREITMGHTIVMGRRTWDSLPAKVRPLPGRRNVVLSRQADFMASGAEVVG
SLEEALTSPETWVIGGGQVYALALPYATRCEVTEVDIGLPREAGDALAPVLDETWRGETGEWRFSRSGLRYRLYSYHRS
;
_entity_poly.pdbx_seq_one_letter_code_can   
;MVGLIWAQATSGVIGRGGDIPWRLPEDQAHFREITMGHTIVMGRRTWDSLPAKVRPLPGRRNVVLSRQADFMASGAEVVG
SLEEALTSPETWVIGGGQVYALALPYATRCEVTEVDIGLPREAGDALAPVLDETWRGETGEWRFSRSGLRYRLYSYHRS
;
_entity_poly.pdbx_strand_id                 A 
_entity_poly.pdbx_target_identifier         ? 
# 
loop_
_pdbx_entity_nonpoly.entity_id 
_pdbx_entity_nonpoly.name 
_pdbx_entity_nonpoly.comp_id 
2 '1-[3-(4-BROMO-PHENOXY)-PROPOXY]-6,6-DIMETHYL-1.6-DIHYDRO-[1,3,5]TRIAZINE-2,4-DIAMINE' WRB 
3 'NADPH DIHYDRO-NICOTINAMIDE-ADENINE-DINUCLEOTIDE PHOSPHATE'                            NDP 
4 GLYCEROL                                                                               GOL 
5 water                                                                                  HOH 
# 
loop_
_entity_poly_seq.entity_id 
_entity_poly_seq.num 
_entity_poly_seq.mon_id 
_entity_poly_seq.hetero 
1 1   MET n 
1 2   VAL n 
1 3   GLY n 
1 4   LEU n 
1 5   ILE n 
1 6   TRP n 
1 7   ALA n 
1 8   GLN n 
1 9   ALA n 
1 10  THR n 
1 11  SER n 
1 12  GLY n 
1 13  VAL n 
1 14  ILE n 
1 15  GLY n 
1 16  ARG n 
1 17  GLY n 
1 18  GLY n 
1 19  ASP n 
1 20  ILE n 
1 21  PRO n 
1 22  TRP n 
1 23  ARG n 
1 24  LEU n 
1 25  PRO n 
1 26  GLU n 
1 27  ASP n 
1 28  GLN n 
1 29  ALA n 
1 30  HIS n 
1 31  PHE n 
1 32  ARG n 
1 33  GLU n 
1 34  ILE n 
1 35  THR n 
1 36  MET n 
1 37  GLY n 
1 38  HIS n 
1 39  THR n 
1 40  ILE n 
1 41  VAL n 
1 42  MET n 
1 43  GLY n 
1 44  ARG n 
1 45  ARG n 
1 46  THR n 
1 47  TRP n 
1 48  ASP n 
1 49  SER n 
1 50  LEU n 
1 51  PRO n 
1 52  ALA n 
1 53  LYS n 
1 54  VAL n 
1 55  ARG n 
1 56  PRO n 
1 57  LEU n 
1 58  PRO n 
1 59  GLY n 
1 60  ARG n 
1 61  ARG n 
1 62  ASN n 
1 63  VAL n 
1 64  VAL n 
1 65  LEU n 
1 66  SER n 
1 67  ARG n 
1 68  GLN n 
1 69  ALA n 
1 70  ASP n 
1 71  PHE n 
1 72  MET n 
1 73  ALA n 
1 74  SER n 
1 75  GLY n 
1 76  ALA n 
1 77  GLU n 
1 78  VAL n 
1 79  VAL n 
1 80  GLY n 
1 81  SER n 
1 82  LEU n 
1 83  GLU n 
1 84  GLU n 
1 85  ALA n 
1 86  LEU n 
1 87  THR n 
1 88  SER n 
1 89  PRO n 
1 90  GLU n 
1 91  THR n 
1 92  TRP n 
1 93  VAL n 
1 94  ILE n 
1 95  GLY n 
1 96  GLY n 
1 97  GLY n 
1 98  GLN n 
1 99  VAL n 
1 100 TYR n 
1 101 ALA n 
1 102 LEU n 
1 103 ALA n 
1 104 LEU n 
1 105 PRO n 
1 106 TYR n 
1 107 ALA n 
1 108 THR n 
1 109 ARG n 
1 110 CYS n 
1 111 GLU n 
1 112 VAL n 
1 113 THR n 
1 114 GLU n 
1 115 VAL n 
1 116 ASP n 
1 117 ILE n 
1 118 GLY n 
1 119 LEU n 
1 120 PRO n 
1 121 ARG n 
1 122 GLU n 
1 123 ALA n 
1 124 GLY n 
1 125 ASP n 
1 126 ALA n 
1 127 LEU n 
1 128 ALA n 
1 129 PRO n 
1 130 VAL n 
1 131 LEU n 
1 132 ASP n 
1 133 GLU n 
1 134 THR n 
1 135 TRP n 
1 136 ARG n 
1 137 GLY n 
1 138 GLU n 
1 139 THR n 
1 140 GLY n 
1 141 GLU n 
1 142 TRP n 
1 143 ARG n 
1 144 PHE n 
1 145 SER n 
1 146 ARG n 
1 147 SER n 
1 148 GLY n 
1 149 LEU n 
1 150 ARG n 
1 151 TYR n 
1 152 ARG n 
1 153 LEU n 
1 154 TYR n 
1 155 SER n 
1 156 TYR n 
1 157 HIS n 
1 158 ARG n 
1 159 SER n 
# 
_entity_src_nat.entity_id                  1 
_entity_src_nat.pdbx_src_id                1 
_entity_src_nat.pdbx_alt_source_flag       sample 
_entity_src_nat.pdbx_beg_seq_num           ? 
_entity_src_nat.pdbx_end_seq_num           ? 
_entity_src_nat.common_name                ? 
_entity_src_nat.pdbx_organism_scientific   'Mycobacterium tuberculosis' 
_entity_src_nat.pdbx_ncbi_taxonomy_id      1773 
_entity_src_nat.genus                      Mycobacterium 
_entity_src_nat.species                    ? 
_entity_src_nat.strain                     ? 
_entity_src_nat.tissue                     ? 
_entity_src_nat.tissue_fraction            ? 
_entity_src_nat.pdbx_secretion             ? 
_entity_src_nat.pdbx_fragment              ? 
_entity_src_nat.pdbx_variant               ? 
_entity_src_nat.pdbx_cell_line             ? 
_entity_src_nat.pdbx_atcc                  ? 
_entity_src_nat.pdbx_cellular_location     ? 
_entity_src_nat.pdbx_organ                 ? 
_entity_src_nat.pdbx_organelle             ? 
_entity_src_nat.pdbx_cell                  ? 
_entity_src_nat.pdbx_plasmid_name          ? 
_entity_src_nat.pdbx_plasmid_details       ? 
_entity_src_nat.details                    ? 
# 
loop_
_chem_comp.id 
_chem_comp.type 
_chem_comp.mon_nstd_flag 
_chem_comp.name 
_chem_comp.pdbx_synonyms 
_chem_comp.formula 
_chem_comp.formula_weight 
ALA 'L-peptide linking' y ALANINE                                                                                ? 'C3 H7 N O2' 
89.093  
ARG 'L-peptide linking' y ARGININE                                                                               ? 
'C6 H15 N4 O2 1'    175.209 
ASN 'L-peptide linking' y ASPARAGINE                                                                             ? 'C4 H8 N2 O3' 
132.118 
ASP 'L-peptide linking' y 'ASPARTIC ACID'                                                                        ? 'C4 H7 N O4' 
133.103 
CYS 'L-peptide linking' y CYSTEINE                                                                               ? 'C3 H7 N O2 S' 
121.158 
GLN 'L-peptide linking' y GLUTAMINE                                                                              ? 'C5 H10 N2 O3' 
146.144 
GLU 'L-peptide linking' y 'GLUTAMIC ACID'                                                                        ? 'C5 H9 N O4' 
147.129 
GLY 'peptide linking'   y GLYCINE                                                                                ? 'C2 H5 N O2' 
75.067  
GOL non-polymer         . GLYCEROL                                                                               
'GLYCERIN; PROPANE-1,2,3-TRIOL' 'C3 H8 O3'          92.094  
HIS 'L-peptide linking' y HISTIDINE                                                                              ? 
'C6 H10 N3 O2 1'    156.162 
HOH non-polymer         . WATER                                                                                  ? 'H2 O' 18.015  
ILE 'L-peptide linking' y ISOLEUCINE                                                                             ? 'C6 H13 N O2' 
131.173 
LEU 'L-peptide linking' y LEUCINE                                                                                ? 'C6 H13 N O2' 
131.173 
LYS 'L-peptide linking' y LYSINE                                                                                 ? 
'C6 H15 N2 O2 1'    147.195 
MET 'L-peptide linking' y METHIONINE                                                                             ? 'C5 H11 N O2 S' 
149.211 
NDP non-polymer         . 'NADPH DIHYDRO-NICOTINAMIDE-ADENINE-DINUCLEOTIDE PHOSPHATE'                            ? 
'C21 H30 N7 O17 P3' 745.421 
PHE 'L-peptide linking' y PHENYLALANINE                                                                          ? 'C9 H11 N O2' 
165.189 
PRO 'L-peptide linking' y PROLINE                                                                                ? 'C5 H9 N O2' 
115.130 
SER 'L-peptide linking' y SERINE                                                                                 ? 'C3 H7 N O3' 
105.093 
THR 'L-peptide linking' y THREONINE                                                                              ? 'C4 H9 N O3' 
119.119 
TRP 'L-peptide linking' y TRYPTOPHAN                                                                             ? 'C11 H12 N2 O2' 
204.225 
TYR 'L-peptide linking' y TYROSINE                                                                               ? 'C9 H11 N O3' 
181.189 
VAL 'L-peptide linking' y VALINE                                                                                 ? 'C5 H11 N O2' 
117.146 
WRB non-polymer         . '1-[3-(4-BROMO-PHENOXY)-PROPOXY]-6,6-DIMETHYL-1.6-DIHYDRO-[1,3,5]TRIAZINE-2,4-DIAMINE' BROMO-WR99210 
'C14 H20 Br N5 O2'  370.245 
# 
loop_
_pdbx_poly_seq_scheme.asym_id 
_pdbx_poly_seq_scheme.entity_id 
_pdbx_poly_seq_scheme.seq_id 
_pdbx_poly_seq_scheme.mon_id 
_pdbx_poly_seq_scheme.ndb_seq_num 
_pdbx_poly_seq_scheme.pdb_seq_num 
_pdbx_poly_seq_scheme.auth_seq_num 
_pdbx_poly_seq_scheme.pdb_mon_id 
_pdbx_poly_seq_scheme.auth_mon_id 
_pdbx_poly_seq_scheme.pdb_strand_id 
_pdbx_poly_seq_scheme.pdb_ins_code 
_pdbx_poly_seq_scheme.hetero 
A 1 1   MET 1   1   1   MET MET A . n 
A 1 2   VAL 2   2   2   VAL VAL A . n 
A 1 3   GLY 3   3   3   GLY GLY A . n 
A 1 4   LEU 4   4   4   LEU LEU A . n 
A 1 5   ILE 5   5   5   ILE ILE A . n 
A 1 6   TRP 6   6   6   TRP TRP A . n 
A 1 7   ALA 7   7   7   ALA ALA A . n 
A 1 8   GLN 8   8   8   GLN GLN A . n 
A 1 9   ALA 9   9   9   ALA ALA A . n 
A 1 10  THR 10  10  10  THR THR A . n 
A 1 11  SER 11  11  11  SER SER A . n 
A 1 12  GLY 12  12  12  GLY GLY A . n 
A 1 13  VAL 13  13  13  VAL VAL A . n 
A 1 14  ILE 14  14  14  ILE ILE A . n 
A 1 15  GLY 15  15  15  GLY GLY A . n 
A 1 16  ARG 16  16  16  ARG ARG A . n 
A 1 17  GLY 17  17  17  GLY GLY A . n 
A 1 18  GLY 18  18  18  GLY GLY A . n 
A 1 19  ASP 19  19  19  ASP ASP A . n 
A 1 20  ILE 20  20  20  ILE ILE A . n 
A 1 21  PRO 21  21  21  PRO PRO A . n 
A 1 22  TRP 22  22  22  TRP TRP A . n 
A 1 23  ARG 23  23  23  ARG ARG A . n 
A 1 24  LEU 24  24  24  LEU LEU A . n 
A 1 25  PRO 25  25  25  PRO PRO A . n 
A 1 26  GLU 26  26  26  GLU GLU A . n 
A 1 27  ASP 27  27  27  ASP ASP A . n 
A 1 28  GLN 28  28  28  GLN GLN A . n 
A 1 29  ALA 29  29  29  ALA ALA A . n 
A 1 30  HIS 30  30  30  HIS HIS A . n 
A 1 31  PHE 31  31  31  PHE PHE A . n 
A 1 32  ARG 32  32  32  ARG ARG A . n 
A 1 33  GLU 33  33  33  GLU GLU A . n 
A 1 34  ILE 34  34  34  ILE ILE A . n 
A 1 35  THR 35  35  35  THR THR A . n 
A 1 36  MET 36  36  36  MET MET A . n 
A 1 37  GLY 37  37  37  GLY GLY A . n 
A 1 38  HIS 38  38  38  HIS HIS A . n 
A 1 39  THR 39  39  39  THR THR A . n 
A 1 40  ILE 40  40  40  ILE ILE A . n 
A 1 41  VAL 41  41  41  VAL VAL A . n 
A 1 42  MET 42  42  42  MET MET A . n 
A 1 43  GLY 43  43  43  GLY GLY A . n 
A 1 44  ARG 44  44  44  ARG ARG A . n 
A 1 45  ARG 45  45  45  ARG ARG A . n 
A 1 46  THR 46  46  46  THR THR A . n 
A 1 47  TRP 47  47  47  TRP TRP A . n 
A 1 48  ASP 48  48  48  ASP ASP A . n 
A 1 49  SER 49  49  49  SER SER A . n 
A 1 50  LEU 50  50  50  LEU LEU A . n 
A 1 51  PRO 51  51  51  PRO PRO A . n 
A 1 52  ALA 52  52  52  ALA ALA A . n 
A 1 53  LYS 53  53  53  LYS LYS A . n 
A 1 54  VAL 54  54  54  VAL VAL A . n 
A 1 55  ARG 55  55  55  ARG ARG A . n 
A 1 56  PRO 56  56  56  PRO PRO A . n 
A 1 57  LEU 57  57  57  LEU LEU A . n 
A 1 58  PRO 58  58  58  PRO PRO A . n 
A 1 59  GLY 59  59  59  GLY GLY A . n 
A 1 60  ARG 60  60  60  ARG ARG A . n 
A 1 61  ARG 61  61  61  ARG ARG A . n 
A 1 62  ASN 62  62  62  ASN ASN A . n 
A 1 63  VAL 63  63  63  VAL VAL A . n 
A 1 64  VAL 64  64  64  VAL VAL A . n 
A 1 65  LEU 65  65  65  LEU LEU A . n 
A 1 66  SER 66  66  66  SER SER A . n 
A 1 67  ARG 67  67  67  ARG ARG A . n 
A 1 68  GLN 68  68  68  GLN GLN A . n 
A 1 69  ALA 69  69  69  ALA ALA A . n 
A 1 70  ASP 70  70  70  ASP ASP A . n 
A 1 71  PHE 71  71  71  PHE PHE A . n 
A 1 72  MET 72  72  72  MET MET A . n 
A 1 73  ALA 73  73  73  ALA ALA A . n 
A 1 74  SER 74  74  74  SER SER A . n 
A 1 75  GLY 75  75  75  GLY GLY A . n 
A 1 76  ALA 76  76  76  ALA ALA A . n 
A 1 77  GLU 77  77  77  GLU GLU A . n 
A 1 78  VAL 78  78  78  VAL VAL A . n 
A 1 79  VAL 79  79  79  VAL VAL A . n 
A 1 80  GLY 80  80  80  GLY GLY A . n 
A 1 81  SER 81  81  81  SER SER A . n 
A 1 82  LEU 82  82  82  LEU LEU A . n 
A 1 83  GLU 83  83  83  GLU GLU A . n 
A 1 84  GLU 84  84  84  GLU GLU A . n 
A 1 85  ALA 85  85  85  ALA ALA A . n 
A 1 86  LEU 86  86  86  LEU LEU A . n 
A 1 87  THR 87  87  87  THR THR A . n 
A 1 88  SER 88  88  88  SER SER A . n 
A 1 89  PRO 89  89  89  PRO PRO A . n 
A 1 90  GLU 90  90  90  GLU GLU A . n 
A 1 91  THR 91  91  91  THR THR A . n 
A 1 92  TRP 92  92  92  TRP TRP A . n 
A 1 93  VAL 93  93  93  VAL VAL A . n 
A 1 94  ILE 94  94  94  ILE ILE A . n 
A 1 95  GLY 95  95  95  GLY GLC A . n 
A 1 96  GLY 96  96  96  GLY GLY A . n 
A 1 97  GLY 97  97  97  GLY GLY A . n 
A 1 98  GLN 98  98  98  GLN GLN A . n 
A 1 99  VAL 99  99  99  VAL VAL A . n 
A 1 100 TYR 100 100 100 TYR TYR A . n 
A 1 101 ALA 101 101 101 ALA ALA A . n 
A 1 102 LEU 102 102 102 LEU LEU A . n 
A 1 103 ALA 103 103 103 ALA ALA A . n 
A 1 104 LEU 104 104 104 LEU LEU A . n 
A 1 105 PRO 105 105 105 PRO PRO A . n 
A 1 106 TYR 106 106 106 TYR TYR A . n 
A 1 107 ALA 107 107 107 ALA ALA A . n 
A 1 108 THR 108 108 108 THR THR A . n 
A 1 109 ARG 109 109 109 ARG ARG A . n 
A 1 110 CYS 110 110 110 CYS CYS A . n 
A 1 111 GLU 111 111 111 GLU GLU A . n 
A 1 112 VAL 112 112 112 VAL VAL A . n 
A 1 113 THR 113 113 113 THR THR A . n 
A 1 114 GLU 114 114 114 GLU GLU A . n 
A 1 115 VAL 115 115 115 VAL VAL A . n 
A 1 116 ASP 116 116 116 ASP ASP A . n 
A 1 117 ILE 117 117 117 ILE ILE A . n 
A 1 118 GLY 118 118 118 GLY GLY A . n 
A 1 119 LEU 119 119 119 LEU LEU A . n 
A 1 120 PRO 120 120 120 PRO PRO A . n 
A 1 121 ARG 121 121 121 ARG ARG A . n 
A 1 122 GLU 122 122 122 GLU GLU A . n 
A 1 123 ALA 123 123 123 ALA ALA A . n 
A 1 124 GLY 124 124 124 GLY GLY A . n 
A 1 125 ASP 125 125 125 ASP ASP A . n 
A 1 126 ALA 126 126 126 ALA ALA A . n 
A 1 127 LEU 127 127 127 LEU LEU A . n 
A 1 128 ALA 128 128 128 ALA ALA A . n 
A 1 129 PRO 129 129 129 PRO PRO A . n 
A 1 130 VAL 130 130 130 VAL VAL A . n 
A 1 131 LEU 131 131 131 LEU LEU A . n 
A 1 132 ASP 132 132 132 ASP ASP A . n 
A 1 133 GLU 133 133 133 GLU GLU A . n 
A 1 134 THR 134 134 134 THR THR A . n 
A 1 135 TRP 135 135 135 TRP TRP A . n 
A 1 136 ARG 136 136 136 ARG ARG A . n 
A 1 137 GLY 137 137 137 GLY GLY A . n 
A 1 138 GLU 138 138 138 GLU GLU A . n 
A 1 139 THR 139 139 139 THR THR A . n 
A 1 140 GLY 140 140 140 GLY GLY A . n 
A 1 141 GLU 141 141 141 GLU GLU A . n 
A 1 142 TRP 142 142 142 TRP TRP A . n 
A 1 143 ARG 143 143 143 ARG ARG A . n 
A 1 144 PHE 144 144 144 PHE PHE A . n 
A 1 145 SER 145 145 145 SER SER A . n 
A 1 146 ARG 146 146 146 ARG ARG A . n 
A 1 147 SER 147 147 147 SER SER A . n 
A 1 148 GLY 148 148 148 GLY GLY A . n 
A 1 149 LEU 149 149 149 LEU LEU A . n 
A 1 150 ARG 150 150 150 ARG ARG A . n 
A 1 151 TYR 151 151 151 TYR TYR A . n 
A 1 152 ARG 152 152 152 ARG ARG A . n 
A 1 153 LEU 153 153 153 LEU LEU A . n 
A 1 154 TYR 154 154 154 TYR TYR A . n 
A 1 155 SER 155 155 155 SER SER A . n 
A 1 156 TYR 156 156 156 TYR TYR A . n 
A 1 157 HIS 157 157 157 HIS HIS A . n 
A 1 158 ARG 158 158 158 ARG ARG A . n 
A 1 159 SER 159 159 159 SER SER A . n 
# 
loop_
_pdbx_nonpoly_scheme.asym_id 
_pdbx_nonpoly_scheme.entity_id 
_pdbx_nonpoly_scheme.mon_id 
_pdbx_nonpoly_scheme.ndb_seq_num 
_pdbx_nonpoly_scheme.pdb_seq_num 
_pdbx_nonpoly_scheme.auth_seq_num 
_pdbx_nonpoly_scheme.pdb_mon_id 
_pdbx_nonpoly_scheme.auth_mon_id 
_pdbx_nonpoly_scheme.pdb_strand_id 
_pdbx_nonpoly_scheme.pdb_ins_code 
B 2 WRB 1   200 1   WRB WRB A . 
C 3 NDP 1   201 2   NDP NDP A . 
D 4 GOL 1   202 1   GOL GOL A . 
E 4 GOL 1   203 2   GOL GOL A . 
F 4 GOL 1   204 3   GOL GOL A . 
G 4 GOL 1   205 4   GOL GOL A . 
H 5 HOH 1   206 1   HOH WAT A . 
H 5 HOH 2   207 2   HOH WAT A . 
H 5 HOH 3   208 3   HOH WAT A . 
H 5 HOH 4   209 4   HOH WAT A . 
H 5 HOH 5   210 5   HOH WAT A . 
H 5 HOH 6   211 6   HOH WAT A . 
H 5 HOH 7   212 7   HOH WAT A . 
H 5 HOH 8   213 8   HOH WAT A . 
H 5 HOH 9   214 9   HOH WAT A . 
H 5 HOH 10  215 10  HOH WAT A . 
H 5 HOH 11  216 11  HOH WAT A . 
H 5 HOH 12  217 12  HOH WAT A . 
H 5 HOH 13  218 13  HOH WAT A . 
H 5 HOH 14  219 14  HOH WAT A . 
H 5 HOH 15  220 15  HOH WAT A . 
H 5 HOH 16  221 16  HOH WAT A . 
H 5 HOH 17  222 17  HOH WAT A . 
H 5 HOH 18  223 18  HOH WAT A . 
H 5 HOH 19  224 19  HOH WAT A . 
H 5 HOH 20  225 20  HOH WAT A . 
H 5 HOH 21  226 21  HOH WAT A . 
H 5 HOH 22  227 22  HOH WAT A . 
H 5 HOH 23  228 23  HOH WAT A . 
H 5 HOH 24  229 24  HOH WAT A . 
H 5 HOH 25  230 25  HOH WAT A . 
H 5 HOH 26  231 26  HOH WAT A . 
H 5 HOH 27  232 27  HOH WAT A . 
H 5 HOH 28  233 28  HOH WAT A . 
H 5 HOH 29  234 29  HOH WAT A . 
H 5 HOH 30  235 30  HOH WAT A . 
H 5 HOH 31  236 31  HOH WAT A . 
H 5 HOH 32  237 32  HOH WAT A . 
H 5 HOH 33  238 33  HOH WAT A . 
H 5 HOH 34  239 34  HOH WAT A . 
H 5 HOH 35  240 35  HOH WAT A . 
H 5 HOH 36  241 36  HOH WAT A . 
H 5 HOH 37  242 37  HOH WAT A . 
H 5 HOH 38  243 38  HOH WAT A . 
H 5 HOH 39  244 39  HOH WAT A . 
H 5 HOH 40  245 40  HOH WAT A . 
H 5 HOH 41  246 41  HOH WAT A . 
H 5 HOH 42  247 42  HOH WAT A . 
H 5 HOH 43  248 43  HOH WAT A . 
H 5 HOH 44  249 44  HOH WAT A . 
H 5 HOH 45  250 45  HOH WAT A . 
H 5 HOH 46  251 46  HOH WAT A . 
H 5 HOH 47  252 47  HOH WAT A . 
H 5 HOH 48  253 48  HOH WAT A . 
H 5 HOH 49  254 49  HOH WAT A . 
H 5 HOH 50  255 50  HOH WAT A . 
H 5 HOH 51  256 51  HOH WAT A . 
H 5 HOH 52  257 52  HOH WAT A . 
H 5 HOH 53  258 53  HOH WAT A . 
H 5 HOH 54  259 54  HOH WAT A . 
H 5 HOH 55  260 55  HOH WAT A . 
H 5 HOH 56  261 56  HOH WAT A . 
H 5 HOH 57  262 57  HOH WAT A . 
H 5 HOH 58  263 58  HOH WAT A . 
H 5 HOH 59  264 59  HOH WAT A . 
H 5 HOH 60  265 60  HOH WAT A . 
H 5 HOH 61  266 61  HOH WAT A . 
H 5 HOH 62  267 62  HOH WAT A . 
H 5 HOH 63  268 63  HOH WAT A . 
H 5 HOH 64  269 64  HOH WAT A . 
H 5 HOH 65  270 65  HOH WAT A . 
H 5 HOH 66  271 66  HOH WAT A . 
H 5 HOH 67  272 67  HOH WAT A . 
H 5 HOH 68  273 68  HOH WAT A . 
H 5 HOH 69  274 69  HOH WAT A . 
H 5 HOH 70  275 70  HOH WAT A . 
H 5 HOH 71  276 71  HOH WAT A . 
H 5 HOH 72  277 72  HOH WAT A . 
H 5 HOH 73  278 73  HOH WAT A . 
H 5 HOH 74  279 74  HOH WAT A . 
H 5 HOH 75  280 75  HOH WAT A . 
H 5 HOH 76  281 76  HOH WAT A . 
H 5 HOH 77  282 77  HOH WAT A . 
H 5 HOH 78  283 78  HOH WAT A . 
H 5 HOH 79  284 79  HOH WAT A . 
H 5 HOH 80  285 80  HOH WAT A . 
H 5 HOH 81  286 81  HOH WAT A . 
H 5 HOH 82  287 82  HOH WAT A . 
H 5 HOH 83  288 83  HOH WAT A . 
H 5 HOH 84  289 84  HOH WAT A . 
H 5 HOH 85  290 85  HOH WAT A . 
H 5 HOH 86  291 86  HOH WAT A . 
H 5 HOH 87  292 87  HOH WAT A . 
H 5 HOH 88  293 88  HOH WAT A . 
H 5 HOH 89  294 89  HOH WAT A . 
H 5 HOH 90  295 90  HOH WAT A . 
H 5 HOH 91  296 91  HOH WAT A . 
H 5 HOH 92  297 92  HOH WAT A . 
H 5 HOH 93  298 93  HOH WAT A . 
H 5 HOH 94  299 94  HOH WAT A . 
H 5 HOH 95  300 95  HOH WAT A . 
H 5 HOH 96  301 96  HOH WAT A . 
H 5 HOH 97  302 97  HOH WAT A . 
H 5 HOH 98  303 98  HOH WAT A . 
H 5 HOH 99  304 99  HOH WAT A . 
H 5 HOH 100 305 100 HOH WAT A . 
H 5 HOH 101 306 101 HOH WAT A . 
H 5 HOH 102 307 102 HOH WAT A . 
H 5 HOH 103 308 103 HOH WAT A . 
H 5 HOH 104 309 104 HOH WAT A . 
H 5 HOH 105 310 105 HOH WAT A . 
H 5 HOH 106 311 106 HOH WAT A . 
H 5 HOH 107 312 107 HOH WAT A . 
H 5 HOH 108 313 108 HOH WAT A . 
H 5 HOH 109 314 109 HOH WAT A . 
H 5 HOH 110 315 110 HOH WAT A . 
H 5 HOH 111 316 111 HOH WAT A . 
H 5 HOH 112 317 112 HOH WAT A . 
H 5 HOH 113 318 113 HOH WAT A . 
H 5 HOH 114 319 114 HOH WAT A . 
H 5 HOH 115 320 115 HOH WAT A . 
H 5 HOH 116 321 116 HOH WAT A . 
H 5 HOH 117 322 117 HOH WAT A . 
H 5 HOH 118 323 118 HOH WAT A . 
H 5 HOH 119 324 119 HOH WAT A . 
H 5 HOH 120 325 120 HOH WAT A . 
H 5 HOH 121 326 121 HOH WAT A . 
H 5 HOH 122 327 122 HOH WAT A . 
H 5 HOH 123 328 123 HOH WAT A . 
H 5 HOH 124 329 124 HOH WAT A . 
H 5 HOH 125 330 125 HOH WAT A . 
H 5 HOH 126 331 126 HOH WAT A . 
H 5 HOH 127 332 127 HOH WAT A . 
H 5 HOH 128 333 128 HOH WAT A . 
H 5 HOH 129 334 129 HOH WAT A . 
H 5 HOH 130 335 130 HOH WAT A . 
H 5 HOH 131 336 131 HOH WAT A . 
H 5 HOH 132 337 132 HOH WAT A . 
H 5 HOH 133 338 133 HOH WAT A . 
H 5 HOH 134 339 134 HOH WAT A . 
H 5 HOH 135 340 135 HOH WAT A . 
H 5 HOH 136 341 136 HOH WAT A . 
H 5 HOH 137 342 137 HOH WAT A . 
H 5 HOH 138 343 138 HOH WAT A . 
H 5 HOH 139 344 139 HOH WAT A . 
H 5 HOH 140 345 140 HOH WAT A . 
H 5 HOH 141 346 141 HOH WAT A . 
H 5 HOH 142 347 142 HOH WAT A . 
H 5 HOH 143 348 143 HOH WAT A . 
H 5 HOH 144 349 144 HOH WAT A . 
H 5 HOH 145 350 145 HOH WAT A . 
H 5 HOH 146 351 146 HOH WAT A . 
H 5 HOH 147 352 147 HOH WAT A . 
H 5 HOH 148 353 148 HOH WAT A . 
H 5 HOH 149 354 149 HOH WAT A . 
H 5 HOH 150 355 150 HOH WAT A . 
H 5 HOH 151 356 151 HOH WAT A . 
H 5 HOH 152 357 152 HOH WAT A . 
H 5 HOH 153 358 153 HOH WAT A . 
H 5 HOH 154 359 154 HOH WAT A . 
H 5 HOH 155 360 155 HOH WAT A . 
H 5 HOH 156 361 156 HOH WAT A . 
H 5 HOH 157 362 157 HOH WAT A . 
H 5 HOH 158 363 158 HOH WAT A . 
H 5 HOH 159 364 159 HOH WAT A . 
H 5 HOH 160 365 160 HOH WAT A . 
H 5 HOH 161 366 161 HOH WAT A . 
H 5 HOH 162 367 162 HOH WAT A . 
H 5 HOH 163 368 163 HOH WAT A . 
H 5 HOH 164 369 164 HOH WAT A . 
H 5 HOH 165 370 165 HOH WAT A . 
H 5 HOH 166 371 166 HOH WAT A . 
H 5 HOH 167 372 167 HOH WAT A . 
H 5 HOH 168 373 168 HOH WAT A . 
H 5 HOH 169 374 169 HOH WAT A . 
H 5 HOH 170 375 170 HOH WAT A . 
H 5 HOH 171 376 171 HOH WAT A . 
H 5 HOH 172 377 172 HOH WAT A . 
H 5 HOH 173 378 173 HOH WAT A . 
H 5 HOH 174 379 174 HOH WAT A . 
H 5 HOH 175 380 175 HOH WAT A . 
# 
loop_
_software.name 
_software.classification 
_software.version 
_software.citation_id 
_software.pdbx_ordinal 
SHARP     phasing          . ? 1 
X-PLOR    refinement       . ? 2 
DENZO     'data reduction' . ? 3 
SCALEPACK 'data scaling'   . ? 4 
# 
_cell.entry_id           1DG7 
_cell.length_a           60.630 
_cell.length_b           60.630 
_cell.length_c           59.130 
_cell.angle_alpha        90.00 
_cell.angle_beta         90.00 
_cell.angle_gamma        90.00 
_cell.Z_PDB              4 
_cell.pdbx_unique_axis   ? 
# 
_symmetry.entry_id                         1DG7 
_symmetry.space_group_name_H-M             'P 41' 
_symmetry.pdbx_full_space_group_name_H-M   ? 
_symmetry.cell_setting                     ? 
_symmetry.Int_Tables_number                76 
# 
_exptl.entry_id          1DG7 
_exptl.method            'X-RAY DIFFRACTION' 
_exptl.crystals_number   1 
# 
_exptl_crystal.id                    1 
_exptl_crystal.density_meas          ? 
_exptl_crystal.density_Matthews      3.08 
_exptl_crystal.density_percent_sol   60.00 
_exptl_crystal.description           ? 
# 
_exptl_crystal_grow.crystal_id      1 
_exptl_crystal_grow.method          'VAPOR DIFFUSION, HANGING DROP' 
_exptl_crystal_grow.temp            277 
_exptl_crystal_grow.temp_details    ? 
_exptl_crystal_grow.pH              4.5 
_exptl_crystal_grow.pdbx_details    
;AMMONIUM SULFATE, SODIUM ACETATE, GLYCEROL, NADPH, BROMO-WR99210, POTASSIUM 
PHOSPHATE, DTT, POTASSIUM CHLORIDE, pH 4.5, VAPOR DIFFUSION, HANGING DROP, temperature 277K
;
_exptl_crystal_grow.pdbx_pH_range   . 
# 
_diffrn.id                     1 
_diffrn.ambient_temp           100 
_diffrn.ambient_temp_details   ? 
_diffrn.crystal_id             1 
# 
_diffrn_detector.diffrn_id              1 
_diffrn_detector.detector               CCD 
_diffrn_detector.type                   SBC-2 
_diffrn_detector.pdbx_collection_date   1999-02-15 
_diffrn_detector.details                ? 
# 
_diffrn_radiation.diffrn_id                        1 
_diffrn_radiation.wavelength_id                    1 
_diffrn_radiation.pdbx_monochromatic_or_laue_m_l   M 
_diffrn_radiation.monochromator                    ? 
_diffrn_radiation.pdbx_diffrn_protocol             'SINGLE WAVELENGTH' 
_diffrn_radiation.pdbx_scattering_type             x-ray 
# 
_diffrn_radiation_wavelength.id           1 
_diffrn_radiation_wavelength.wavelength   0.94 
_diffrn_radiation_wavelength.wt           1.0 
# 
_diffrn_source.diffrn_id                   1 
_diffrn_source.source                      SYNCHROTRON 
_diffrn_source.type                        'APS BEAMLINE 19-ID' 
_diffrn_source.pdbx_synchrotron_site       APS 
_diffrn_source.pdbx_synchrotron_beamline   19-ID 
_diffrn_source.pdbx_wavelength             0.94 
_diffrn_source.pdbx_wavelength_list        ? 
# 
_reflns.entry_id                     1DG7 
_reflns.observed_criterion_sigma_I   ? 
_reflns.observed_criterion_sigma_F   ? 
_reflns.d_resolution_low             50.0 
_reflns.d_resolution_high            1.8 
_reflns.number_obs                   19903 
_reflns.number_all                   ? 
_reflns.percent_possible_obs         99.7 
_reflns.pdbx_Rmerge_I_obs            0.0700000 
_reflns.pdbx_Rsym_value              ? 
_reflns.pdbx_netI_over_sigmaI        ? 
_reflns.B_iso_Wilson_estimate        ? 
_reflns.pdbx_redundancy              4.7 
_reflns.R_free_details               ? 
_reflns.limit_h_max                  ? 
_reflns.limit_h_min                  ? 
_reflns.limit_k_max                  ? 
_reflns.limit_k_min                  ? 
_reflns.limit_l_max                  ? 
_reflns.limit_l_min                  ? 
_reflns.observed_criterion_F_max     ? 
_reflns.observed_criterion_F_min     ? 
_reflns.pdbx_ordinal                 1 
_reflns.pdbx_diffrn_id               1 
# 
_reflns_shell.d_res_high             1.80 
_reflns_shell.d_res_low              1.87 
_reflns_shell.percent_possible_all   100.0 
_reflns_shell.Rmerge_I_obs           0.2690000 
_reflns_shell.pdbx_Rsym_value        ? 
_reflns_shell.meanI_over_sigI_obs    ? 
_reflns_shell.pdbx_redundancy        ? 
_reflns_shell.percent_possible_obs   ? 
_reflns_shell.number_unique_all      ? 
_reflns_shell.pdbx_ordinal           1 
_reflns_shell.pdbx_diffrn_id         1 
# 
_refine.entry_id                                 1DG7 
_refine.ls_number_reflns_obs                     19700 
_refine.ls_number_reflns_all                     ? 
_refine.pdbx_ls_sigma_I                          ? 
_refine.pdbx_ls_sigma_F                          1 
_refine.pdbx_data_cutoff_high_absF               ? 
_refine.pdbx_data_cutoff_low_absF                ? 
_refine.pdbx_data_cutoff_high_rms_absF           ? 
_refine.ls_d_res_low                             50.0 
_refine.ls_d_res_high                            1.8 
_refine.ls_percent_reflns_obs                    ? 
_refine.ls_R_factor_obs                          0.1980000 
_refine.ls_R_factor_all                          ? 
_refine.ls_R_factor_R_work                       0.1980000 
_refine.ls_R_factor_R_free                       0.2460000 
_refine.ls_R_factor_R_free_error                 ? 
_refine.ls_R_factor_R_free_error_details         ? 
_refine.ls_percent_reflns_R_free                 ? 
_refine.ls_number_reflns_R_free                  ? 
_refine.ls_number_parameters                     ? 
_refine.ls_number_restraints                     ? 
_refine.occupancy_min                            ? 
_refine.occupancy_max                            ? 
_refine.B_iso_mean                               ? 
_refine.aniso_B[1][1]                            ? 
_refine.aniso_B[2][2]                            ? 
_refine.aniso_B[3][3]                            ? 
_refine.aniso_B[1][2]                            ? 
_refine.aniso_B[1][3]                            ? 
_refine.aniso_B[2][3]                            ? 
_refine.solvent_model_details                    ? 
_refine.solvent_model_param_ksol                 ? 
_refine.solvent_model_param_bsol                 ? 
_refine.pdbx_ls_cross_valid_method               ? 
_refine.details                                  ? 
_refine.pdbx_starting_model                      ? 
_refine.pdbx_method_to_determine_struct          ? 
_refine.pdbx_isotropic_thermal_model             ? 
_refine.pdbx_stereochemistry_target_values       'ENGH & HUBER' 
_refine.pdbx_stereochem_target_val_spec_case     ? 
_refine.pdbx_R_Free_selection_details            ? 
_refine.pdbx_overall_ESU_R                       ? 
_refine.pdbx_overall_ESU_R_Free                  ? 
_refine.overall_SU_ML                            ? 
_refine.overall_SU_B                             ? 
_refine.ls_redundancy_reflns_obs                 ? 
_refine.B_iso_min                                ? 
_refine.B_iso_max                                ? 
_refine.pdbx_refine_id                           'X-RAY DIFFRACTION' 
_refine.pdbx_diffrn_id                           1 
_refine.pdbx_TLS_residual_ADP_flag               ? 
_refine.correlation_coeff_Fo_to_Fc               ? 
_refine.correlation_coeff_Fo_to_Fc_free          ? 
_refine.pdbx_solvent_vdw_probe_radii             ? 
_refine.pdbx_solvent_ion_probe_radii             ? 
_refine.pdbx_solvent_shrinkage_radii             ? 
_refine.pdbx_overall_phase_error                 ? 
_refine.overall_SU_R_Cruickshank_DPI             ? 
_refine.pdbx_overall_SU_R_free_Cruickshank_DPI   ? 
_refine.pdbx_overall_SU_R_Blow_DPI               ? 
_refine.pdbx_overall_SU_R_free_Blow_DPI          ? 
# 
_refine_hist.pdbx_refine_id                   'X-RAY DIFFRACTION' 
_refine_hist.cycle_id                         LAST 
_refine_hist.pdbx_number_atoms_protein        1244 
_refine_hist.pdbx_number_atoms_nucleic_acid   0 
_refine_hist.pdbx_number_atoms_ligand         94 
_refine_hist.number_atoms_solvent             175 
_refine_hist.number_atoms_total               1513 
_refine_hist.d_res_high                       1.8 
_refine_hist.d_res_low                        50.0 
# 
loop_
_refine_ls_restr.type 
_refine_ls_restr.dev_ideal 
_refine_ls_restr.dev_ideal_target 
_refine_ls_restr.weight 
_refine_ls_restr.number 
_refine_ls_restr.pdbx_refine_id 
_refine_ls_restr.pdbx_restraint_function 
x_bond_d                0.016 ? ? ? 'X-RAY DIFFRACTION' ? 
x_bond_d_na             ?     ? ? ? 'X-RAY DIFFRACTION' ? 
x_bond_d_prot           ?     ? ? ? 'X-RAY DIFFRACTION' ? 
x_angle_d               ?     ? ? ? 'X-RAY DIFFRACTION' ? 
x_angle_d_na            ?     ? ? ? 'X-RAY DIFFRACTION' ? 
x_angle_d_prot          ?     ? ? ? 'X-RAY DIFFRACTION' ? 
x_angle_deg             2.00  ? ? ? 'X-RAY DIFFRACTION' ? 
x_angle_deg_na          ?     ? ? ? 'X-RAY DIFFRACTION' ? 
x_angle_deg_prot        ?     ? ? ? 'X-RAY DIFFRACTION' ? 
x_dihedral_angle_d      ?     ? ? ? 'X-RAY DIFFRACTION' ? 
x_dihedral_angle_d_na   ?     ? ? ? 'X-RAY DIFFRACTION' ? 
x_dihedral_angle_d_prot ?     ? ? ? 'X-RAY DIFFRACTION' ? 
x_improper_angle_d      ?     ? ? ? 'X-RAY DIFFRACTION' ? 
x_improper_angle_d_na   ?     ? ? ? 'X-RAY DIFFRACTION' ? 
x_improper_angle_d_prot ?     ? ? ? 'X-RAY DIFFRACTION' ? 
x_mcbond_it             ?     ? ? ? 'X-RAY DIFFRACTION' ? 
x_mcangle_it            ?     ? ? ? 'X-RAY DIFFRACTION' ? 
x_scbond_it             ?     ? ? ? 'X-RAY DIFFRACTION' ? 
x_scangle_it            ?     ? ? ? 'X-RAY DIFFRACTION' ? 
# 
_struct.entry_id                  1DG7 
_struct.title                     'DIHYDROFOLATE REDUCTASE OF MYCOBACTERIUM TUBERCULOSIS COMPLEXED WITH NADPH AND 4-BROMO WR99210' 
_struct.pdbx_model_details        ? 
_struct.pdbx_CASP_flag            ? 
_struct.pdbx_model_type_details   ? 
# 
_struct_keywords.entry_id        1DG7 
_struct_keywords.pdbx_keywords   OXIDOREDUCTASE 
_struct_keywords.text            
;DIHYDROFOLATE REDUCTASE, STRUCTURE-BASED INHIBITOR DESIGN, FOLATEANALOGS, ROSSMANN FOLD, NICOTINAMIDE ADENINE DINUCLEOTIDE, WR99210, ANTI-MALARIA AGENT, TUBERCULOSIS, OXIDOREDUCTASE
;
# 
loop_
_struct_asym.id 
_struct_asym.pdbx_blank_PDB_chainid_flag 
_struct_asym.pdbx_modified 
_struct_asym.entity_id 
_struct_asym.details 
A N N 1 ? 
B N N 2 ? 
C N N 3 ? 
D N N 4 ? 
E N N 4 ? 
F N N 4 ? 
G N N 4 ? 
H N N 5 ? 
# 
_struct_ref.id                         1 
_struct_ref.db_name                    UNP 
_struct_ref.db_code                    DYR_MYCTU 
_struct_ref.entity_id                  1 
_struct_ref.pdbx_db_accession          P0A546 
_struct_ref.pdbx_align_begin           ? 
_struct_ref.pdbx_seq_one_letter_code   ? 
_struct_ref.pdbx_db_isoform            ? 
# 
_struct_ref_seq.align_id                      1 
_struct_ref_seq.ref_id                        1 
_struct_ref_seq.pdbx_PDB_id_code              1DG7 
_struct_ref_seq.pdbx_strand_id                A 
_struct_ref_seq.seq_align_beg                 1 
_struct_ref_seq.pdbx_seq_align_beg_ins_code   ? 
_struct_ref_seq.seq_align_end                 159 
_struct_ref_seq.pdbx_seq_align_end_ins_code   ? 
_struct_ref_seq.pdbx_db_accession             P0A546 
_struct_ref_seq.db_align_beg                  1 
_struct_ref_seq.pdbx_db_align_beg_ins_code    ? 
_struct_ref_seq.db_align_end                  159 
_struct_ref_seq.pdbx_db_align_end_ins_code    ? 
_struct_ref_seq.pdbx_auth_seq_align_beg       1 
_struct_ref_seq.pdbx_auth_seq_align_end       159 
# 
_pdbx_struct_assembly.id                   1 
_pdbx_struct_assembly.details              author_defined_assembly 
_pdbx_struct_assembly.method_details       ? 
_pdbx_struct_assembly.oligomeric_details   monomeric 
_pdbx_struct_assembly.oligomeric_count     1 
# 
_pdbx_struct_assembly_gen.assembly_id       1 
_pdbx_struct_assembly_gen.oper_expression   1 
_pdbx_struct_assembly_gen.asym_id_list      A,B,C,D,E,F,G,H 
# 
_pdbx_struct_oper_list.id                   1 
_pdbx_struct_oper_list.type                 'identity operation' 
_pdbx_struct_oper_list.name                 1_555 
_pdbx_struct_oper_list.symmetry_operation   x,y,z 
_pdbx_struct_oper_list.matrix[1][1]         1.0000000000 
_pdbx_struct_oper_list.matrix[1][2]         0.0000000000 
_pdbx_struct_oper_list.matrix[1][3]         0.0000000000 
_pdbx_struct_oper_list.vector[1]            0.0000000000 
_pdbx_struct_oper_list.matrix[2][1]         0.0000000000 
_pdbx_struct_oper_list.matrix[2][2]         1.0000000000 
_pdbx_struct_oper_list.matrix[2][3]         0.0000000000 
_pdbx_struct_oper_list.vector[2]            0.0000000000 
_pdbx_struct_oper_list.matrix[3][1]         0.0000000000 
_pdbx_struct_oper_list.matrix[3][2]         0.0000000000 
_pdbx_struct_oper_list.matrix[3][3]         1.0000000000 
_pdbx_struct_oper_list.vector[3]            0.0000000000 
# 
_struct_biol.id   1 
# 
loop_
_struct_conf.conf_type_id 
_struct_conf.id 
_struct_conf.pdbx_PDB_helix_id 
_struct_conf.beg_label_comp_id 
_struct_conf.beg_label_asym_id 
_struct_conf.beg_label_seq_id 
_struct_conf.pdbx_beg_PDB_ins_code 
_struct_conf.end_label_comp_id 
_struct_conf.end_label_asym_id 
_struct_conf.end_label_seq_id 
_struct_conf.pdbx_end_PDB_ins_code 
_struct_conf.beg_auth_comp_id 
_struct_conf.beg_auth_asym_id 
_struct_conf.beg_auth_seq_id 
_struct_conf.end_auth_comp_id 
_struct_conf.end_auth_asym_id 
_struct_conf.end_auth_seq_id 
_struct_conf.pdbx_PDB_helix_class 
_struct_conf.details 
_struct_conf.pdbx_PDB_helix_length 
HELX_P HELX_P1 1 LEU A 24  ? MET A 36  ? LEU A 24  MET A 36  1 ? 13 
HELX_P HELX_P2 2 ARG A 44  ? LEU A 50  ? ARG A 44  LEU A 50  1 ? 7  
HELX_P HELX_P3 3 PRO A 51  ? ARG A 55  ? PRO A 51  ARG A 55  5 ? 5  
HELX_P HELX_P4 4 SER A 81  ? LEU A 86  ? SER A 81  LEU A 86  1 ? 6  
HELX_P HELX_P5 5 GLY A 96  ? LEU A 104 ? GLY A 96  LEU A 104 1 ? 9  
HELX_P HELX_P6 6 PRO A 105 ? ALA A 107 ? PRO A 105 ALA A 107 5 ? 3  
# 
_struct_conf_type.id          HELX_P 
_struct_conf_type.criteria    ? 
_struct_conf_type.reference   ? 
# 
loop_
_struct_mon_prot_cis.pdbx_id 
_struct_mon_prot_cis.label_comp_id 
_struct_mon_prot_cis.label_seq_id 
_struct_mon_prot_cis.label_asym_id 
_struct_mon_prot_cis.label_alt_id 
_struct_mon_prot_cis.pdbx_PDB_ins_code 
_struct_mon_prot_cis.auth_comp_id 
_struct_mon_prot_cis.auth_seq_id 
_struct_mon_prot_cis.auth_asym_id 
_struct_mon_prot_cis.pdbx_label_comp_id_2 
_struct_mon_prot_cis.pdbx_label_seq_id_2 
_struct_mon_prot_cis.pdbx_label_asym_id_2 
_struct_mon_prot_cis.pdbx_PDB_ins_code_2 
_struct_mon_prot_cis.pdbx_auth_comp_id_2 
_struct_mon_prot_cis.pdbx_auth_seq_id_2 
_struct_mon_prot_cis.pdbx_auth_asym_id_2 
_struct_mon_prot_cis.pdbx_PDB_model_num 
_struct_mon_prot_cis.pdbx_omega_angle 
1 ARG 55 A . ? ARG 55 A PRO 56 A ? PRO 56 A 1 0.37   
2 GLY 95 A . ? GLY 95 A GLY 96 A ? GLY 96 A 1 -20.11 
# 
loop_
_struct_sheet.id 
_struct_sheet.type 
_struct_sheet.number_strands 
_struct_sheet.details 
A  ? 8 ? 
A1 ? 8 ? 
B  ? 2 ? 
# 
loop_
_struct_sheet_order.sheet_id 
_struct_sheet_order.range_id_1 
_struct_sheet_order.range_id_2 
_struct_sheet_order.offset 
_struct_sheet_order.sense 
A  1 2 ? parallel      
A  2 3 ? parallel      
A  3 4 ? parallel      
A  4 5 ? parallel      
A  5 6 ? parallel      
A  6 7 ? anti-parallel 
A  7 8 ? anti-parallel 
A1 1 2 ? parallel      
A1 2 3 ? parallel      
A1 3 4 ? parallel      
A1 4 5 ? parallel      
A1 5 6 ? parallel      
A1 6 7 ? anti-parallel 
A1 7 8 ? anti-parallel 
B  1 2 ? anti-parallel 
# 
loop_
_struct_sheet_range.sheet_id 
_struct_sheet_range.id 
_struct_sheet_range.beg_label_comp_id 
_struct_sheet_range.beg_label_asym_id 
_struct_sheet_range.beg_label_seq_id 
_struct_sheet_range.pdbx_beg_PDB_ins_code 
_struct_sheet_range.end_label_comp_id 
_struct_sheet_range.end_label_asym_id 
_struct_sheet_range.end_label_seq_id 
_struct_sheet_range.pdbx_end_PDB_ins_code 
_struct_sheet_range.beg_auth_comp_id 
_struct_sheet_range.beg_auth_asym_id 
_struct_sheet_range.beg_auth_seq_id 
_struct_sheet_range.end_auth_comp_id 
_struct_sheet_range.end_auth_asym_id 
_struct_sheet_range.end_auth_seq_id 
A  1 GLU A 77  ? VAL A 79  ? GLU A 77  VAL A 79  
A  2 ARG A 61  ? LEU A 65  ? ARG A 61  LEU A 65  
A  3 THR A 39  ? GLY A 43  ? THR A 39  GLY A 43  
A  4 THR A 91  ? GLY A 95  ? THR A 91  GLY A 95  
A  5 VAL A 2   ? ALA A 9   ? VAL A 2   ALA A 9   
A  6 ARG A 109 ? ASP A 116 ? ARG A 109 ASP A 116 
A  7 ARG A 150 ? HIS A 157 ? ARG A 150 HIS A 157 
A  8 ARG A 136 ? THR A 139 ? ARG A 136 THR A 139 
A1 1 GLU A 77  ? VAL A 79  ? GLU A 77  VAL A 79  
A1 2 ARG A 61  ? LEU A 65  ? ARG A 61  LEU A 65  
A1 3 THR A 39  ? GLY A 43  ? THR A 39  GLY A 43  
A1 4 THR A 91  ? GLY A 95  ? THR A 91  GLY A 95  
A1 5 VAL A 2   ? ALA A 9   ? VAL A 2   ALA A 9   
A1 6 ARG A 109 ? ASP A 116 ? ARG A 109 ASP A 116 
A1 7 ARG A 150 ? HIS A 157 ? ARG A 150 HIS A 157 
A1 8 ARG A 143 ? PHE A 144 ? ARG A 143 PHE A 144 
B  1 VAL A 13  ? GLY A 15  ? VAL A 13  GLY A 15  
B  2 ALA A 126 ? LEU A 127 ? ALA A 126 LEU A 127 
# 
loop_
_pdbx_struct_sheet_hbond.sheet_id 
_pdbx_struct_sheet_hbond.range_id_1 
_pdbx_struct_sheet_hbond.range_id_2 
_pdbx_struct_sheet_hbond.range_1_label_atom_id 
_pdbx_struct_sheet_hbond.range_1_label_comp_id 
_pdbx_struct_sheet_hbond.range_1_label_asym_id 
_pdbx_struct_sheet_hbond.range_1_label_seq_id 
_pdbx_struct_sheet_hbond.range_1_PDB_ins_code 
_pdbx_struct_sheet_hbond.range_1_auth_atom_id 
_pdbx_struct_sheet_hbond.range_1_auth_comp_id 
_pdbx_struct_sheet_hbond.range_1_auth_asym_id 
_pdbx_struct_sheet_hbond.range_1_auth_seq_id 
_pdbx_struct_sheet_hbond.range_2_label_atom_id 
_pdbx_struct_sheet_hbond.range_2_label_comp_id 
_pdbx_struct_sheet_hbond.range_2_label_asym_id 
_pdbx_struct_sheet_hbond.range_2_label_seq_id 
_pdbx_struct_sheet_hbond.range_2_PDB_ins_code 
_pdbx_struct_sheet_hbond.range_2_auth_atom_id 
_pdbx_struct_sheet_hbond.range_2_auth_comp_id 
_pdbx_struct_sheet_hbond.range_2_auth_asym_id 
_pdbx_struct_sheet_hbond.range_2_auth_seq_id 
A  1 2 N GLU A 77  ? N GLU A 77  O ASN A 62  ? O ASN A 62  
A  2 3 O ARG A 61  ? O ARG A 61  N ILE A 40  ? N ILE A 40  
A  3 4 N VAL A 41  ? N VAL A 41  O TRP A 92  ? O TRP A 92  
A  4 5 N VAL A 93  ? N VAL A 93  O GLY A 3   ? O GLY A 3   
A  5 6 N LEU A 4   ? N LEU A 4   O ARG A 109 ? O ARG A 109 
A  6 7 N ASP A 116 ? N ASP A 116 O ARG A 150 ? O ARG A 150 
A  7 8 O HIS A 157 ? O HIS A 157 N ARG A 136 ? N ARG A 136 
A1 1 2 N GLU A 77  ? N GLU A 77  O ASN A 62  ? O ASN A 62  
A1 2 3 O ARG A 61  ? O ARG A 61  N ILE A 40  ? N ILE A 40  
A1 3 4 N VAL A 41  ? N VAL A 41  O TRP A 92  ? O TRP A 92  
A1 4 5 N VAL A 93  ? N VAL A 93  O GLY A 3   ? O GLY A 3   
A1 5 6 N LEU A 4   ? N LEU A 4   O ARG A 109 ? O ARG A 109 
A1 6 7 N ASP A 116 ? N ASP A 116 O ARG A 150 ? O ARG A 150 
A1 7 8 O TYR A 151 ? O TYR A 151 N ARG A 143 ? N ARG A 143 
B  1 2 O GLY A 15  ? O GLY A 15  N ALA A 126 ? N ALA A 126 
# 
loop_
_struct_site.id 
_struct_site.pdbx_evidence_code 
_struct_site.pdbx_auth_asym_id 
_struct_site.pdbx_auth_comp_id 
_struct_site.pdbx_auth_seq_id 
_struct_site.pdbx_auth_ins_code 
_struct_site.pdbx_num_residues 
_struct_site.details 
AC1 Software A WRB 200 ? 13 'BINDING SITE FOR RESIDUE WRB A 200' 
AC2 Software A NDP 201 ? 32 'BINDING SITE FOR RESIDUE NDP A 201' 
AC3 Software A GOL 202 ? 11 'BINDING SITE FOR RESIDUE GOL A 202' 
AC4 Software A GOL 203 ? 5  'BINDING SITE FOR RESIDUE GOL A 203' 
AC5 Software A GOL 204 ? 8  'BINDING SITE FOR RESIDUE GOL A 204' 
AC6 Software A GOL 205 ? 6  'BINDING SITE FOR RESIDUE GOL A 205' 
# 
loop_
_struct_site_gen.id 
_struct_site_gen.site_id 
_struct_site_gen.pdbx_num_res 
_struct_site_gen.label_comp_id 
_struct_site_gen.label_asym_id 
_struct_site_gen.label_seq_id 
_struct_site_gen.pdbx_auth_ins_code 
_struct_site_gen.auth_comp_id 
_struct_site_gen.auth_asym_id 
_struct_site_gen.auth_seq_id 
_struct_site_gen.label_atom_id 
_struct_site_gen.label_alt_id 
_struct_site_gen.symmetry 
_struct_site_gen.details 
1  AC1 13 ILE A 5   ? ILE A 5   . ? 1_555 ? 
2  AC1 13 TRP A 6   ? TRP A 6   . ? 1_555 ? 
3  AC1 13 ILE A 20  ? ILE A 20  . ? 1_555 ? 
4  AC1 13 ASP A 27  ? ASP A 27  . ? 1_555 ? 
5  AC1 13 GLN A 28  ? GLN A 28  . ? 1_555 ? 
6  AC1 13 PHE A 31  ? PHE A 31  . ? 1_555 ? 
7  AC1 13 LEU A 50  ? LEU A 50  . ? 1_555 ? 
8  AC1 13 PRO A 51  ? PRO A 51  . ? 1_555 ? 
9  AC1 13 ILE A 94  ? ILE A 94  . ? 1_555 ? 
10 AC1 13 TYR A 100 ? TYR A 100 . ? 1_555 ? 
11 AC1 13 NDP C .   ? NDP A 201 . ? 1_555 ? 
12 AC1 13 HOH H .   ? HOH A 207 . ? 1_555 ? 
13 AC1 13 HOH H .   ? HOH A 303 . ? 1_555 ? 
14 AC2 32 TRP A 6   ? TRP A 6   . ? 1_555 ? 
15 AC2 32 ALA A 7   ? ALA A 7   . ? 1_555 ? 
16 AC2 32 ILE A 14  ? ILE A 14  . ? 1_555 ? 
17 AC2 32 GLY A 15  ? GLY A 15  . ? 1_555 ? 
18 AC2 32 GLY A 18  ? GLY A 18  . ? 1_555 ? 
19 AC2 32 ASP A 19  ? ASP A 19  . ? 1_555 ? 
20 AC2 32 GLY A 43  ? GLY A 43  . ? 1_555 ? 
21 AC2 32 ARG A 44  ? ARG A 44  . ? 1_555 ? 
22 AC2 32 ARG A 45  ? ARG A 45  . ? 1_555 ? 
23 AC2 32 THR A 46  ? THR A 46  . ? 1_555 ? 
24 AC2 32 LEU A 65  ? LEU A 65  . ? 1_555 ? 
25 AC2 32 SER A 66  ? SER A 66  . ? 1_555 ? 
26 AC2 32 ARG A 67  ? ARG A 67  . ? 1_555 ? 
27 AC2 32 GLN A 68  ? GLN A 68  . ? 1_555 ? 
28 AC2 32 GLY A 80  ? GLY A 80  . ? 1_555 ? 
29 AC2 32 ILE A 94  ? ILE A 94  . ? 1_555 ? 
30 AC2 32 GLY A 96  ? GLY A 96  . ? 1_555 ? 
31 AC2 32 GLY A 97  ? GLY A 97  . ? 1_555 ? 
32 AC2 32 GLN A 98  ? GLN A 98  . ? 1_555 ? 
33 AC2 32 VAL A 99  ? VAL A 99  . ? 1_555 ? 
34 AC2 32 TYR A 100 ? TYR A 100 . ? 1_555 ? 
35 AC2 32 LEU A 102 ? LEU A 102 . ? 1_555 ? 
36 AC2 32 ALA A 126 ? ALA A 126 . ? 1_555 ? 
37 AC2 32 WRB B .   ? WRB A 200 . ? 1_555 ? 
38 AC2 32 GOL D .   ? GOL A 202 . ? 1_555 ? 
39 AC2 32 GOL F .   ? GOL A 204 . ? 1_555 ? 
40 AC2 32 HOH H .   ? HOH A 211 . ? 1_555 ? 
41 AC2 32 HOH H .   ? HOH A 235 . ? 1_555 ? 
42 AC2 32 HOH H .   ? HOH A 259 . ? 1_555 ? 
43 AC2 32 HOH H .   ? HOH A 261 . ? 1_555 ? 
44 AC2 32 HOH H .   ? HOH A 282 . ? 1_555 ? 
45 AC2 32 HOH H .   ? HOH A 327 . ? 1_555 ? 
46 AC3 11 ARG A 45  ? ARG A 45  . ? 1_555 ? 
47 AC3 11 GLN A 98  ? GLN A 98  . ? 1_555 ? 
48 AC3 11 ASP A 125 ? ASP A 125 . ? 1_555 ? 
49 AC3 11 ALA A 126 ? ALA A 126 . ? 1_555 ? 
50 AC3 11 GLY A 148 ? GLY A 148 . ? 3_655 ? 
51 AC3 11 LEU A 149 ? LEU A 149 . ? 3_655 ? 
52 AC3 11 NDP C .   ? NDP A 201 . ? 1_555 ? 
53 AC3 11 HOH H .   ? HOH A 213 . ? 1_555 ? 
54 AC3 11 HOH H .   ? HOH A 221 . ? 3_655 ? 
55 AC3 11 HOH H .   ? HOH A 245 . ? 1_555 ? 
56 AC3 11 HOH H .   ? HOH A 366 . ? 1_555 ? 
57 AC4 5  TRP A 22  ? TRP A 22  . ? 1_555 ? 
58 AC4 5  ARG A 23  ? ARG A 23  . ? 1_555 ? 
59 AC4 5  LEU A 24  ? LEU A 24  . ? 1_555 ? 
60 AC4 5  ASP A 27  ? ASP A 27  . ? 1_555 ? 
61 AC4 5  GLN A 28  ? GLN A 28  . ? 1_555 ? 
62 AC5 8  GLY A 15  ? GLY A 15  . ? 1_555 ? 
63 AC5 8  ARG A 16  ? ARG A 16  . ? 1_555 ? 
64 AC5 8  GLY A 17  ? GLY A 17  . ? 1_555 ? 
65 AC5 8  GLY A 18  ? GLY A 18  . ? 1_555 ? 
66 AC5 8  ARG A 45  ? ARG A 45  . ? 1_555 ? 
67 AC5 8  GLY A 124 ? GLY A 124 . ? 1_555 ? 
68 AC5 8  NDP C .   ? NDP A 201 . ? 1_555 ? 
69 AC5 8  HOH H .   ? HOH A 314 . ? 1_555 ? 
70 AC6 6  TRP A 47  ? TRP A 47  . ? 1_555 ? 
71 AC6 6  ARG A 55  ? ARG A 55  . ? 1_555 ? 
72 AC6 6  MET A 72  ? MET A 72  . ? 1_555 ? 
73 AC6 6  ALA A 73  ? ALA A 73  . ? 1_555 ? 
74 AC6 6  SER A 74  ? SER A 74  . ? 1_555 ? 
75 AC6 6  HOH H .   ? HOH A 242 . ? 1_555 ? 
# 
loop_
_pdbx_validate_close_contact.id 
_pdbx_validate_close_contact.PDB_model_num 
_pdbx_validate_close_contact.auth_atom_id_1 
_pdbx_validate_close_contact.auth_asym_id_1 
_pdbx_validate_close_contact.auth_comp_id_1 
_pdbx_validate_close_contact.auth_seq_id_1 
_pdbx_validate_close_contact.PDB_ins_code_1 
_pdbx_validate_close_contact.label_alt_id_1 
_pdbx_validate_close_contact.auth_atom_id_2 
_pdbx_validate_close_contact.auth_asym_id_2 
_pdbx_validate_close_contact.auth_comp_id_2 
_pdbx_validate_close_contact.auth_seq_id_2 
_pdbx_validate_close_contact.PDB_ins_code_2 
_pdbx_validate_close_contact.label_alt_id_2 
_pdbx_validate_close_contact.dist 
1 1 OE1 A GLU 90 ? ? O A HOH 380 ? ? 1.83 
2 1 O   A GLY 80 ? ? O A HOH 375 ? ? 2.19 
# 
_pdbx_validate_rmsd_bond.id                        1 
_pdbx_validate_rmsd_bond.PDB_model_num             1 
_pdbx_validate_rmsd_bond.auth_atom_id_1            CA 
_pdbx_validate_rmsd_bond.auth_asym_id_1            A 
_pdbx_validate_rmsd_bond.auth_comp_id_1            GLY 
_pdbx_validate_rmsd_bond.auth_seq_id_1             95 
_pdbx_validate_rmsd_bond.PDB_ins_code_1            ? 
_pdbx_validate_rmsd_bond.label_alt_id_1            ? 
_pdbx_validate_rmsd_bond.auth_atom_id_2            C 
_pdbx_validate_rmsd_bond.auth_asym_id_2            A 
_pdbx_validate_rmsd_bond.auth_comp_id_2            GLY 
_pdbx_validate_rmsd_bond.auth_seq_id_2             95 
_pdbx_validate_rmsd_bond.PDB_ins_code_2            ? 
_pdbx_validate_rmsd_bond.label_alt_id_2            ? 
_pdbx_validate_rmsd_bond.bond_value                1.396 
_pdbx_validate_rmsd_bond.bond_target_value         1.514 
_pdbx_validate_rmsd_bond.bond_deviation            -0.118 
_pdbx_validate_rmsd_bond.bond_standard_deviation   0.016 
_pdbx_validate_rmsd_bond.linker_flag               N 
# 
loop_
_pdbx_validate_rmsd_angle.id 
_pdbx_validate_rmsd_angle.PDB_model_num 
_pdbx_validate_rmsd_angle.auth_atom_id_1 
_pdbx_validate_rmsd_angle.auth_asym_id_1 
_pdbx_validate_rmsd_angle.auth_comp_id_1 
_pdbx_validate_rmsd_angle.auth_seq_id_1 
_pdbx_validate_rmsd_angle.PDB_ins_code_1 
_pdbx_validate_rmsd_angle.label_alt_id_1 
_pdbx_validate_rmsd_angle.auth_atom_id_2 
_pdbx_validate_rmsd_angle.auth_asym_id_2 
_pdbx_validate_rmsd_angle.auth_comp_id_2 
_pdbx_validate_rmsd_angle.auth_seq_id_2 
_pdbx_validate_rmsd_angle.PDB_ins_code_2 
_pdbx_validate_rmsd_angle.label_alt_id_2 
_pdbx_validate_rmsd_angle.auth_atom_id_3 
_pdbx_validate_rmsd_angle.auth_asym_id_3 
_pdbx_validate_rmsd_angle.auth_comp_id_3 
_pdbx_validate_rmsd_angle.auth_seq_id_3 
_pdbx_validate_rmsd_angle.PDB_ins_code_3 
_pdbx_validate_rmsd_angle.label_alt_id_3 
_pdbx_validate_rmsd_angle.angle_value 
_pdbx_validate_rmsd_angle.angle_target_value 
_pdbx_validate_rmsd_angle.angle_deviation 
_pdbx_validate_rmsd_angle.angle_standard_deviation 
_pdbx_validate_rmsd_angle.linker_flag 
1 1 CA A GLY 95 ? ? C A GLY 95 ? ? N A GLY 96 ? ? 132.52 116.20 16.32  2.00 Y 
2 1 O  A GLY 95 ? ? C A GLY 95 ? ? N A GLY 96 ? ? 104.24 123.20 -18.96 1.70 Y 
# 
loop_
_pdbx_validate_torsion.id 
_pdbx_validate_torsion.PDB_model_num 
_pdbx_validate_torsion.auth_comp_id 
_pdbx_validate_torsion.auth_asym_id 
_pdbx_validate_torsion.auth_seq_id 
_pdbx_validate_torsion.PDB_ins_code 
_pdbx_validate_torsion.label_alt_id 
_pdbx_validate_torsion.phi 
_pdbx_validate_torsion.psi 
1 1 PRO A 21 ? ? -67.32  42.35 
2 1 LEU A 24 ? ? -161.59 80.89 
3 1 LEU A 86 ? ? -94.85  32.35 
# 
_pdbx_validate_planes.id              1 
_pdbx_validate_planes.PDB_model_num   1 
_pdbx_validate_planes.auth_comp_id    TYR 
_pdbx_validate_planes.auth_asym_id    A 
_pdbx_validate_planes.auth_seq_id     154 
_pdbx_validate_planes.PDB_ins_code    ? 
_pdbx_validate_planes.label_alt_id    ? 
_pdbx_validate_planes.rmsd            0.068 
_pdbx_validate_planes.type            'SIDE CHAIN' 
# 
_pdbx_validate_main_chain_plane.id                       1 
_pdbx_validate_main_chain_plane.PDB_model_num            1 
_pdbx_validate_main_chain_plane.auth_comp_id             GLY 
_pdbx_validate_main_chain_plane.auth_asym_id             A 
_pdbx_validate_main_chain_plane.auth_seq_id              95 
_pdbx_validate_main_chain_plane.PDB_ins_code             ? 
_pdbx_validate_main_chain_plane.label_alt_id             ? 
_pdbx_validate_main_chain_plane.improper_torsion_angle   -16.97 
# 
loop_
_chem_comp_atom.comp_id 
_chem_comp_atom.atom_id 
_chem_comp_atom.type_symbol 
_chem_comp_atom.pdbx_aromatic_flag 
_chem_comp_atom.pdbx_stereo_config 
_chem_comp_atom.pdbx_ordinal 
ALA N    N  N N 1   
ALA CA   C  N S 2   
ALA C    C  N N 3   
ALA O    O  N N 4   
ALA CB   C  N N 5   
ALA OXT  O  N N 6   
ALA H    H  N N 7   
ALA H2   H  N N 8   
ALA HA   H  N N 9   
ALA HB1  H  N N 10  
ALA HB2  H  N N 11  
ALA HB3  H  N N 12  
ALA HXT  H  N N 13  
ARG N    N  N N 14  
ARG CA   C  N S 15  
ARG C    C  N N 16  
ARG O    O  N N 17  
ARG CB   C  N N 18  
ARG CG   C  N N 19  
ARG CD   C  N N 20  
ARG NE   N  N N 21  
ARG CZ   C  N N 22  
ARG NH1  N  N N 23  
ARG NH2  N  N N 24  
ARG OXT  O  N N 25  
ARG H    H  N N 26  
ARG H2   H  N N 27  
ARG HA   H  N N 28  
ARG HB2  H  N N 29  
ARG HB3  H  N N 30  
ARG HG2  H  N N 31  
ARG HG3  H  N N 32  
ARG HD2  H  N N 33  
ARG HD3  H  N N 34  
ARG HE   H  N N 35  
ARG HH11 H  N N 36  
ARG HH12 H  N N 37  
ARG HH21 H  N N 38  
ARG HH22 H  N N 39  
ARG HXT  H  N N 40  
ASN N    N  N N 41  
ASN CA   C  N S 42  
ASN C    C  N N 43  
ASN O    O  N N 44  
ASN CB   C  N N 45  
ASN CG   C  N N 46  
ASN OD1  O  N N 47  
ASN ND2  N  N N 48  
ASN OXT  O  N N 49  
ASN H    H  N N 50  
ASN H2   H  N N 51  
ASN HA   H  N N 52  
ASN HB2  H  N N 53  
ASN HB3  H  N N 54  
ASN HD21 H  N N 55  
ASN HD22 H  N N 56  
ASN HXT  H  N N 57  
ASP N    N  N N 58  
ASP CA   C  N S 59  
ASP C    C  N N 60  
ASP O    O  N N 61  
ASP CB   C  N N 62  
ASP CG   C  N N 63  
ASP OD1  O  N N 64  
ASP OD2  O  N N 65  
ASP OXT  O  N N 66  
ASP H    H  N N 67  
ASP H2   H  N N 68  
ASP HA   H  N N 69  
ASP HB2  H  N N 70  
ASP HB3  H  N N 71  
ASP HD2  H  N N 72  
ASP HXT  H  N N 73  
CYS N    N  N N 74  
CYS CA   C  N R 75  
CYS C    C  N N 76  
CYS O    O  N N 77  
CYS CB   C  N N 78  
CYS SG   S  N N 79  
CYS OXT  O  N N 80  
CYS H    H  N N 81  
CYS H2   H  N N 82  
CYS HA   H  N N 83  
CYS HB2  H  N N 84  
CYS HB3  H  N N 85  
CYS HG   H  N N 86  
CYS HXT  H  N N 87  
GLN N    N  N N 88  
GLN CA   C  N S 89  
GLN C    C  N N 90  
GLN O    O  N N 91  
GLN CB   C  N N 92  
GLN CG   C  N N 93  
GLN CD   C  N N 94  
GLN OE1  O  N N 95  
GLN NE2  N  N N 96  
GLN OXT  O  N N 97  
GLN H    H  N N 98  
GLN H2   H  N N 99  
GLN HA   H  N N 100 
GLN HB2  H  N N 101 
GLN HB3  H  N N 102 
GLN HG2  H  N N 103 
GLN HG3  H  N N 104 
GLN HE21 H  N N 105 
GLN HE22 H  N N 106 
GLN HXT  H  N N 107 
GLU N    N  N N 108 
GLU CA   C  N S 109 
GLU C    C  N N 110 
GLU O    O  N N 111 
GLU CB   C  N N 112 
GLU CG   C  N N 113 
GLU CD   C  N N 114 
GLU OE1  O  N N 115 
GLU OE2  O  N N 116 
GLU OXT  O  N N 117 
GLU H    H  N N 118 
GLU H2   H  N N 119 
GLU HA   H  N N 120 
GLU HB2  H  N N 121 
GLU HB3  H  N N 122 
GLU HG2  H  N N 123 
GLU HG3  H  N N 124 
GLU HE2  H  N N 125 
GLU HXT  H  N N 126 
GLY N    N  N N 127 
GLY CA   C  N N 128 
GLY C    C  N N 129 
GLY O    O  N N 130 
GLY OXT  O  N N 131 
GLY H    H  N N 132 
GLY H2   H  N N 133 
GLY HA2  H  N N 134 
GLY HA3  H  N N 135 
GLY HXT  H  N N 136 
GOL C1   C  N N 137 
GOL O1   O  N N 138 
GOL C2   C  N N 139 
GOL O2   O  N N 140 
GOL C3   C  N N 141 
GOL O3   O  N N 142 
GOL H11  H  N N 143 
GOL H12  H  N N 144 
GOL HO1  H  N N 145 
GOL H2   H  N N 146 
GOL HO2  H  N N 147 
GOL H31  H  N N 148 
GOL H32  H  N N 149 
GOL HO3  H  N N 150 
HIS N    N  N N 151 
HIS CA   C  N S 152 
HIS C    C  N N 153 
HIS O    O  N N 154 
HIS CB   C  N N 155 
HIS CG   C  Y N 156 
HIS ND1  N  Y N 157 
HIS CD2  C  Y N 158 
HIS CE1  C  Y N 159 
HIS NE2  N  Y N 160 
HIS OXT  O  N N 161 
HIS H    H  N N 162 
HIS H2   H  N N 163 
HIS HA   H  N N 164 
HIS HB2  H  N N 165 
HIS HB3  H  N N 166 
HIS HD1  H  N N 167 
HIS HD2  H  N N 168 
HIS HE1  H  N N 169 
HIS HE2  H  N N 170 
HIS HXT  H  N N 171 
HOH O    O  N N 172 
HOH H1   H  N N 173 
HOH H2   H  N N 174 
ILE N    N  N N 175 
ILE CA   C  N S 176 
ILE C    C  N N 177 
ILE O    O  N N 178 
ILE CB   C  N S 179 
ILE CG1  C  N N 180 
ILE CG2  C  N N 181 
ILE CD1  C  N N 182 
ILE OXT  O  N N 183 
ILE H    H  N N 184 
ILE H2   H  N N 185 
ILE HA   H  N N 186 
ILE HB   H  N N 187 
ILE HG12 H  N N 188 
ILE HG13 H  N N 189 
ILE HG21 H  N N 190 
ILE HG22 H  N N 191 
ILE HG23 H  N N 192 
ILE HD11 H  N N 193 
ILE HD12 H  N N 194 
ILE HD13 H  N N 195 
ILE HXT  H  N N 196 
LEU N    N  N N 197 
LEU CA   C  N S 198 
LEU C    C  N N 199 
LEU O    O  N N 200 
LEU CB   C  N N 201 
LEU CG   C  N N 202 
LEU CD1  C  N N 203 
LEU CD2  C  N N 204 
LEU OXT  O  N N 205 
LEU H    H  N N 206 
LEU H2   H  N N 207 
LEU HA   H  N N 208 
LEU HB2  H  N N 209 
LEU HB3  H  N N 210 
LEU HG   H  N N 211 
LEU HD11 H  N N 212 
LEU HD12 H  N N 213 
LEU HD13 H  N N 214 
LEU HD21 H  N N 215 
LEU HD22 H  N N 216 
LEU HD23 H  N N 217 
LEU HXT  H  N N 218 
LYS N    N  N N 219 
LYS CA   C  N S 220 
LYS C    C  N N 221 
LYS O    O  N N 222 
LYS CB   C  N N 223 
LYS CG   C  N N 224 
LYS CD   C  N N 225 
LYS CE   C  N N 226 
LYS NZ   N  N N 227 
LYS OXT  O  N N 228 
LYS H    H  N N 229 
LYS H2   H  N N 230 
LYS HA   H  N N 231 
LYS HB2  H  N N 232 
LYS HB3  H  N N 233 
LYS HG2  H  N N 234 
LYS HG3  H  N N 235 
LYS HD2  H  N N 236 
LYS HD3  H  N N 237 
LYS HE2  H  N N 238 
LYS HE3  H  N N 239 
LYS HZ1  H  N N 240 
LYS HZ2  H  N N 241 
LYS HZ3  H  N N 242 
LYS HXT  H  N N 243 
MET N    N  N N 244 
MET CA   C  N S 245 
MET C    C  N N 246 
MET O    O  N N 247 
MET CB   C  N N 248 
MET CG   C  N N 249 
MET SD   S  N N 250 
MET CE   C  N N 251 
MET OXT  O  N N 252 
MET H    H  N N 253 
MET H2   H  N N 254 
MET HA   H  N N 255 
MET HB2  H  N N 256 
MET HB3  H  N N 257 
MET HG2  H  N N 258 
MET HG3  H  N N 259 
MET HE1  H  N N 260 
MET HE2  H  N N 261 
MET HE3  H  N N 262 
MET HXT  H  N N 263 
NDP PA   P  N S 264 
NDP O1A  O  N N 265 
NDP O2A  O  N N 266 
NDP O5B  O  N N 267 
NDP C5B  C  N N 268 
NDP C4B  C  N R 269 
NDP O4B  O  N N 270 
NDP C3B  C  N R 271 
NDP O3B  O  N N 272 
NDP C2B  C  N R 273 
NDP O2B  O  N N 274 
NDP C1B  C  N R 275 
NDP N9A  N  Y N 276 
NDP C8A  C  Y N 277 
NDP N7A  N  Y N 278 
NDP C5A  C  Y N 279 
NDP C6A  C  Y N 280 
NDP N6A  N  N N 281 
NDP N1A  N  Y N 282 
NDP C2A  C  Y N 283 
NDP N3A  N  Y N 284 
NDP C4A  C  Y N 285 
NDP O3   O  N N 286 
NDP PN   P  N S 287 
NDP O1N  O  N N 288 
NDP O2N  O  N N 289 
NDP O5D  O  N N 290 
NDP C5D  C  N N 291 
NDP C4D  C  N R 292 
NDP O4D  O  N N 293 
NDP C3D  C  N S 294 
NDP O3D  O  N N 295 
NDP C2D  C  N R 296 
NDP O2D  O  N N 297 
NDP C1D  C  N R 298 
NDP N1N  N  N N 299 
NDP C2N  C  N N 300 
NDP C3N  C  N N 301 
NDP C7N  C  N N 302 
NDP O7N  O  N N 303 
NDP N7N  N  N N 304 
NDP C4N  C  N N 305 
NDP C5N  C  N N 306 
NDP C6N  C  N N 307 
NDP P2B  P  N N 308 
NDP O1X  O  N N 309 
NDP O2X  O  N N 310 
NDP O3X  O  N N 311 
NDP HOA2 H  N N 312 
NDP H51A H  N N 313 
NDP H52A H  N N 314 
NDP H4B  H  N N 315 
NDP H3B  H  N N 316 
NDP HO3A H  N N 317 
NDP H2B  H  N N 318 
NDP H1B  H  N N 319 
NDP H8A  H  N N 320 
NDP H61A H  N N 321 
NDP H62A H  N N 322 
NDP H2A  H  N N 323 
NDP H21N H  N N 324 
NDP H51N H  N N 325 
NDP H52N H  N N 326 
NDP H4D  H  N N 327 
NDP H3D  H  N N 328 
NDP HO3N H  N N 329 
NDP H2D  H  N N 330 
NDP HO2N H  N N 331 
NDP H1D  H  N N 332 
NDP H2N  H  N N 333 
NDP H71N H  N N 334 
NDP H72N H  N N 335 
NDP H41N H  N N 336 
NDP H42N H  N N 337 
NDP H5N  H  N N 338 
NDP H6N  H  N N 339 
NDP HOP2 H  N N 340 
NDP HOP3 H  N N 341 
PHE N    N  N N 342 
PHE CA   C  N S 343 
PHE C    C  N N 344 
PHE O    O  N N 345 
PHE CB   C  N N 346 
PHE CG   C  Y N 347 
PHE CD1  C  Y N 348 
PHE CD2  C  Y N 349 
PHE CE1  C  Y N 350 
PHE CE2  C  Y N 351 
PHE CZ   C  Y N 352 
PHE OXT  O  N N 353 
PHE H    H  N N 354 
PHE H2   H  N N 355 
PHE HA   H  N N 356 
PHE HB2  H  N N 357 
PHE HB3  H  N N 358 
PHE HD1  H  N N 359 
PHE HD2  H  N N 360 
PHE HE1  H  N N 361 
PHE HE2  H  N N 362 
PHE HZ   H  N N 363 
PHE HXT  H  N N 364 
PRO N    N  N N 365 
PRO CA   C  N S 366 
PRO C    C  N N 367 
PRO O    O  N N 368 
PRO CB   C  N N 369 
PRO CG   C  N N 370 
PRO CD   C  N N 371 
PRO OXT  O  N N 372 
PRO H    H  N N 373 
PRO HA   H  N N 374 
PRO HB2  H  N N 375 
PRO HB3  H  N N 376 
PRO HG2  H  N N 377 
PRO HG3  H  N N 378 
PRO HD2  H  N N 379 
PRO HD3  H  N N 380 
PRO HXT  H  N N 381 
SER N    N  N N 382 
SER CA   C  N S 383 
SER C    C  N N 384 
SER O    O  N N 385 
SER CB   C  N N 386 
SER OG   O  N N 387 
SER OXT  O  N N 388 
SER H    H  N N 389 
SER H2   H  N N 390 
SER HA   H  N N 391 
SER HB2  H  N N 392 
SER HB3  H  N N 393 
SER HG   H  N N 394 
SER HXT  H  N N 395 
THR N    N  N N 396 
THR CA   C  N S 397 
THR C    C  N N 398 
THR O    O  N N 399 
THR CB   C  N R 400 
THR OG1  O  N N 401 
THR CG2  C  N N 402 
THR OXT  O  N N 403 
THR H    H  N N 404 
THR H2   H  N N 405 
THR HA   H  N N 406 
THR HB   H  N N 407 
THR HG1  H  N N 408 
THR HG21 H  N N 409 
THR HG22 H  N N 410 
THR HG23 H  N N 411 
THR HXT  H  N N 412 
TRP N    N  N N 413 
TRP CA   C  N S 414 
TRP C    C  N N 415 
TRP O    O  N N 416 
TRP CB   C  N N 417 
TRP CG   C  Y N 418 
TRP CD1  C  Y N 419 
TRP CD2  C  Y N 420 
TRP NE1  N  Y N 421 
TRP CE2  C  Y N 422 
TRP CE3  C  Y N 423 
TRP CZ2  C  Y N 424 
TRP CZ3  C  Y N 425 
TRP CH2  C  Y N 426 
TRP OXT  O  N N 427 
TRP H    H  N N 428 
TRP H2   H  N N 429 
TRP HA   H  N N 430 
TRP HB2  H  N N 431 
TRP HB3  H  N N 432 
TRP HD1  H  N N 433 
TRP HE1  H  N N 434 
TRP HE3  H  N N 435 
TRP HZ2  H  N N 436 
TRP HZ3  H  N N 437 
TRP HH2  H  N N 438 
TRP HXT  H  N N 439 
TYR N    N  N N 440 
TYR CA   C  N S 441 
TYR C    C  N N 442 
TYR O    O  N N 443 
TYR CB   C  N N 444 
TYR CG   C  Y N 445 
TYR CD1  C  Y N 446 
TYR CD2  C  Y N 447 
TYR CE1  C  Y N 448 
TYR CE2  C  Y N 449 
TYR CZ   C  Y N 450 
TYR OH   O  N N 451 
TYR OXT  O  N N 452 
TYR H    H  N N 453 
TYR H2   H  N N 454 
TYR HA   H  N N 455 
TYR HB2  H  N N 456 
TYR HB3  H  N N 457 
TYR HD1  H  N N 458 
TYR HD2  H  N N 459 
TYR HE1  H  N N 460 
TYR HE2  H  N N 461 
TYR HH   H  N N 462 
TYR HXT  H  N N 463 
VAL N    N  N N 464 
VAL CA   C  N S 465 
VAL C    C  N N 466 
VAL O    O  N N 467 
VAL CB   C  N N 468 
VAL CG1  C  N N 469 
VAL CG2  C  N N 470 
VAL OXT  O  N N 471 
VAL H    H  N N 472 
VAL H2   H  N N 473 
VAL HA   H  N N 474 
VAL HB   H  N N 475 
VAL HG11 H  N N 476 
VAL HG12 H  N N 477 
VAL HG13 H  N N 478 
VAL HG21 H  N N 479 
VAL HG22 H  N N 480 
VAL HG23 H  N N 481 
VAL HXT  H  N N 482 
WRB C1   C  N N 483 
WRB N2   N  N N 484 
WRB C3   C  N N 485 
WRB N4   N  N N 486 
WRB C5   C  N N 487 
WRB N6   N  N N 488 
WRB O7   O  N N 489 
WRB C8   C  N N 490 
WRB C9   C  N N 491 
WRB C10  C  N N 492 
WRB O11  O  N N 493 
WRB C12  C  Y N 494 
WRB C13  C  Y N 495 
WRB C14  C  Y N 496 
WRB C15  C  Y N 497 
WRB C16  C  Y N 498 
WRB C17  C  Y N 499 
WRB CM1  C  N N 500 
WRB CM2  C  N N 501 
WRB NH1  N  N N 502 
WRB NH2  N  N N 503 
WRB BR   BR N N 504 
WRB H81  H  N N 505 
WRB H82  H  N N 506 
WRB H91  H  N N 507 
WRB H92  H  N N 508 
WRB H101 H  N N 509 
WRB H102 H  N N 510 
WRB H131 H  N N 511 
WRB H141 H  N N 512 
WRB H151 H  N N 513 
WRB H161 H  N N 514 
WRB HM11 H  N N 515 
WRB HM12 H  N N 516 
WRB HM13 H  N N 517 
WRB HM21 H  N N 518 
WRB HM22 H  N N 519 
WRB HM23 H  N N 520 
WRB HN11 H  N N 521 
WRB HN12 H  N N 522 
WRB HN21 H  N N 523 
WRB HN22 H  N N 524 
# 
loop_
_chem_comp_bond.comp_id 
_chem_comp_bond.atom_id_1 
_chem_comp_bond.atom_id_2 
_chem_comp_bond.value_order 
_chem_comp_bond.pdbx_aromatic_flag 
_chem_comp_bond.pdbx_stereo_config 
_chem_comp_bond.pdbx_ordinal 
ALA N   CA   sing N N 1   
ALA N   H    sing N N 2   
ALA N   H2   sing N N 3   
ALA CA  C    sing N N 4   
ALA CA  CB   sing N N 5   
ALA CA  HA   sing N N 6   
ALA C   O    doub N N 7   
ALA C   OXT  sing N N 8   
ALA CB  HB1  sing N N 9   
ALA CB  HB2  sing N N 10  
ALA CB  HB3  sing N N 11  
ALA OXT HXT  sing N N 12  
ARG N   CA   sing N N 13  
ARG N   H    sing N N 14  
ARG N   H2   sing N N 15  
ARG CA  C    sing N N 16  
ARG CA  CB   sing N N 17  
ARG CA  HA   sing N N 18  
ARG C   O    doub N N 19  
ARG C   OXT  sing N N 20  
ARG CB  CG   sing N N 21  
ARG CB  HB2  sing N N 22  
ARG CB  HB3  sing N N 23  
ARG CG  CD   sing N N 24  
ARG CG  HG2  sing N N 25  
ARG CG  HG3  sing N N 26  
ARG CD  NE   sing N N 27  
ARG CD  HD2  sing N N 28  
ARG CD  HD3  sing N N 29  
ARG NE  CZ   sing N N 30  
ARG NE  HE   sing N N 31  
ARG CZ  NH1  sing N N 32  
ARG CZ  NH2  doub N N 33  
ARG NH1 HH11 sing N N 34  
ARG NH1 HH12 sing N N 35  
ARG NH2 HH21 sing N N 36  
ARG NH2 HH22 sing N N 37  
ARG OXT HXT  sing N N 38  
ASN N   CA   sing N N 39  
ASN N   H    sing N N 40  
ASN N   H2   sing N N 41  
ASN CA  C    sing N N 42  
ASN CA  CB   sing N N 43  
ASN CA  HA   sing N N 44  
ASN C   O    doub N N 45  
ASN C   OXT  sing N N 46  
ASN CB  CG   sing N N 47  
ASN CB  HB2  sing N N 48  
ASN CB  HB3  sing N N 49  
ASN CG  OD1  doub N N 50  
ASN CG  ND2  sing N N 51  
ASN ND2 HD21 sing N N 52  
ASN ND2 HD22 sing N N 53  
ASN OXT HXT  sing N N 54  
ASP N   CA   sing N N 55  
ASP N   H    sing N N 56  
ASP N   H2   sing N N 57  
ASP CA  C    sing N N 58  
ASP CA  CB   sing N N 59  
ASP CA  HA   sing N N 60  
ASP C   O    doub N N 61  
ASP C   OXT  sing N N 62  
ASP CB  CG   sing N N 63  
ASP CB  HB2  sing N N 64  
ASP CB  HB3  sing N N 65  
ASP CG  OD1  doub N N 66  
ASP CG  OD2  sing N N 67  
ASP OD2 HD2  sing N N 68  
ASP OXT HXT  sing N N 69  
CYS N   CA   sing N N 70  
CYS N   H    sing N N 71  
CYS N   H2   sing N N 72  
CYS CA  C    sing N N 73  
CYS CA  CB   sing N N 74  
CYS CA  HA   sing N N 75  
CYS C   O    doub N N 76  
CYS C   OXT  sing N N 77  
CYS CB  SG   sing N N 78  
CYS CB  HB2  sing N N 79  
CYS CB  HB3  sing N N 80  
CYS SG  HG   sing N N 81  
CYS OXT HXT  sing N N 82  
GLN N   CA   sing N N 83  
GLN N   H    sing N N 84  
GLN N   H2   sing N N 85  
GLN CA  C    sing N N 86  
GLN CA  CB   sing N N 87  
GLN CA  HA   sing N N 88  
GLN C   O    doub N N 89  
GLN C   OXT  sing N N 90  
GLN CB  CG   sing N N 91  
GLN CB  HB2  sing N N 92  
GLN CB  HB3  sing N N 93  
GLN CG  CD   sing N N 94  
GLN CG  HG2  sing N N 95  
GLN CG  HG3  sing N N 96  
GLN CD  OE1  doub N N 97  
GLN CD  NE2  sing N N 98  
GLN NE2 HE21 sing N N 99  
GLN NE2 HE22 sing N N 100 
GLN OXT HXT  sing N N 101 
GLU N   CA   sing N N 102 
GLU N   H    sing N N 103 
GLU N   H2   sing N N 104 
GLU CA  C    sing N N 105 
GLU CA  CB   sing N N 106 
GLU CA  HA   sing N N 107 
GLU C   O    doub N N 108 
GLU C   OXT  sing N N 109 
GLU CB  CG   sing N N 110 
GLU CB  HB2  sing N N 111 
GLU CB  HB3  sing N N 112 
GLU CG  CD   sing N N 113 
GLU CG  HG2  sing N N 114 
GLU CG  HG3  sing N N 115 
GLU CD  OE1  doub N N 116 
GLU CD  OE2  sing N N 117 
GLU OE2 HE2  sing N N 118 
GLU OXT HXT  sing N N 119 
GLY N   CA   sing N N 120 
GLY N   H    sing N N 121 
GLY N   H2   sing N N 122 
GLY CA  C    sing N N 123 
GLY CA  HA2  sing N N 124 
GLY CA  HA3  sing N N 125 
GLY C   O    doub N N 126 
GLY C   OXT  sing N N 127 
GLY OXT HXT  sing N N 128 
GOL C1  O1   sing N N 129 
GOL C1  C2   sing N N 130 
GOL C1  H11  sing N N 131 
GOL C1  H12  sing N N 132 
GOL O1  HO1  sing N N 133 
GOL C2  O2   sing N N 134 
GOL C2  C3   sing N N 135 
GOL C2  H2   sing N N 136 
GOL O2  HO2  sing N N 137 
GOL C3  O3   sing N N 138 
GOL C3  H31  sing N N 139 
GOL C3  H32  sing N N 140 
GOL O3  HO3  sing N N 141 
HIS N   CA   sing N N 142 
HIS N   H    sing N N 143 
HIS N   H2   sing N N 144 
HIS CA  C    sing N N 145 
HIS CA  CB   sing N N 146 
HIS CA  HA   sing N N 147 
HIS C   O    doub N N 148 
HIS C   OXT  sing N N 149 
HIS CB  CG   sing N N 150 
HIS CB  HB2  sing N N 151 
HIS CB  HB3  sing N N 152 
HIS CG  ND1  sing Y N 153 
HIS CG  CD2  doub Y N 154 
HIS ND1 CE1  doub Y N 155 
HIS ND1 HD1  sing N N 156 
HIS CD2 NE2  sing Y N 157 
HIS CD2 HD2  sing N N 158 
HIS CE1 NE2  sing Y N 159 
HIS CE1 HE1  sing N N 160 
HIS NE2 HE2  sing N N 161 
HIS OXT HXT  sing N N 162 
HOH O   H1   sing N N 163 
HOH O   H2   sing N N 164 
ILE N   CA   sing N N 165 
ILE N   H    sing N N 166 
ILE N   H2   sing N N 167 
ILE CA  C    sing N N 168 
ILE CA  CB   sing N N 169 
ILE CA  HA   sing N N 170 
ILE C   O    doub N N 171 
ILE C   OXT  sing N N 172 
ILE CB  CG1  sing N N 173 
ILE CB  CG2  sing N N 174 
ILE CB  HB   sing N N 175 
ILE CG1 CD1  sing N N 176 
ILE CG1 HG12 sing N N 177 
ILE CG1 HG13 sing N N 178 
ILE CG2 HG21 sing N N 179 
ILE CG2 HG22 sing N N 180 
ILE CG2 HG23 sing N N 181 
ILE CD1 HD11 sing N N 182 
ILE CD1 HD12 sing N N 183 
ILE CD1 HD13 sing N N 184 
ILE OXT HXT  sing N N 185 
LEU N   CA   sing N N 186 
LEU N   H    sing N N 187 
LEU N   H2   sing N N 188 
LEU CA  C    sing N N 189 
LEU CA  CB   sing N N 190 
LEU CA  HA   sing N N 191 
LEU C   O    doub N N 192 
LEU C   OXT  sing N N 193 
LEU CB  CG   sing N N 194 
LEU CB  HB2  sing N N 195 
LEU CB  HB3  sing N N 196 
LEU CG  CD1  sing N N 197 
LEU CG  CD2  sing N N 198 
LEU CG  HG   sing N N 199 
LEU CD1 HD11 sing N N 200 
LEU CD1 HD12 sing N N 201 
LEU CD1 HD13 sing N N 202 
LEU CD2 HD21 sing N N 203 
LEU CD2 HD22 sing N N 204 
LEU CD2 HD23 sing N N 205 
LEU OXT HXT  sing N N 206 
LYS N   CA   sing N N 207 
LYS N   H    sing N N 208 
LYS N   H2   sing N N 209 
LYS CA  C    sing N N 210 
LYS CA  CB   sing N N 211 
LYS CA  HA   sing N N 212 
LYS C   O    doub N N 213 
LYS C   OXT  sing N N 214 
LYS CB  CG   sing N N 215 
LYS CB  HB2  sing N N 216 
LYS CB  HB3  sing N N 217 
LYS CG  CD   sing N N 218 
LYS CG  HG2  sing N N 219 
LYS CG  HG3  sing N N 220 
LYS CD  CE   sing N N 221 
LYS CD  HD2  sing N N 222 
LYS CD  HD3  sing N N 223 
LYS CE  NZ   sing N N 224 
LYS CE  HE2  sing N N 225 
LYS CE  HE3  sing N N 226 
LYS NZ  HZ1  sing N N 227 
LYS NZ  HZ2  sing N N 228 
LYS NZ  HZ3  sing N N 229 
LYS OXT HXT  sing N N 230 
MET N   CA   sing N N 231 
MET N   H    sing N N 232 
MET N   H2   sing N N 233 
MET CA  C    sing N N 234 
MET CA  CB   sing N N 235 
MET CA  HA   sing N N 236 
MET C   O    doub N N 237 
MET C   OXT  sing N N 238 
MET CB  CG   sing N N 239 
MET CB  HB2  sing N N 240 
MET CB  HB3  sing N N 241 
MET CG  SD   sing N N 242 
MET CG  HG2  sing N N 243 
MET CG  HG3  sing N N 244 
MET SD  CE   sing N N 245 
MET CE  HE1  sing N N 246 
MET CE  HE2  sing N N 247 
MET CE  HE3  sing N N 248 
MET OXT HXT  sing N N 249 
NDP PA  O1A  doub N N 250 
NDP PA  O2A  sing N N 251 
NDP PA  O5B  sing N N 252 
NDP PA  O3   sing N N 253 
NDP O2A HOA2 sing N N 254 
NDP O5B C5B  sing N N 255 
NDP C5B C4B  sing N N 256 
NDP C5B H51A sing N N 257 
NDP C5B H52A sing N N 258 
NDP C4B O4B  sing N N 259 
NDP C4B C3B  sing N N 260 
NDP C4B H4B  sing N N 261 
NDP O4B C1B  sing N N 262 
NDP C3B O3B  sing N N 263 
NDP C3B C2B  sing N N 264 
NDP C3B H3B  sing N N 265 
NDP O3B HO3A sing N N 266 
NDP C2B O2B  sing N N 267 
NDP C2B C1B  sing N N 268 
NDP C2B H2B  sing N N 269 
NDP O2B P2B  sing N N 270 
NDP C1B N9A  sing N N 271 
NDP C1B H1B  sing N N 272 
NDP N9A C8A  sing Y N 273 
NDP N9A C4A  sing Y N 274 
NDP C8A N7A  doub Y N 275 
NDP C8A H8A  sing N N 276 
NDP N7A C5A  sing Y N 277 
NDP C5A C6A  sing Y N 278 
NDP C5A C4A  doub Y N 279 
NDP C6A N6A  sing N N 280 
NDP C6A N1A  doub Y N 281 
NDP N6A H61A sing N N 282 
NDP N6A H62A sing N N 283 
NDP N1A C2A  sing Y N 284 
NDP C2A N3A  doub Y N 285 
NDP C2A H2A  sing N N 286 
NDP N3A C4A  sing Y N 287 
NDP O3  PN   sing N N 288 
NDP PN  O1N  doub N N 289 
NDP PN  O2N  sing N N 290 
NDP PN  O5D  sing N N 291 
NDP O2N H21N sing N N 292 
NDP O5D C5D  sing N N 293 
NDP C5D C4D  sing N N 294 
NDP C5D H51N sing N N 295 
NDP C5D H52N sing N N 296 
NDP C4D O4D  sing N N 297 
NDP C4D C3D  sing N N 298 
NDP C4D H4D  sing N N 299 
NDP O4D C1D  sing N N 300 
NDP C3D O3D  sing N N 301 
NDP C3D C2D  sing N N 302 
NDP C3D H3D  sing N N 303 
NDP O3D HO3N sing N N 304 
NDP C2D O2D  sing N N 305 
NDP C2D C1D  sing N N 306 
NDP C2D H2D  sing N N 307 
NDP O2D HO2N sing N N 308 
NDP C1D N1N  sing N N 309 
NDP C1D H1D  sing N N 310 
NDP N1N C2N  sing N N 311 
NDP N1N C6N  sing N N 312 
NDP C2N C3N  doub N N 313 
NDP C2N H2N  sing N N 314 
NDP C3N C7N  sing N N 315 
NDP C3N C4N  sing N N 316 
NDP C7N O7N  doub N N 317 
NDP C7N N7N  sing N N 318 
NDP N7N H71N sing N N 319 
NDP N7N H72N sing N N 320 
NDP C4N C5N  sing N N 321 
NDP C4N H41N sing N N 322 
NDP C4N H42N sing N N 323 
NDP C5N C6N  doub N N 324 
NDP C5N H5N  sing N N 325 
NDP C6N H6N  sing N N 326 
NDP P2B O1X  doub N N 327 
NDP P2B O2X  sing N N 328 
NDP P2B O3X  sing N N 329 
NDP O2X HOP2 sing N N 330 
NDP O3X HOP3 sing N N 331 
PHE N   CA   sing N N 332 
PHE N   H    sing N N 333 
PHE N   H2   sing N N 334 
PHE CA  C    sing N N 335 
PHE CA  CB   sing N N 336 
PHE CA  HA   sing N N 337 
PHE C   O    doub N N 338 
PHE C   OXT  sing N N 339 
PHE CB  CG   sing N N 340 
PHE CB  HB2  sing N N 341 
PHE CB  HB3  sing N N 342 
PHE CG  CD1  doub Y N 343 
PHE CG  CD2  sing Y N 344 
PHE CD1 CE1  sing Y N 345 
PHE CD1 HD1  sing N N 346 
PHE CD2 CE2  doub Y N 347 
PHE CD2 HD2  sing N N 348 
PHE CE1 CZ   doub Y N 349 
PHE CE1 HE1  sing N N 350 
PHE CE2 CZ   sing Y N 351 
PHE CE2 HE2  sing N N 352 
PHE CZ  HZ   sing N N 353 
PHE OXT HXT  sing N N 354 
PRO N   CA   sing N N 355 
PRO N   CD   sing N N 356 
PRO N   H    sing N N 357 
PRO CA  C    sing N N 358 
PRO CA  CB   sing N N 359 
PRO CA  HA   sing N N 360 
PRO C   O    doub N N 361 
PRO C   OXT  sing N N 362 
PRO CB  CG   sing N N 363 
PRO CB  HB2  sing N N 364 
PRO CB  HB3  sing N N 365 
PRO CG  CD   sing N N 366 
PRO CG  HG2  sing N N 367 
PRO CG  HG3  sing N N 368 
PRO CD  HD2  sing N N 369 
PRO CD  HD3  sing N N 370 
PRO OXT HXT  sing N N 371 
SER N   CA   sing N N 372 
SER N   H    sing N N 373 
SER N   H2   sing N N 374 
SER CA  C    sing N N 375 
SER CA  CB   sing N N 376 
SER CA  HA   sing N N 377 
SER C   O    doub N N 378 
SER C   OXT  sing N N 379 
SER CB  OG   sing N N 380 
SER CB  HB2  sing N N 381 
SER CB  HB3  sing N N 382 
SER OG  HG   sing N N 383 
SER OXT HXT  sing N N 384 
THR N   CA   sing N N 385 
THR N   H    sing N N 386 
THR N   H2   sing N N 387 
THR CA  C    sing N N 388 
THR CA  CB   sing N N 389 
THR CA  HA   sing N N 390 
THR C   O    doub N N 391 
THR C   OXT  sing N N 392 
THR CB  OG1  sing N N 393 
THR CB  CG2  sing N N 394 
THR CB  HB   sing N N 395 
THR OG1 HG1  sing N N 396 
THR CG2 HG21 sing N N 397 
THR CG2 HG22 sing N N 398 
THR CG2 HG23 sing N N 399 
THR OXT HXT  sing N N 400 
TRP N   CA   sing N N 401 
TRP N   H    sing N N 402 
TRP N   H2   sing N N 403 
TRP CA  C    sing N N 404 
TRP CA  CB   sing N N 405 
TRP CA  HA   sing N N 406 
TRP C   O    doub N N 407 
TRP C   OXT  sing N N 408 
TRP CB  CG   sing N N 409 
TRP CB  HB2  sing N N 410 
TRP CB  HB3  sing N N 411 
TRP CG  CD1  doub Y N 412 
TRP CG  CD2  sing Y N 413 
TRP CD1 NE1  sing Y N 414 
TRP CD1 HD1  sing N N 415 
TRP CD2 CE2  doub Y N 416 
TRP CD2 CE3  sing Y N 417 
TRP NE1 CE2  sing Y N 418 
TRP NE1 HE1  sing N N 419 
TRP CE2 CZ2  sing Y N 420 
TRP CE3 CZ3  doub Y N 421 
TRP CE3 HE3  sing N N 422 
TRP CZ2 CH2  doub Y N 423 
TRP CZ2 HZ2  sing N N 424 
TRP CZ3 CH2  sing Y N 425 
TRP CZ3 HZ3  sing N N 426 
TRP CH2 HH2  sing N N 427 
TRP OXT HXT  sing N N 428 
TYR N   CA   sing N N 429 
TYR N   H    sing N N 430 
TYR N   H2   sing N N 431 
TYR CA  C    sing N N 432 
TYR CA  CB   sing N N 433 
TYR CA  HA   sing N N 434 
TYR C   O    doub N N 435 
TYR C   OXT  sing N N 436 
TYR CB  CG   sing N N 437 
TYR CB  HB2  sing N N 438 
TYR CB  HB3  sing N N 439 
TYR CG  CD1  doub Y N 440 
TYR CG  CD2  sing Y N 441 
TYR CD1 CE1  sing Y N 442 
TYR CD1 HD1  sing N N 443 
TYR CD2 CE2  doub Y N 444 
TYR CD2 HD2  sing N N 445 
TYR CE1 CZ   doub Y N 446 
TYR CE1 HE1  sing N N 447 
TYR CE2 CZ   sing Y N 448 
TYR CE2 HE2  sing N N 449 
TYR CZ  OH   sing N N 450 
TYR OH  HH   sing N N 451 
TYR OXT HXT  sing N N 452 
VAL N   CA   sing N N 453 
VAL N   H    sing N N 454 
VAL N   H2   sing N N 455 
VAL CA  C    sing N N 456 
VAL CA  CB   sing N N 457 
VAL CA  HA   sing N N 458 
VAL C   O    doub N N 459 
VAL C   OXT  sing N N 460 
VAL CB  CG1  sing N N 461 
VAL CB  CG2  sing N N 462 
VAL CB  HB   sing N N 463 
VAL CG1 HG11 sing N N 464 
VAL CG1 HG12 sing N N 465 
VAL CG1 HG13 sing N N 466 
VAL CG2 HG21 sing N N 467 
VAL CG2 HG22 sing N N 468 
VAL CG2 HG23 sing N N 469 
VAL OXT HXT  sing N N 470 
WRB C1  N2   sing N N 471 
WRB C1  N6   sing N N 472 
WRB C1  CM1  sing N N 473 
WRB C1  CM2  sing N N 474 
WRB N2  C3   doub N N 475 
WRB C3  N4   sing N N 476 
WRB C3  NH1  sing N N 477 
WRB N4  C5   doub N N 478 
WRB C5  N6   sing N N 479 
WRB C5  NH2  sing N N 480 
WRB N6  O7   sing N N 481 
WRB O7  C8   sing N N 482 
WRB C8  C9   sing N N 483 
WRB C8  H81  sing N N 484 
WRB C8  H82  sing N N 485 
WRB C9  C10  sing N N 486 
WRB C9  H91  sing N N 487 
WRB C9  H92  sing N N 488 
WRB C10 O11  sing N N 489 
WRB C10 H101 sing N N 490 
WRB C10 H102 sing N N 491 
WRB O11 C12  sing N N 492 
WRB C12 C13  doub Y N 493 
WRB C12 C15  sing Y N 494 
WRB C13 C14  sing Y N 495 
WRB C13 H131 sing N N 496 
WRB C14 C17  doub Y N 497 
WRB C14 H141 sing N N 498 
WRB C15 C16  doub Y N 499 
WRB C15 H151 sing N N 500 
WRB C16 C17  sing Y N 501 
WRB C16 H161 sing N N 502 
WRB C17 BR   sing N N 503 
WRB CM1 HM11 sing N N 504 
WRB CM1 HM12 sing N N 505 
WRB CM1 HM13 sing N N 506 
WRB CM2 HM21 sing N N 507 
WRB CM2 HM22 sing N N 508 
WRB CM2 HM23 sing N N 509 
WRB NH1 HN11 sing N N 510 
WRB NH1 HN12 sing N N 511 
WRB NH2 HN21 sing N N 512 
WRB NH2 HN22 sing N N 513 
# 
_atom_sites.entry_id                    1DG7 
_atom_sites.fract_transf_matrix[1][1]   -0.00887790 
_atom_sites.fract_transf_matrix[1][2]   -0.00173206 
_atom_sites.fract_transf_matrix[1][3]   -0.01379137 
_atom_sites.fract_transf_matrix[2][1]   0.00538880 
_atom_sites.fract_transf_matrix[2][2]   -0.01551347 
_atom_sites.fract_transf_matrix[2][3]   -0.00152059 
_atom_sites.fract_transf_matrix[3][1]   -0.01313810 
_atom_sites.fract_transf_matrix[3][2]   -0.00545987 
_atom_sites.fract_transf_matrix[3][3]   0.00914308 
_atom_sites.fract_transf_vector[1]      0.130860 
_atom_sites.fract_transf_vector[2]      0.339567 
_atom_sites.fract_transf_vector[3]      0.156809 
# 
loop_
_atom_type.symbol 
BR 
C  
N  
O  
P  
S  
# 
loop_
_atom_site.group_PDB 
_atom_site.id 
_atom_site.type_symbol 
_atom_site.label_atom_id 
_atom_site.label_alt_id 
_atom_site.label_comp_id 
_atom_site.label_asym_id 
_atom_site.label_entity_id 
_atom_site.label_seq_id 
_atom_site.pdbx_PDB_ins_code 
_atom_site.Cartn_x 
_atom_site.Cartn_y 
_atom_site.Cartn_z 
_atom_site.occupancy 
_atom_site.B_iso_or_equiv 
_atom_site.pdbx_formal_charge 
_atom_site.auth_seq_id 
_atom_site.auth_comp_id 
_atom_site.auth_asym_id 
_atom_site.auth_atom_id 
_atom_site.pdbx_PDB_model_num 
ATOM   1    N  N   . MET A 1 1   ? 6.532   14.970  3.272   1.00 26.86 ? 1   MET A N   1 
ATOM   2    C  CA  . MET A 1 1   ? 6.719   13.854  2.298   1.00 25.85 ? 1   MET A CA  1 
ATOM   3    C  C   . MET A 1 1   ? 5.652   12.770  2.490   1.00 24.27 ? 1   MET A C   1 
ATOM   4    O  O   . MET A 1 1   ? 5.502   12.211  3.589   1.00 24.28 ? 1   MET A O   1 
ATOM   5    C  CB  . MET A 1 1   ? 8.114   13.230  2.476   1.00 27.90 ? 1   MET A CB  1 
ATOM   6    C  CG  . MET A 1 1   ? 8.573   12.222  1.378   1.00 30.57 ? 1   MET A CG  1 
ATOM   7    S  SD  . MET A 1 1   ? 7.741   10.563  1.228   1.00 33.17 ? 1   MET A SD  1 
ATOM   8    C  CE  . MET A 1 1   ? 8.371   9.693   2.642   1.00 31.42 ? 1   MET A CE  1 
ATOM   9    N  N   . VAL A 1 2   ? 4.871   12.528  1.436   1.00 21.04 ? 2   VAL A N   1 
ATOM   10   C  CA  . VAL A 1 2   ? 3.862   11.480  1.458   1.00 17.56 ? 2   VAL A CA  1 
ATOM   11   C  C   . VAL A 1 2   ? 4.274   10.471  0.402   1.00 16.01 ? 2   VAL A C   1 
ATOM   12   O  O   . VAL A 1 2   ? 4.607   10.843  -0.728  1.00 15.79 ? 2   VAL A O   1 
ATOM   13   C  CB  . VAL A 1 2   ? 2.456   12.007  1.147   1.00 17.01 ? 2   VAL A CB  1 
ATOM   14   C  CG1 . VAL A 1 2   ? 1.484   10.844  0.965   1.00 16.22 ? 2   VAL A CG1 1 
ATOM   15   C  CG2 . VAL A 1 2   ? 1.975   12.897  2.291   1.00 17.09 ? 2   VAL A CG2 1 
ATOM   16   N  N   . GLY A 1 3   ? 4.330   9.204   0.794   1.00 14.47 ? 3   GLY A N   1 
ATOM   17   C  CA  . GLY A 1 3   ? 4.694   8.162   -0.150  1.00 12.69 ? 3   GLY A CA  1 
ATOM   18   C  C   . GLY A 1 3   ? 3.619   7.095   -0.227  1.00 11.10 ? 3   GLY A C   1 
ATOM   19   O  O   . GLY A 1 3   ? 2.841   6.927   0.712   1.00 10.81 ? 3   GLY A O   1 
ATOM   20   N  N   . LEU A 1 4   ? 3.488   6.453   -1.384  1.00 10.99 ? 4   LEU A N   1 
ATOM   21   C  CA  . LEU A 1 4   ? 2.522   5.359   -1.533  1.00 11.19 ? 4   LEU A CA  1 
ATOM   22   C  C   . LEU A 1 4   ? 3.335   4.071   -1.712  1.00 11.00 ? 4   LEU A C   1 
ATOM   23   O  O   . LEU A 1 4   ? 4.360   4.087   -2.386  1.00 11.11 ? 4   LEU A O   1 
ATOM   24   C  CB  . LEU A 1 4   ? 1.639   5.560   -2.773  1.00 13.03 ? 4   LEU A CB  1 
ATOM   25   C  CG  . LEU A 1 4   ? 0.248   6.200   -2.671  1.00 14.73 ? 4   LEU A CG  1 
ATOM   26   C  CD1 . LEU A 1 4   ? 0.324   7.558   -2.043  1.00 15.02 ? 4   LEU A CD1 1 
ATOM   27   C  CD2 . LEU A 1 4   ? -0.353  6.305   -4.074  1.00 14.77 ? 4   LEU A CD2 1 
ATOM   28   N  N   . ILE A 1 5   ? 2.944   2.982   -1.065  1.00 11.12 ? 5   ILE A N   1 
ATOM   29   C  CA  . ILE A 1 5   ? 3.669   1.715   -1.265  1.00 11.82 ? 5   ILE A CA  1 
ATOM   30   C  C   . ILE A 1 5   ? 2.666   0.599   -1.518  1.00 11.26 ? 5   ILE A C   1 
ATOM   31   O  O   . ILE A 1 5   ? 1.681   0.455   -0.797  1.00 11.63 ? 5   ILE A O   1 
ATOM   32   C  CB  . ILE A 1 5   ? 4.642   1.368   -0.089  1.00 11.76 ? 5   ILE A CB  1 
ATOM   33   C  CG1 . ILE A 1 5   ? 5.410   0.071   -0.388  1.00 12.48 ? 5   ILE A CG1 1 
ATOM   34   C  CG2 . ILE A 1 5   ? 3.900   1.249   1.228   1.00 11.66 ? 5   ILE A CG2 1 
ATOM   35   C  CD1 . ILE A 1 5   ? 6.583   -0.164  0.557   1.00 12.52 ? 5   ILE A CD1 1 
ATOM   36   N  N   . TRP A 1 6   ? 2.865   -0.135  -2.607  1.00 11.44 ? 6   TRP A N   1 
ATOM   37   C  CA  . TRP A 1 6   ? 1.944   -1.215  -2.933  1.00 11.99 ? 6   TRP A CA  1 
ATOM   38   C  C   . TRP A 1 6   ? 2.591   -2.315  -3.787  1.00 12.79 ? 6   TRP A C   1 
ATOM   39   O  O   . TRP A 1 6   ? 3.666   -2.106  -4.365  1.00 12.57 ? 6   TRP A O   1 
ATOM   40   C  CB  . TRP A 1 6   ? 0.711   -0.653  -3.669  1.00 12.35 ? 6   TRP A CB  1 
ATOM   41   C  CG  . TRP A 1 6   ? 0.927   -0.287  -5.129  1.00 12.94 ? 6   TRP A CG  1 
ATOM   42   C  CD1 . TRP A 1 6   ? 0.899   -1.135  -6.202  1.00 13.25 ? 6   TRP A CD1 1 
ATOM   43   C  CD2 . TRP A 1 6   ? 1.146   1.024   -5.665  1.00 13.58 ? 6   TRP A CD2 1 
ATOM   44   N  NE1 . TRP A 1 6   ? 1.084   -0.438  -7.375  1.00 12.96 ? 6   TRP A NE1 1 
ATOM   45   C  CE2 . TRP A 1 6   ? 1.237   0.891   -7.076  1.00 14.04 ? 6   TRP A CE2 1 
ATOM   46   C  CE3 . TRP A 1 6   ? 1.267   2.302   -5.095  1.00 14.17 ? 6   TRP A CE3 1 
ATOM   47   C  CZ2 . TRP A 1 6   ? 1.441   1.987   -7.922  1.00 14.31 ? 6   TRP A CZ2 1 
ATOM   48   C  CZ3 . TRP A 1 6   ? 1.473   3.392   -5.935  1.00 14.85 ? 6   TRP A CZ3 1 
ATOM   49   C  CH2 . TRP A 1 6   ? 1.557   3.227   -7.334  1.00 14.95 ? 6   TRP A CH2 1 
ATOM   50   N  N   . ALA A 1 7   ? 1.934   -3.479  -3.836  1.00 12.80 ? 7   ALA A N   1 
ATOM   51   C  CA  . ALA A 1 7   ? 2.384   -4.606  -4.654  1.00 14.07 ? 7   ALA A CA  1 
ATOM   52   C  C   . ALA A 1 7   ? 1.192   -4.914  -5.559  1.00 13.93 ? 7   ALA A C   1 
ATOM   53   O  O   . ALA A 1 7   ? 0.058   -5.051  -5.083  1.00 13.64 ? 7   ALA A O   1 
ATOM   54   C  CB  . ALA A 1 7   ? 2.713   -5.824  -3.789  1.00 13.76 ? 7   ALA A CB  1 
ATOM   55   N  N   . GLN A 1 8   ? 1.456   -5.016  -6.861  1.00 14.47 ? 8   GLN A N   1 
ATOM   56   C  CA  . GLN A 1 8   ? 0.409   -5.286  -7.841  1.00 14.98 ? 8   GLN A CA  1 
ATOM   57   C  C   . GLN A 1 8   ? 0.798   -6.344  -8.855  1.00 14.63 ? 8   GLN A C   1 
ATOM   58   O  O   . GLN A 1 8   ? 1.972   -6.520  -9.177  1.00 14.85 ? 8   GLN A O   1 
ATOM   59   C  CB  . GLN A 1 8   ? 0.090   -4.015  -8.650  1.00 14.28 ? 8   GLN A CB  1 
ATOM   60   C  CG  . GLN A 1 8   ? 1.253   -3.554  -9.541  1.00 14.48 ? 8   GLN A CG  1 
ATOM   61   C  CD  . GLN A 1 8   ? 0.880   -2.463  -10.516 1.00 15.54 ? 8   GLN A CD  1 
ATOM   62   O  OE1 . GLN A 1 8   ? 0.907   -1.277  -10.176 1.00 15.37 ? 8   GLN A OE1 1 
ATOM   63   N  NE2 . GLN A 1 8   ? 0.562   -2.852  -11.753 1.00 15.40 ? 8   GLN A NE2 1 
ATOM   64   N  N   . ALA A 1 9   ? -0.224  -7.012  -9.373  1.00 15.73 ? 9   ALA A N   1 
ATOM   65   C  CA  . ALA A 1 9   ? -0.052  -7.973  -10.443 1.00 16.87 ? 9   ALA A CA  1 
ATOM   66   C  C   . ALA A 1 9   ? 0.227   -7.065  -11.643 1.00 17.53 ? 9   ALA A C   1 
ATOM   67   O  O   . ALA A 1 9   ? -0.078  -5.869  -11.609 1.00 18.14 ? 9   ALA A O   1 
ATOM   68   C  CB  . ALA A 1 9   ? -1.344  -8.723  -10.657 1.00 16.21 ? 9   ALA A CB  1 
ATOM   69   N  N   . THR A 1 10  ? 0.802   -7.599  -12.704 1.00 18.01 ? 10  THR A N   1 
ATOM   70   C  CA  . THR A 1 10  ? 1.077   -6.774  -13.873 1.00 19.05 ? 10  THR A CA  1 
ATOM   71   C  C   . THR A 1 10  ? -0.184  -6.038  -14.356 1.00 18.81 ? 10  THR A C   1 
ATOM   72   O  O   . THR A 1 10  ? -0.120  -4.880  -14.770 1.00 19.21 ? 10  THR A O   1 
ATOM   73   C  CB  . THR A 1 10  ? 1.679   -7.638  -15.008 1.00 19.76 ? 10  THR A CB  1 
ATOM   74   O  OG1 . THR A 1 10  ? 2.933   -8.151  -14.558 1.00 20.73 ? 10  THR A OG1 1 
ATOM   75   C  CG2 . THR A 1 10  ? 1.914   -6.818  -16.280 1.00 19.58 ? 10  THR A CG2 1 
ATOM   76   N  N   . SER A 1 11  ? -1.329  -6.696  -14.210 1.00 18.72 ? 11  SER A N   1 
ATOM   77   C  CA  . SER A 1 11  ? -2.628  -6.180  -14.622 1.00 19.00 ? 11  SER A CA  1 
ATOM   78   C  C   . SER A 1 11  ? -3.121  -4.941  -13.847 1.00 19.08 ? 11  SER A C   1 
ATOM   79   O  O   . SER A 1 11  ? -4.008  -4.218  -14.319 1.00 18.44 ? 11  SER A O   1 
ATOM   80   C  CB  . SER A 1 11  ? -3.660  -7.276  -14.466 1.00 18.66 ? 11  SER A CB  1 
ATOM   81   O  OG  . SER A 1 11  ? -3.740  -7.657  -13.108 1.00 19.26 ? 11  SER A OG  1 
ATOM   82   N  N   . GLY A 1 12  ? -2.578  -4.734  -12.648 1.00 18.43 ? 12  GLY A N   1 
ATOM   83   C  CA  . GLY A 1 12  ? -2.990  -3.607  -11.830 1.00 16.41 ? 12  GLY A CA  1 
ATOM   84   C  C   . GLY A 1 12  ? -3.760  -4.060  -10.607 1.00 15.93 ? 12  GLY A C   1 
ATOM   85   O  O   . GLY A 1 12  ? -3.989  -3.267  -9.701  1.00 15.75 ? 12  GLY A O   1 
ATOM   86   N  N   . VAL A 1 13  ? -4.166  -5.331  -10.565 1.00 14.98 ? 13  VAL A N   1 
ATOM   87   C  CA  . VAL A 1 13  ? -4.905  -5.888  -9.424  1.00 14.97 ? 13  VAL A CA  1 
ATOM   88   C  C   . VAL A 1 13  ? -4.037  -5.912  -8.146  1.00 14.26 ? 13  VAL A C   1 
ATOM   89   O  O   . VAL A 1 13  ? -2.896  -6.367  -8.182  1.00 15.21 ? 13  VAL A O   1 
ATOM   90   C  CB  . VAL A 1 13  ? -5.407  -7.346  -9.737  1.00 14.89 ? 13  VAL A CB  1 
ATOM   91   C  CG1 . VAL A 1 13  ? -6.106  -7.971  -8.528  1.00 13.79 ? 13  VAL A CG1 1 
ATOM   92   C  CG2 . VAL A 1 13  ? -6.359  -7.316  -10.909 1.00 14.53 ? 13  VAL A CG2 1 
ATOM   93   N  N   . ILE A 1 14  ? -4.565  -5.385  -7.041  1.00 14.31 ? 14  ILE A N   1 
ATOM   94   C  CA  . ILE A 1 14  ? -3.848  -5.367  -5.771  1.00 14.12 ? 14  ILE A CA  1 
ATOM   95   C  C   . ILE A 1 14  ? -4.639  -6.094  -4.696  1.00 15.22 ? 14  ILE A C   1 
ATOM   96   O  O   . ILE A 1 14  ? -4.093  -6.458  -3.654  1.00 16.08 ? 14  ILE A O   1 
ATOM   97   C  CB  . ILE A 1 14  ? -3.537  -3.914  -5.259  1.00 13.35 ? 14  ILE A CB  1 
ATOM   98   C  CG1 . ILE A 1 14  ? -4.827  -3.143  -4.982  1.00 13.04 ? 14  ILE A CG1 1 
ATOM   99   C  CG2 . ILE A 1 14  ? -2.639  -3.176  -6.233  1.00 12.57 ? 14  ILE A CG2 1 
ATOM   100  C  CD1 . ILE A 1 14  ? -4.612  -1.877  -4.126  1.00 12.79 ? 14  ILE A CD1 1 
ATOM   101  N  N   . GLY A 1 15  ? -5.930  -6.309  -4.947  1.00 15.27 ? 15  GLY A N   1 
ATOM   102  C  CA  . GLY A 1 15  ? -6.780  -6.984  -3.984  1.00 15.37 ? 15  GLY A CA  1 
ATOM   103  C  C   . GLY A 1 15  ? -8.024  -7.593  -4.608  1.00 16.62 ? 15  GLY A C   1 
ATOM   104  O  O   . GLY A 1 15  ? -8.550  -7.072  -5.594  1.00 16.24 ? 15  GLY A O   1 
ATOM   105  N  N   . ARG A 1 16  ? -8.489  -8.702  -4.034  1.00 17.63 ? 16  ARG A N   1 
ATOM   106  C  CA  . ARG A 1 16  ? -9.680  -9.419  -4.507  1.00 19.10 ? 16  ARG A CA  1 
ATOM   107  C  C   . ARG A 1 16  ? -10.268 -10.201 -3.342  1.00 19.97 ? 16  ARG A C   1 
ATOM   108  O  O   . ARG A 1 16  ? -9.533  -10.876 -2.623  1.00 20.73 ? 16  ARG A O   1 
ATOM   109  C  CB  . ARG A 1 16  ? -9.329  -10.381 -5.654  1.00 18.99 ? 16  ARG A CB  1 
ATOM   110  C  CG  . ARG A 1 16  ? -10.534 -11.117 -6.229  1.00 17.82 ? 16  ARG A CG  1 
ATOM   111  C  CD  . ARG A 1 16  ? -10.164 -11.888 -7.471  1.00 17.74 ? 16  ARG A CD  1 
ATOM   112  N  NE  . ARG A 1 16  ? -9.788  -11.017 -8.576  1.00 17.13 ? 16  ARG A NE  1 
ATOM   113  C  CZ  . ARG A 1 16  ? -9.121  -11.418 -9.651  1.00 17.59 ? 16  ARG A CZ  1 
ATOM   114  N  NH1 . ARG A 1 16  ? -8.748  -12.684 -9.764  1.00 18.45 ? 16  ARG A NH1 1 
ATOM   115  N  NH2 . ARG A 1 16  ? -8.826  -10.568 -10.620 1.00 17.22 ? 16  ARG A NH2 1 
ATOM   116  N  N   . GLY A 1 17  ? -11.577 -10.067 -3.134  1.00 21.02 ? 17  GLY A N   1 
ATOM   117  C  CA  . GLY A 1 17  ? -12.253 -10.757 -2.043  1.00 21.99 ? 17  GLY A CA  1 
ATOM   118  C  C   . GLY A 1 17  ? -11.733 -10.409 -0.653  1.00 22.78 ? 17  GLY A C   1 
ATOM   119  O  O   . GLY A 1 17  ? -11.807 -11.216 0.265   1.00 22.78 ? 17  GLY A O   1 
ATOM   120  N  N   . GLY A 1 18  ? -11.223 -9.193  -0.489  1.00 23.82 ? 18  GLY A N   1 
ATOM   121  C  CA  . GLY A 1 18  ? -10.696 -8.778  0.802   1.00 25.08 ? 18  GLY A CA  1 
ATOM   122  C  C   . GLY A 1 18  ? -9.275  -9.245  1.096   1.00 25.52 ? 18  GLY A C   1 
ATOM   123  O  O   . GLY A 1 18  ? -8.773  -9.036  2.198   1.00 26.03 ? 18  GLY A O   1 
ATOM   124  N  N   . ASP A 1 19  ? -8.622  -9.838  0.099   1.00 26.60 ? 19  ASP A N   1 
ATOM   125  C  CA  . ASP A 1 19  ? -7.261  -10.361 0.238   1.00 27.80 ? 19  ASP A CA  1 
ATOM   126  C  C   . ASP A 1 19  ? -6.355  -9.836  -0.846  1.00 26.46 ? 19  ASP A C   1 
ATOM   127  O  O   . ASP A 1 19  ? -6.783  -9.119  -1.750  1.00 25.69 ? 19  ASP A O   1 
ATOM   128  C  CB  . ASP A 1 19  ? -7.238  -11.880 0.007   1.00 31.55 ? 19  ASP A CB  1 
ATOM   129  C  CG  . ASP A 1 19  ? -7.812  -12.666 1.144   1.00 34.54 ? 19  ASP A CG  1 
ATOM   130  O  OD1 . ASP A 1 19  ? -8.731  -13.489 0.889   1.00 36.78 ? 19  ASP A OD1 1 
ATOM   131  O  OD2 . ASP A 1 19  ? -7.306  -12.499 2.277   1.00 37.62 ? 19  ASP A OD2 1 
ATOM   132  N  N   . ILE A 1 20  ? -5.114  -10.313 -0.782  1.00 25.12 ? 20  ILE A N   1 
ATOM   133  C  CA  . ILE A 1 20  ? -4.081  -10.037 -1.766  1.00 24.45 ? 20  ILE A CA  1 
ATOM   134  C  C   . ILE A 1 20  ? -3.981  -11.414 -2.442  1.00 24.76 ? 20  ILE A C   1 
ATOM   135  O  O   . ILE A 1 20  ? -3.593  -12.401 -1.814  1.00 24.11 ? 20  ILE A O   1 
ATOM   136  C  CB  . ILE A 1 20  ? -2.766  -9.623  -1.110  1.00 23.75 ? 20  ILE A CB  1 
ATOM   137  C  CG1 . ILE A 1 20  ? -2.955  -8.264  -0.432  1.00 24.00 ? 20  ILE A CG1 1 
ATOM   138  C  CG2 . ILE A 1 20  ? -1.668  -9.554  -2.147  1.00 23.46 ? 20  ILE A CG2 1 
ATOM   139  C  CD1 . ILE A 1 20  ? -1.718  -7.718  0.246   1.00 23.89 ? 20  ILE A CD1 1 
ATOM   140  N  N   . PRO A 1 21  ? -4.394  -11.498 -3.721  1.00 24.61 ? 21  PRO A N   1 
ATOM   141  C  CA  . PRO A 1 21  ? -4.401  -12.722 -4.533  1.00 24.57 ? 21  PRO A CA  1 
ATOM   142  C  C   . PRO A 1 21  ? -3.074  -13.372 -4.944  1.00 25.25 ? 21  PRO A C   1 
ATOM   143  O  O   . PRO A 1 21  ? -2.910  -13.823 -6.087  1.00 25.84 ? 21  PRO A O   1 
ATOM   144  C  CB  . PRO A 1 21  ? -5.278  -12.332 -5.723  1.00 23.98 ? 21  PRO A CB  1 
ATOM   145  C  CG  . PRO A 1 21  ? -4.962  -10.880 -5.908  1.00 24.34 ? 21  PRO A CG  1 
ATOM   146  C  CD  . PRO A 1 21  ? -4.897  -10.341 -4.496  1.00 24.84 ? 21  PRO A CD  1 
ATOM   147  N  N   . TRP A 1 22  ? -2.138  -13.429 -3.998  1.00 25.06 ? 22  TRP A N   1 
ATOM   148  C  CA  . TRP A 1 22  ? -0.833  -14.058 -4.209  1.00 24.91 ? 22  TRP A CA  1 
ATOM   149  C  C   . TRP A 1 22  ? -0.058  -14.095 -2.904  1.00 26.27 ? 22  TRP A C   1 
ATOM   150  O  O   . TRP A 1 22  ? -0.439  -13.470 -1.906  1.00 26.13 ? 22  TRP A O   1 
ATOM   151  C  CB  . TRP A 1 22  ? 0.009   -13.353 -5.283  1.00 22.80 ? 22  TRP A CB  1 
ATOM   152  C  CG  . TRP A 1 22  ? 0.385   -11.928 -4.947  1.00 21.73 ? 22  TRP A CG  1 
ATOM   153  C  CD1 . TRP A 1 22  ? 1.390   -11.508 -4.117  1.00 20.86 ? 22  TRP A CD1 1 
ATOM   154  C  CD2 . TRP A 1 22  ? -0.239  -10.742 -5.451  1.00 20.79 ? 22  TRP A CD2 1 
ATOM   155  N  NE1 . TRP A 1 22  ? 1.426   -10.139 -4.078  1.00 19.93 ? 22  TRP A NE1 1 
ATOM   156  C  CE2 . TRP A 1 22  ? 0.436   -9.643  -4.885  1.00 20.33 ? 22  TRP A CE2 1 
ATOM   157  C  CE3 . TRP A 1 22  ? -1.306  -10.504 -6.331  1.00 19.85 ? 22  TRP A CE3 1 
ATOM   158  C  CZ2 . TRP A 1 22  ? 0.078   -8.319  -5.168  1.00 19.38 ? 22  TRP A CZ2 1 
ATOM   159  C  CZ3 . TRP A 1 22  ? -1.657  -9.187  -6.610  1.00 19.29 ? 22  TRP A CZ3 1 
ATOM   160  C  CH2 . TRP A 1 22  ? -0.965  -8.113  -6.026  1.00 18.66 ? 22  TRP A CH2 1 
ATOM   161  N  N   . ARG A 1 23  ? 1.051   -14.819 -2.943  1.00 27.94 ? 23  ARG A N   1 
ATOM   162  C  CA  . ARG A 1 23  ? 1.938   -14.986 -1.802  1.00 30.09 ? 23  ARG A CA  1 
ATOM   163  C  C   . ARG A 1 23  ? 3.329   -14.602 -2.276  1.00 29.53 ? 23  ARG A C   1 
ATOM   164  O  O   . ARG A 1 23  ? 3.777   -15.032 -3.343  1.00 30.26 ? 23  ARG A O   1 
ATOM   165  C  CB  . ARG A 1 23  ? 1.921   -16.443 -1.308  1.00 32.91 ? 23  ARG A CB  1 
ATOM   166  C  CG  . ARG A 1 23  ? 1.167   -17.439 -2.225  1.00 36.47 ? 23  ARG A CG  1 
ATOM   167  C  CD  . ARG A 1 23  ? 1.712   -17.467 -3.677  1.00 38.38 ? 23  ARG A CD  1 
ATOM   168  N  NE  . ARG A 1 23  ? 0.649   -17.185 -4.646  1.00 39.91 ? 23  ARG A NE  1 
ATOM   169  C  CZ  . ARG A 1 23  ? 0.791   -17.246 -5.968  1.00 40.53 ? 23  ARG A CZ  1 
ATOM   170  N  NH1 . ARG A 1 23  ? 1.961   -17.573 -6.504  1.00 41.66 ? 23  ARG A NH1 1 
ATOM   171  N  NH2 . ARG A 1 23  ? -0.255  -17.025 -6.758  1.00 41.52 ? 23  ARG A NH2 1 
ATOM   172  N  N   . LEU A 1 24  ? 3.986   -13.750 -1.511  1.00 29.01 ? 24  LEU A N   1 
ATOM   173  C  CA  . LEU A 1 24  ? 5.312   -13.274 -1.861  1.00 29.31 ? 24  LEU A CA  1 
ATOM   174  C  C   . LEU A 1 24  ? 5.910   -12.717 -0.579  1.00 29.23 ? 24  LEU A C   1 
ATOM   175  O  O   . LEU A 1 24  ? 5.896   -11.509 -0.342  1.00 29.32 ? 24  LEU A O   1 
ATOM   176  C  CB  . LEU A 1 24  ? 5.194   -12.193 -2.949  1.00 29.45 ? 24  LEU A CB  1 
ATOM   177  C  CG  . LEU A 1 24  ? 6.387   -11.351 -3.415  1.00 29.47 ? 24  LEU A CG  1 
ATOM   178  C  CD1 . LEU A 1 24  ? 7.611   -12.189 -3.669  1.00 29.41 ? 24  LEU A CD1 1 
ATOM   179  C  CD2 . LEU A 1 24  ? 5.995   -10.603 -4.654  1.00 29.26 ? 24  LEU A CD2 1 
ATOM   180  N  N   . PRO A 1 25  ? 6.439   -13.607 0.278   1.00 29.39 ? 25  PRO A N   1 
ATOM   181  C  CA  . PRO A 1 25  ? 7.045   -13.232 1.560   1.00 29.14 ? 25  PRO A CA  1 
ATOM   182  C  C   . PRO A 1 25  ? 8.184   -12.217 1.454   1.00 28.33 ? 25  PRO A C   1 
ATOM   183  O  O   . PRO A 1 25  ? 8.389   -11.412 2.376   1.00 28.66 ? 25  PRO A O   1 
ATOM   184  C  CB  . PRO A 1 25  ? 7.496   -14.577 2.134   1.00 29.49 ? 25  PRO A CB  1 
ATOM   185  C  CG  . PRO A 1 25  ? 7.758   -15.394 0.911   1.00 30.12 ? 25  PRO A CG  1 
ATOM   186  C  CD  . PRO A 1 25  ? 6.588   -15.052 0.036   1.00 30.12 ? 25  PRO A CD  1 
ATOM   187  N  N   . GLU A 1 26  ? 8.885   -12.223 0.321   1.00 27.06 ? 26  GLU A N   1 
ATOM   188  C  CA  . GLU A 1 26  ? 9.982   -11.297 0.094   1.00 26.34 ? 26  GLU A CA  1 
ATOM   189  C  C   . GLU A 1 26  ? 9.463   -9.864  -0.012  1.00 26.04 ? 26  GLU A C   1 
ATOM   190  O  O   . GLU A 1 26  ? 10.194  -8.914  0.251   1.00 25.99 ? 26  GLU A O   1 
ATOM   191  C  CB  . GLU A 1 26  ? 10.765  -11.667 -1.166  1.00 26.98 ? 26  GLU A CB  1 
ATOM   192  C  CG  . GLU A 1 26  ? 11.459  -13.051 -1.118  1.00 27.86 ? 26  GLU A CG  1 
ATOM   193  C  CD  . GLU A 1 26  ? 10.584  -14.213 -1.618  1.00 28.43 ? 26  GLU A CD  1 
ATOM   194  O  OE1 . GLU A 1 26  ? 9.345   -14.078 -1.712  1.00 27.70 ? 26  GLU A OE1 1 
ATOM   195  O  OE2 . GLU A 1 26  ? 11.151  -15.284 -1.917  1.00 28.65 ? 26  GLU A OE2 1 
ATOM   196  N  N   . ASP A 1 27  ? 8.210   -9.702  -0.423  1.00 25.23 ? 27  ASP A N   1 
ATOM   197  C  CA  . ASP A 1 27  ? 7.637   -8.363  -0.529  1.00 24.70 ? 27  ASP A CA  1 
ATOM   198  C  C   . ASP A 1 27  ? 7.355   -7.828  0.876   1.00 24.77 ? 27  ASP A C   1 
ATOM   199  O  O   . ASP A 1 27  ? 7.558   -6.644  1.146   1.00 24.62 ? 27  ASP A O   1 
ATOM   200  C  CB  . ASP A 1 27  ? 6.369   -8.380  -1.385  1.00 23.36 ? 27  ASP A CB  1 
ATOM   201  C  CG  . ASP A 1 27  ? 5.641   -7.042  -1.397  1.00 21.35 ? 27  ASP A CG  1 
ATOM   202  O  OD1 . ASP A 1 27  ? 6.161   -6.057  -1.960  1.00 20.63 ? 27  ASP A OD1 1 
ATOM   203  O  OD2 . ASP A 1 27  ? 4.537   -7.000  -0.837  1.00 20.36 ? 27  ASP A OD2 1 
ATOM   204  N  N   . GLN A 1 28  ? 6.931   -8.726  1.765   1.00 25.45 ? 28  GLN A N   1 
ATOM   205  C  CA  . GLN A 1 28  ? 6.633   -8.416  3.171   1.00 26.95 ? 28  GLN A CA  1 
ATOM   206  C  C   . GLN A 1 28  ? 7.831   -7.727  3.847   1.00 25.78 ? 28  GLN A C   1 
ATOM   207  O  O   . GLN A 1 28  ? 7.688   -6.734  4.562   1.00 24.87 ? 28  GLN A O   1 
ATOM   208  C  CB  . GLN A 1 28  ? 6.316   -9.718  3.931   1.00 29.26 ? 28  GLN A CB  1 
ATOM   209  C  CG  . GLN A 1 28  ? 4.934   -9.801  4.559   1.00 33.52 ? 28  GLN A CG  1 
ATOM   210  C  CD  . GLN A 1 28  ? 3.818   -9.974  3.543   1.00 35.50 ? 28  GLN A CD  1 
ATOM   211  O  OE1 . GLN A 1 28  ? 3.242   -11.059 3.409   1.00 38.09 ? 28  GLN A OE1 1 
ATOM   212  N  NE2 . GLN A 1 28  ? 3.493   -8.902  2.831   1.00 36.81 ? 28  GLN A NE2 1 
ATOM   213  N  N   . ALA A 1 29  ? 9.014   -8.277  3.596   1.00 24.46 ? 29  ALA A N   1 
ATOM   214  C  CA  . ALA A 1 29  ? 10.249  -7.757  4.152   1.00 23.06 ? 29  ALA A CA  1 
ATOM   215  C  C   . ALA A 1 29  ? 10.566  -6.389  3.562   1.00 22.07 ? 29  ALA A C   1 
ATOM   216  O  O   . ALA A 1 29  ? 11.081  -5.521  4.253   1.00 21.92 ? 29  ALA A O   1 
ATOM   217  C  CB  . ALA A 1 29  ? 11.402  -8.750  3.882   1.00 22.73 ? 29  ALA A CB  1 
ATOM   218  N  N   . HIS A 1 30  ? 10.286  -6.205  2.272   1.00 21.09 ? 30  HIS A N   1 
ATOM   219  C  CA  . HIS A 1 30  ? 10.532  -4.930  1.595   1.00 20.20 ? 30  HIS A CA  1 
ATOM   220  C  C   . HIS A 1 30  ? 9.603   -3.852  2.173   1.00 19.56 ? 30  HIS A C   1 
ATOM   221  O  O   . HIS A 1 30  ? 10.030  -2.733  2.461   1.00 19.12 ? 30  HIS A O   1 
ATOM   222  C  CB  . HIS A 1 30  ? 10.280  -5.078  0.091   1.00 20.12 ? 30  HIS A CB  1 
ATOM   223  C  CG  . HIS A 1 30  ? 10.455  -3.804  -0.679  1.00 20.60 ? 30  HIS A CG  1 
ATOM   224  N  ND1 . HIS A 1 30  ? 9.436   -3.238  -1.426  1.00 21.00 ? 30  HIS A ND1 1 
ATOM   225  C  CD2 . HIS A 1 30  ? 11.538  -3.014  -0.860  1.00 20.16 ? 30  HIS A CD2 1 
ATOM   226  C  CE1 . HIS A 1 30  ? 9.892   -2.161  -2.041  1.00 20.30 ? 30  HIS A CE1 1 
ATOM   227  N  NE2 . HIS A 1 30  ? 11.163  -2.002  -1.713  1.00 21.95 ? 30  HIS A NE2 1 
ATOM   228  N  N   . PHE A 1 31  ? 8.329   -4.202  2.306   1.00 19.35 ? 31  PHE A N   1 
ATOM   229  C  CA  . PHE A 1 31  ? 7.328   -3.300  2.864   1.00 18.90 ? 31  PHE A CA  1 
ATOM   230  C  C   . PHE A 1 31  ? 7.765   -2.887  4.279   1.00 20.13 ? 31  PHE A C   1 
ATOM   231  O  O   . PHE A 1 31  ? 7.814   -1.698  4.605   1.00 19.38 ? 31  PHE A O   1 
ATOM   232  C  CB  . PHE A 1 31  ? 5.972   -4.016  2.904   1.00 16.68 ? 31  PHE A CB  1 
ATOM   233  C  CG  . PHE A 1 31  ? 4.925   -3.311  3.717   1.00 15.44 ? 31  PHE A CG  1 
ATOM   234  C  CD1 . PHE A 1 31  ? 4.316   -2.145  3.245   1.00 14.90 ? 31  PHE A CD1 1 
ATOM   235  C  CD2 . PHE A 1 31  ? 4.531   -3.818  4.945   1.00 14.51 ? 31  PHE A CD2 1 
ATOM   236  C  CE1 . PHE A 1 31  ? 3.328   -1.498  3.990   1.00 13.64 ? 31  PHE A CE1 1 
ATOM   237  C  CE2 . PHE A 1 31  ? 3.547   -3.184  5.699   1.00 14.97 ? 31  PHE A CE2 1 
ATOM   238  C  CZ  . PHE A 1 31  ? 2.936   -2.009  5.213   1.00 14.40 ? 31  PHE A CZ  1 
ATOM   239  N  N   . ARG A 1 32  ? 8.151   -3.873  5.086   1.00 21.07 ? 32  ARG A N   1 
ATOM   240  C  CA  . ARG A 1 32  ? 8.576   -3.620  6.459   1.00 23.30 ? 32  ARG A CA  1 
ATOM   241  C  C   . ARG A 1 32  ? 9.784   -2.679  6.527   1.00 23.37 ? 32  ARG A C   1 
ATOM   242  O  O   . ARG A 1 32  ? 9.783   -1.708  7.283   1.00 23.77 ? 32  ARG A O   1 
ATOM   243  C  CB  . ARG A 1 32  ? 8.881   -4.944  7.166   1.00 25.12 ? 32  ARG A CB  1 
ATOM   244  C  CG  . ARG A 1 32  ? 9.258   -4.784  8.610   1.00 29.71 ? 32  ARG A CG  1 
ATOM   245  C  CD  . ARG A 1 32  ? 9.669   -6.103  9.259   1.00 33.83 ? 32  ARG A CD  1 
ATOM   246  N  NE  . ARG A 1 32  ? 10.261  -5.880  10.586  1.00 38.06 ? 32  ARG A NE  1 
ATOM   247  C  CZ  . ARG A 1 32  ? 11.382  -5.180  10.820  1.00 39.64 ? 32  ARG A CZ  1 
ATOM   248  N  NH1 . ARG A 1 32  ? 12.065  -4.620  9.818   1.00 39.56 ? 32  ARG A NH1 1 
ATOM   249  N  NH2 . ARG A 1 32  ? 11.812  -5.012  12.071  1.00 40.36 ? 32  ARG A NH2 1 
ATOM   250  N  N   . GLU A 1 33  ? 10.775  -2.922  5.678   1.00 23.60 ? 33  GLU A N   1 
ATOM   251  C  CA  . GLU A 1 33  ? 11.986  -2.112  5.640   1.00 23.88 ? 33  GLU A CA  1 
ATOM   252  C  C   . GLU A 1 33  ? 11.727  -0.656  5.257   1.00 23.02 ? 33  GLU A C   1 
ATOM   253  O  O   . GLU A 1 33  ? 12.358  0.256   5.785   1.00 22.67 ? 33  GLU A O   1 
ATOM   254  C  CB  . GLU A 1 33  ? 12.986  -2.751  4.684   1.00 25.76 ? 33  GLU A CB  1 
ATOM   255  C  CG  . GLU A 1 33  ? 14.310  -2.036  4.584   1.00 31.13 ? 33  GLU A CG  1 
ATOM   256  C  CD  . GLU A 1 33  ? 14.360  -1.079  3.400   1.00 34.65 ? 33  GLU A CD  1 
ATOM   257  O  OE1 . GLU A 1 33  ? 13.994  -1.518  2.276   1.00 36.60 ? 33  GLU A OE1 1 
ATOM   258  O  OE2 . GLU A 1 33  ? 14.758  0.106   3.590   1.00 36.46 ? 33  GLU A OE2 1 
ATOM   259  N  N   . ILE A 1 34  ? 10.804  -0.433  4.329   1.00 21.88 ? 34  ILE A N   1 
ATOM   260  C  CA  . ILE A 1 34  ? 10.503  0.921   3.900   1.00 20.78 ? 34  ILE A CA  1 
ATOM   261  C  C   . ILE A 1 34  ? 9.699   1.675   4.964   1.00 20.21 ? 34  ILE A C   1 
ATOM   262  O  O   . ILE A 1 34  ? 10.025  2.811   5.318   1.00 20.39 ? 34  ILE A O   1 
ATOM   263  C  CB  . ILE A 1 34  ? 9.681   0.935   2.572   1.00 20.87 ? 34  ILE A CB  1 
ATOM   264  C  CG1 . ILE A 1 34  ? 10.505  0.382   1.401   1.00 21.12 ? 34  ILE A CG1 1 
ATOM   265  C  CG2 . ILE A 1 34  ? 9.188   2.347   2.257   1.00 19.52 ? 34  ILE A CG2 1 
ATOM   266  C  CD1 . ILE A 1 34  ? 11.604  1.281   0.924   1.00 21.42 ? 34  ILE A CD1 1 
ATOM   267  N  N   . THR A 1 35  ? 8.690   1.010   5.509   1.00 19.35 ? 35  THR A N   1 
ATOM   268  C  CA  . THR A 1 35  ? 7.783   1.644   6.461   1.00 18.65 ? 35  THR A CA  1 
ATOM   269  C  C   . THR A 1 35  ? 8.170   1.715   7.929   1.00 18.93 ? 35  THR A C   1 
ATOM   270  O  O   . THR A 1 35  ? 7.656   2.564   8.652   1.00 17.91 ? 35  THR A O   1 
ATOM   271  C  CB  . THR A 1 35  ? 6.371   1.023   6.341   1.00 18.26 ? 35  THR A CB  1 
ATOM   272  O  OG1 . THR A 1 35  ? 6.434   -0.384  6.632   1.00 17.31 ? 35  THR A OG1 1 
ATOM   273  C  CG2 . THR A 1 35  ? 5.820   1.233   4.903   1.00 17.08 ? 35  THR A CG2 1 
ATOM   274  N  N   . MET A 1 36  ? 9.081   0.846   8.363   1.00 19.74 ? 36  MET A N   1 
ATOM   275  C  CA  . MET A 1 36  ? 9.507   0.781   9.766   1.00 20.38 ? 36  MET A CA  1 
ATOM   276  C  C   . MET A 1 36  ? 9.879   2.135   10.364  1.00 18.65 ? 36  MET A C   1 
ATOM   277  O  O   . MET A 1 36  ? 10.634  2.892   9.757   1.00 17.95 ? 36  MET A O   1 
ATOM   278  C  CB  . MET A 1 36  ? 10.675  -0.201  9.918   1.00 22.43 ? 36  MET A CB  1 
ATOM   279  C  CG  . MET A 1 36  ? 10.948  -0.602  11.364  1.00 26.58 ? 36  MET A CG  1 
ATOM   280  S  SD  . MET A 1 36  ? 9.520   -1.309  12.255  1.00 30.39 ? 36  MET A SD  1 
ATOM   281  C  CE  . MET A 1 36  ? 9.145   -2.683  11.268  1.00 29.10 ? 36  MET A CE  1 
ATOM   282  N  N   . GLY A 1 37  ? 9.320   2.437   11.539  1.00 18.45 ? 37  GLY A N   1 
ATOM   283  C  CA  . GLY A 1 37  ? 9.599   3.698   12.211  1.00 18.31 ? 37  GLY A CA  1 
ATOM   284  C  C   . GLY A 1 37  ? 8.865   4.933   11.702  1.00 18.75 ? 37  GLY A C   1 
ATOM   285  O  O   . GLY A 1 37  ? 9.121   6.046   12.169  1.00 19.31 ? 37  GLY A O   1 
ATOM   286  N  N   . HIS A 1 38  ? 7.947   4.761   10.760  1.00 18.04 ? 38  HIS A N   1 
ATOM   287  C  CA  . HIS A 1 38  ? 7.219   5.905   10.215  1.00 17.76 ? 38  HIS A CA  1 
ATOM   288  C  C   . HIS A 1 38  ? 5.737   5.799   10.462  1.00 16.29 ? 38  HIS A C   1 
ATOM   289  O  O   . HIS A 1 38  ? 5.244   4.839   11.045  1.00 16.15 ? 38  HIS A O   1 
ATOM   290  C  CB  . HIS A 1 38  ? 7.470   6.041   8.707   1.00 19.34 ? 38  HIS A CB  1 
ATOM   291  C  CG  . HIS A 1 38  ? 8.919   6.117   8.349   1.00 22.29 ? 38  HIS A CG  1 
ATOM   292  N  ND1 . HIS A 1 38  ? 9.761   7.083   8.859   1.00 24.02 ? 38  HIS A ND1 1 
ATOM   293  C  CD2 . HIS A 1 38  ? 9.703   5.286   7.619   1.00 23.27 ? 38  HIS A CD2 1 
ATOM   294  C  CE1 . HIS A 1 38  ? 11.002  6.833   8.476   1.00 24.64 ? 38  HIS A CE1 1 
ATOM   295  N  NE2 . HIS A 1 38  ? 10.994  5.749   7.724   1.00 24.68 ? 38  HIS A NE2 1 
ATOM   296  N  N   . THR A 1 39  ? 5.024   6.835   10.066  1.00 15.03 ? 39  THR A N   1 
ATOM   297  C  CA  . THR A 1 39  ? 3.594   6.831   10.209  1.00 14.29 ? 39  THR A CA  1 
ATOM   298  C  C   . THR A 1 39  ? 3.051   6.147   8.968   1.00 13.25 ? 39  THR A C   1 
ATOM   299  O  O   . THR A 1 39  ? 3.537   6.406   7.872   1.00 13.60 ? 39  THR A O   1 
ATOM   300  C  CB  . THR A 1 39  ? 3.052   8.264   10.258  1.00 14.05 ? 39  THR A CB  1 
ATOM   301  O  OG1 . THR A 1 39  ? 3.464   8.874   11.489  1.00 14.31 ? 39  THR A OG1 1 
ATOM   302  C  CG2 . THR A 1 39  ? 1.521   8.290   10.137  1.00 13.39 ? 39  THR A CG2 1 
ATOM   303  N  N   . ILE A 1 40  ? 2.113   5.222   9.155   1.00 13.26 ? 40  ILE A N   1 
ATOM   304  C  CA  . ILE A 1 40  ? 1.474   4.550   8.024   1.00 12.46 ? 40  ILE A CA  1 
ATOM   305  C  C   . ILE A 1 40  ? -0.021  4.849   8.022   1.00 12.35 ? 40  ILE A C   1 
ATOM   306  O  O   . ILE A 1 40  ? -0.683  4.833   9.062   1.00 12.72 ? 40  ILE A O   1 
ATOM   307  C  CB  . ILE A 1 40  ? 1.692   3.027   8.029   1.00 12.10 ? 40  ILE A CB  1 
ATOM   308  C  CG1 . ILE A 1 40  ? 1.190   2.423   9.343   1.00 11.16 ? 40  ILE A CG1 1 
ATOM   309  C  CG2 . ILE A 1 40  ? 3.143   2.725   7.736   1.00 11.27 ? 40  ILE A CG2 1 
ATOM   310  C  CD1 . ILE A 1 40  ? 1.300   0.919   9.424   1.00 10.66 ? 40  ILE A CD1 1 
ATOM   311  N  N   . VAL A 1 41  ? -0.543  5.113   6.829   1.00 12.91 ? 41  VAL A N   1 
ATOM   312  C  CA  . VAL A 1 41  ? -1.953  5.441   6.639   1.00 12.12 ? 41  VAL A CA  1 
ATOM   313  C  C   . VAL A 1 41  ? -2.645  4.408   5.757   1.00 11.77 ? 41  VAL A C   1 
ATOM   314  O  O   . VAL A 1 41  ? -2.169  4.078   4.679   1.00 11.44 ? 41  VAL A O   1 
ATOM   315  C  CB  . VAL A 1 41  ? -2.081  6.842   6.019   1.00 12.00 ? 41  VAL A CB  1 
ATOM   316  C  CG1 . VAL A 1 41  ? -3.541  7.119   5.620   1.00 12.91 ? 41  VAL A CG1 1 
ATOM   317  C  CG2 . VAL A 1 41  ? -1.590  7.874   7.024   1.00 11.34 ? 41  VAL A CG2 1 
ATOM   318  N  N   . MET A 1 42  ? -3.788  3.927   6.215   1.00 11.84 ? 42  MET A N   1 
ATOM   319  C  CA  . MET A 1 42  ? -4.514  2.923   5.468   1.00 12.45 ? 42  MET A CA  1 
ATOM   320  C  C   . MET A 1 42  ? -6.016  3.123   5.624   1.00 13.75 ? 42  MET A C   1 
ATOM   321  O  O   . MET A 1 42  ? -6.485  3.720   6.608   1.00 13.40 ? 42  MET A O   1 
ATOM   322  C  CB  . MET A 1 42  ? -4.143  1.533   5.998   1.00 12.42 ? 42  MET A CB  1 
ATOM   323  C  CG  . MET A 1 42  ? -4.779  1.218   7.358   1.00 13.25 ? 42  MET A CG  1 
ATOM   324  S  SD  . MET A 1 42  ? -3.987  -0.114  8.280   1.00 14.04 ? 42  MET A SD  1 
ATOM   325  C  CE  . MET A 1 42  ? -2.631  0.806   9.058   1.00 12.72 ? 42  MET A CE  1 
ATOM   326  N  N   . GLY A 1 43  ? -6.763  2.603   4.650   1.00 13.88 ? 43  GLY A N   1 
ATOM   327  C  CA  . GLY A 1 43  ? -8.211  2.663   4.703   1.00 14.15 ? 43  GLY A CA  1 
ATOM   328  C  C   . GLY A 1 43  ? -8.676  1.614   5.686   1.00 14.99 ? 43  GLY A C   1 
ATOM   329  O  O   . GLY A 1 43  ? -7.945  0.665   5.979   1.00 14.65 ? 43  GLY A O   1 
ATOM   330  N  N   . ARG A 1 44  ? -9.893  1.768   6.190   1.00 15.39 ? 44  ARG A N   1 
ATOM   331  C  CA  . ARG A 1 44  ? -10.452 0.837   7.167   1.00 16.35 ? 44  ARG A CA  1 
ATOM   332  C  C   . ARG A 1 44  ? -10.484 -0.601  6.678   1.00 16.16 ? 44  ARG A C   1 
ATOM   333  O  O   . ARG A 1 44  ? -10.306 -1.537  7.465   1.00 16.02 ? 44  ARG A O   1 
ATOM   334  C  CB  . ARG A 1 44  ? -11.855 1.305   7.594   1.00 18.09 ? 44  ARG A CB  1 
ATOM   335  C  CG  . ARG A 1 44  ? -12.445 0.572   8.802   1.00 18.90 ? 44  ARG A CG  1 
ATOM   336  C  CD  . ARG A 1 44  ? -13.276 -0.627  8.393   1.00 20.43 ? 44  ARG A CD  1 
ATOM   337  N  NE  . ARG A 1 44  ? -14.310 -0.260  7.424   1.00 21.06 ? 44  ARG A NE  1 
ATOM   338  C  CZ  . ARG A 1 44  ? -14.972 -1.131  6.669   1.00 21.59 ? 44  ARG A CZ  1 
ATOM   339  N  NH1 . ARG A 1 44  ? -14.729 -2.432  6.765   1.00 21.69 ? 44  ARG A NH1 1 
ATOM   340  N  NH2 . ARG A 1 44  ? -15.851 -0.699  5.778   1.00 22.20 ? 44  ARG A NH2 1 
ATOM   341  N  N   . ARG A 1 45  ? -10.744 -0.793  5.387   1.00 16.80 ? 45  ARG A N   1 
ATOM   342  C  CA  . ARG A 1 45  ? -10.783 -2.147  4.860   1.00 17.21 ? 45  ARG A CA  1 
ATOM   343  C  C   . ARG A 1 45  ? -9.410  -2.792  4.935   1.00 17.37 ? 45  ARG A C   1 
ATOM   344  O  O   . ARG A 1 45  ? -9.291  -3.974  5.262   1.00 18.77 ? 45  ARG A O   1 
ATOM   345  C  CB  . ARG A 1 45  ? -11.287 -2.167  3.429   1.00 17.53 ? 45  ARG A CB  1 
ATOM   346  C  CG  . ARG A 1 45  ? -12.769 -2.016  3.313   1.00 19.24 ? 45  ARG A CG  1 
ATOM   347  C  CD  . ARG A 1 45  ? -13.169 -2.168  1.865   1.00 21.27 ? 45  ARG A CD  1 
ATOM   348  N  NE  . ARG A 1 45  ? -14.611 -2.046  1.672   1.00 22.91 ? 45  ARG A NE  1 
ATOM   349  C  CZ  . ARG A 1 45  ? -15.169 -1.717  0.513   1.00 23.40 ? 45  ARG A CZ  1 
ATOM   350  N  NH1 . ARG A 1 45  ? -14.409 -1.475  -0.543  1.00 23.49 ? 45  ARG A NH1 1 
ATOM   351  N  NH2 . ARG A 1 45  ? -16.491 -1.650  0.406   1.00 24.46 ? 45  ARG A NH2 1 
ATOM   352  N  N   . THR A 1 46  ? -8.370  -2.029  4.617   1.00 16.84 ? 46  THR A N   1 
ATOM   353  C  CA  . THR A 1 46  ? -7.013  -2.563  4.687   1.00 16.25 ? 46  THR A CA  1 
ATOM   354  C  C   . THR A 1 46  ? -6.708  -2.940  6.137   1.00 16.17 ? 46  THR A C   1 
ATOM   355  O  O   . THR A 1 46  ? -6.124  -3.989  6.395   1.00 15.11 ? 46  THR A O   1 
ATOM   356  C  CB  . THR A 1 46  ? -5.981  -1.568  4.099   1.00 16.04 ? 46  THR A CB  1 
ATOM   357  O  OG1 . THR A 1 46  ? -6.187  -1.494  2.682   1.00 15.31 ? 46  THR A OG1 1 
ATOM   358  C  CG2 . THR A 1 46  ? -4.521  -2.024  4.361   1.00 15.30 ? 46  THR A CG2 1 
ATOM   359  N  N   . TRP A 1 47  ? -7.159  -2.107  7.075   1.00 16.51 ? 47  TRP A N   1 
ATOM   360  C  CA  . TRP A 1 47  ? -6.962  -2.378  8.496   1.00 17.74 ? 47  TRP A CA  1 
ATOM   361  C  C   . TRP A 1 47  ? -7.589  -3.738  8.841   1.00 18.81 ? 47  TRP A C   1 
ATOM   362  O  O   . TRP A 1 47  ? -6.937  -4.585  9.455   1.00 19.14 ? 47  TRP A O   1 
ATOM   363  C  CB  . TRP A 1 47  ? -7.595  -1.272  9.341   1.00 17.72 ? 47  TRP A CB  1 
ATOM   364  C  CG  . TRP A 1 47  ? -7.667  -1.602  10.809  1.00 18.48 ? 47  TRP A CG  1 
ATOM   365  C  CD1 . TRP A 1 47  ? -8.747  -2.112  11.488  1.00 18.51 ? 47  TRP A CD1 1 
ATOM   366  C  CD2 . TRP A 1 47  ? -6.614  -1.464  11.777  1.00 17.88 ? 47  TRP A CD2 1 
ATOM   367  N  NE1 . TRP A 1 47  ? -8.424  -2.301  12.815  1.00 18.57 ? 47  TRP A NE1 1 
ATOM   368  C  CE2 . TRP A 1 47  ? -7.126  -1.909  13.018  1.00 18.00 ? 47  TRP A CE2 1 
ATOM   369  C  CE3 . TRP A 1 47  ? -5.288  -1.010  11.715  1.00 18.31 ? 47  TRP A CE3 1 
ATOM   370  C  CZ2 . TRP A 1 47  ? -6.356  -1.908  14.186  1.00 17.28 ? 47  TRP A CZ2 1 
ATOM   371  C  CZ3 . TRP A 1 47  ? -4.522  -1.014  12.882  1.00 16.98 ? 47  TRP A CZ3 1 
ATOM   372  C  CH2 . TRP A 1 47  ? -5.061  -1.458  14.093  1.00 17.19 ? 47  TRP A CH2 1 
ATOM   373  N  N   . ASP A 1 48  ? -8.840  -3.946  8.428   1.00 19.59 ? 48  ASP A N   1 
ATOM   374  C  CA  . ASP A 1 48  ? -9.545  -5.205  8.687   1.00 20.88 ? 48  ASP A CA  1 
ATOM   375  C  C   . ASP A 1 48  ? -8.826  -6.405  8.094   1.00 21.65 ? 48  ASP A C   1 
ATOM   376  O  O   . ASP A 1 48  ? -8.863  -7.487  8.671   1.00 22.45 ? 48  ASP A O   1 
ATOM   377  C  CB  . ASP A 1 48  ? -10.968 -5.178  8.115   1.00 21.75 ? 48  ASP A CB  1 
ATOM   378  C  CG  . ASP A 1 48  ? -11.906 -4.271  8.892   1.00 22.67 ? 48  ASP A CG  1 
ATOM   379  O  OD1 . ASP A 1 48  ? -12.923 -3.869  8.304   1.00 24.49 ? 48  ASP A OD1 1 
ATOM   380  O  OD2 . ASP A 1 48  ? -11.658 -3.964  10.078  1.00 23.57 ? 48  ASP A OD2 1 
ATOM   381  N  N   . SER A 1 49  ? -8.175  -6.211  6.947   1.00 21.54 ? 49  SER A N   1 
ATOM   382  C  CA  . SER A 1 49  ? -7.470  -7.291  6.263   1.00 22.16 ? 49  SER A CA  1 
ATOM   383  C  C   . SER A 1 49  ? -6.151  -7.699  6.907   1.00 22.42 ? 49  SER A C   1 
ATOM   384  O  O   . SER A 1 49  ? -5.568  -8.720  6.544   1.00 23.22 ? 49  SER A O   1 
ATOM   385  C  CB  . SER A 1 49  ? -7.224  -6.925  4.798   1.00 22.37 ? 49  SER A CB  1 
ATOM   386  O  OG  . SER A 1 49  ? -6.124  -6.042  4.672   1.00 22.88 ? 49  SER A OG  1 
ATOM   387  N  N   . LEU A 1 50  ? -5.646  -6.876  7.819   1.00 22.53 ? 50  LEU A N   1 
ATOM   388  C  CA  . LEU A 1 50  ? -4.396  -7.197  8.502   1.00 22.50 ? 50  LEU A CA  1 
ATOM   389  C  C   . LEU A 1 50  ? -4.578  -8.393  9.432   1.00 23.48 ? 50  LEU A C   1 
ATOM   390  O  O   . LEU A 1 50  ? -5.570  -8.487  10.155  1.00 23.87 ? 50  LEU A O   1 
ATOM   391  C  CB  . LEU A 1 50  ? -3.915  -6.016  9.353   1.00 20.78 ? 50  LEU A CB  1 
ATOM   392  C  CG  . LEU A 1 50  ? -3.344  -4.784  8.669   1.00 19.71 ? 50  LEU A CG  1 
ATOM   393  C  CD1 . LEU A 1 50  ? -3.031  -3.735  9.721   1.00 18.63 ? 50  LEU A CD1 1 
ATOM   394  C  CD2 . LEU A 1 50  ? -2.099  -5.159  7.888   1.00 18.68 ? 50  LEU A CD2 1 
ATOM   395  N  N   . PRO A 1 51  ? -3.650  -9.362  9.374   1.00 24.62 ? 51  PRO A N   1 
ATOM   396  C  CA  . PRO A 1 51  ? -3.775  -10.521 10.263  1.00 25.21 ? 51  PRO A CA  1 
ATOM   397  C  C   . PRO A 1 51  ? -3.672  -9.981  11.701  1.00 25.93 ? 51  PRO A C   1 
ATOM   398  O  O   . PRO A 1 51  ? -2.844  -9.112  11.980  1.00 25.71 ? 51  PRO A O   1 
ATOM   399  C  CB  . PRO A 1 51  ? -2.561  -11.359 9.882   1.00 25.03 ? 51  PRO A CB  1 
ATOM   400  C  CG  . PRO A 1 51  ? -2.387  -11.040 8.430   1.00 24.53 ? 51  PRO A CG  1 
ATOM   401  C  CD  . PRO A 1 51  ? -2.569  -9.554  8.394   1.00 24.30 ? 51  PRO A CD  1 
ATOM   402  N  N   . ALA A 1 52  ? -4.542  -10.465 12.589  1.00 27.29 ? 52  ALA A N   1 
ATOM   403  C  CA  . ALA A 1 52  ? -4.590  -10.025 13.989  1.00 27.91 ? 52  ALA A CA  1 
ATOM   404  C  C   . ALA A 1 52  ? -3.244  -9.982  14.712  1.00 28.28 ? 52  ALA A C   1 
ATOM   405  O  O   . ALA A 1 52  ? -3.046  -9.181  15.629  1.00 28.25 ? 52  ALA A O   1 
ATOM   406  C  CB  . ALA A 1 52  ? -5.564  -10.887 14.769  1.00 28.69 ? 52  ALA A CB  1 
ATOM   407  N  N   . LYS A 1 53  ? -2.316  -10.834 14.292  1.00 29.29 ? 53  LYS A N   1 
ATOM   408  C  CA  . LYS A 1 53  ? -1.007  -10.869 14.922  1.00 30.21 ? 53  LYS A CA  1 
ATOM   409  C  C   . LYS A 1 53  ? -0.184  -9.620  14.591  1.00 29.06 ? 53  LYS A C   1 
ATOM   410  O  O   . LYS A 1 53  ? 0.676   -9.221  15.379  1.00 29.37 ? 53  LYS A O   1 
ATOM   411  C  CB  . LYS A 1 53  ? -0.262  -12.175 14.599  1.00 31.76 ? 53  LYS A CB  1 
ATOM   412  C  CG  . LYS A 1 53  ? 0.049   -12.424 13.145  1.00 34.69 ? 53  LYS A CG  1 
ATOM   413  C  CD  . LYS A 1 53  ? 0.858   -13.711 12.992  1.00 37.13 ? 53  LYS A CD  1 
ATOM   414  C  CE  . LYS A 1 53  ? 1.460   -13.834 11.583  1.00 39.33 ? 53  LYS A CE  1 
ATOM   415  N  NZ  . LYS A 1 53  ? 0.420   -13.862 10.506  1.00 40.60 ? 53  LYS A NZ  1 
ATOM   416  N  N   . VAL A 1 54  ? -0.494  -8.978  13.462  1.00 27.42 ? 54  VAL A N   1 
ATOM   417  C  CA  . VAL A 1 54  ? 0.198   -7.747  13.061  1.00 26.77 ? 54  VAL A CA  1 
ATOM   418  C  C   . VAL A 1 54  ? -0.763  -6.560  12.930  1.00 25.83 ? 54  VAL A C   1 
ATOM   419  O  O   . VAL A 1 54  ? -0.574  -5.668  12.099  1.00 25.66 ? 54  VAL A O   1 
ATOM   420  C  CB  . VAL A 1 54  ? 0.975   -7.905  11.744  1.00 26.84 ? 54  VAL A CB  1 
ATOM   421  C  CG1 . VAL A 1 54  ? 2.072   -8.943  11.916  1.00 28.52 ? 54  VAL A CG1 1 
ATOM   422  C  CG2 . VAL A 1 54  ? 0.029   -8.269  10.609  1.00 27.13 ? 54  VAL A CG2 1 
ATOM   423  N  N   . ARG A 1 55  ? -1.804  -6.574  13.749  1.00 24.43 ? 55  ARG A N   1 
ATOM   424  C  CA  . ARG A 1 55  ? -2.785  -5.510  13.763  1.00 23.40 ? 55  ARG A CA  1 
ATOM   425  C  C   . ARG A 1 55  ? -2.805  -4.960  15.192  1.00 22.48 ? 55  ARG A C   1 
ATOM   426  O  O   . ARG A 1 55  ? -3.368  -5.589  16.097  1.00 23.60 ? 55  ARG A O   1 
ATOM   427  C  CB  . ARG A 1 55  ? -4.160  -6.053  13.355  1.00 23.30 ? 55  ARG A CB  1 
ATOM   428  C  CG  . ARG A 1 55  ? -5.158  -4.965  12.987  1.00 24.98 ? 55  ARG A CG  1 
ATOM   429  C  CD  . ARG A 1 55  ? -6.471  -5.513  12.434  1.00 25.96 ? 55  ARG A CD  1 
ATOM   430  N  NE  . ARG A 1 55  ? -7.204  -6.288  13.419  1.00 28.14 ? 55  ARG A NE  1 
ATOM   431  C  CZ  . ARG A 1 55  ? -7.430  -7.596  13.331  1.00 29.38 ? 55  ARG A CZ  1 
ATOM   432  N  NH1 . ARG A 1 55  ? -6.979  -8.294  12.293  1.00 29.69 ? 55  ARG A NH1 1 
ATOM   433  N  NH2 . ARG A 1 55  ? -8.098  -8.216  14.295  1.00 29.86 ? 55  ARG A NH2 1 
ATOM   434  N  N   . PRO A 1 56  ? -2.199  -3.778  15.419  1.00 21.19 ? 56  PRO A N   1 
ATOM   435  C  CA  . PRO A 1 56  ? -1.500  -2.897  14.470  1.00 20.11 ? 56  PRO A CA  1 
ATOM   436  C  C   . PRO A 1 56  ? -0.113  -3.368  14.039  1.00 19.82 ? 56  PRO A C   1 
ATOM   437  O  O   . PRO A 1 56  ? 0.527   -4.155  14.737  1.00 20.00 ? 56  PRO A O   1 
ATOM   438  C  CB  . PRO A 1 56  ? -1.383  -1.595  15.259  1.00 19.81 ? 56  PRO A CB  1 
ATOM   439  C  CG  . PRO A 1 56  ? -1.153  -2.112  16.670  1.00 20.51 ? 56  PRO A CG  1 
ATOM   440  C  CD  . PRO A 1 56  ? -2.223  -3.172  16.768  1.00 20.70 ? 56  PRO A CD  1 
ATOM   441  N  N   . LEU A 1 57  ? 0.343   -2.887  12.880  1.00 18.75 ? 57  LEU A N   1 
ATOM   442  C  CA  . LEU A 1 57  ? 1.670   -3.215  12.366  1.00 18.28 ? 57  LEU A CA  1 
ATOM   443  C  C   . LEU A 1 57  ? 2.681   -2.617  13.351  1.00 18.74 ? 57  LEU A C   1 
ATOM   444  O  O   . LEU A 1 57  ? 2.683   -1.408  13.582  1.00 18.34 ? 57  LEU A O   1 
ATOM   445  C  CB  . LEU A 1 57  ? 1.852   -2.639  10.972  1.00 17.86 ? 57  LEU A CB  1 
ATOM   446  C  CG  . LEU A 1 57  ? 1.050   -3.391  9.903   1.00 17.67 ? 57  LEU A CG  1 
ATOM   447  C  CD1 . LEU A 1 57  ? 1.021   -2.625  8.602   1.00 18.19 ? 57  LEU A CD1 1 
ATOM   448  C  CD2 . LEU A 1 57  ? 1.682   -4.755  9.684   1.00 17.50 ? 57  LEU A CD2 1 
ATOM   449  N  N   . PRO A 1 58  ? 3.591   -3.449  13.899  1.00 18.84 ? 58  PRO A N   1 
ATOM   450  C  CA  . PRO A 1 58  ? 4.597   -3.011  14.872  1.00 18.44 ? 58  PRO A CA  1 
ATOM   451  C  C   . PRO A 1 58  ? 5.633   -2.020  14.411  1.00 17.15 ? 58  PRO A C   1 
ATOM   452  O  O   . PRO A 1 58  ? 6.081   -2.058  13.269  1.00 17.13 ? 58  PRO A O   1 
ATOM   453  C  CB  . PRO A 1 58  ? 5.290   -4.324  15.283  1.00 18.54 ? 58  PRO A CB  1 
ATOM   454  C  CG  . PRO A 1 58  ? 4.380   -5.392  14.825  1.00 19.81 ? 58  PRO A CG  1 
ATOM   455  C  CD  . PRO A 1 58  ? 3.819   -4.857  13.545  1.00 19.31 ? 58  PRO A CD  1 
ATOM   456  N  N   . GLY A 1 59  ? 6.046   -1.162  15.345  1.00 16.46 ? 59  GLY A N   1 
ATOM   457  C  CA  . GLY A 1 59  ? 7.092   -0.193  15.075  1.00 15.09 ? 59  GLY A CA  1 
ATOM   458  C  C   . GLY A 1 59  ? 6.737   0.938   14.146  1.00 14.33 ? 59  GLY A C   1 
ATOM   459  O  O   . GLY A 1 59  ? 7.629   1.626   13.635  1.00 14.43 ? 59  GLY A O   1 
ATOM   460  N  N   . ARG A 1 60  ? 5.438   1.118   13.940  1.00 13.67 ? 60  ARG A N   1 
ATOM   461  C  CA  . ARG A 1 60  ? 4.913   2.163   13.080  1.00 13.01 ? 60  ARG A CA  1 
ATOM   462  C  C   . ARG A 1 60  ? 3.672   2.783   13.704  1.00 12.92 ? 60  ARG A C   1 
ATOM   463  O  O   . ARG A 1 60  ? 2.951   2.138   14.472  1.00 12.85 ? 60  ARG A O   1 
ATOM   464  C  CB  . ARG A 1 60  ? 4.564   1.585   11.705  1.00 12.54 ? 60  ARG A CB  1 
ATOM   465  C  CG  . ARG A 1 60  ? 5.780   1.367   10.819  1.00 12.79 ? 60  ARG A CG  1 
ATOM   466  C  CD  . ARG A 1 60  ? 5.625   0.181   9.863   1.00 13.79 ? 60  ARG A CD  1 
ATOM   467  N  NE  . ARG A 1 60  ? 5.554   -1.097  10.565  1.00 14.70 ? 60  ARG A NE  1 
ATOM   468  C  CZ  . ARG A 1 60  ? 5.486   -2.288  9.979   1.00 15.49 ? 60  ARG A CZ  1 
ATOM   469  N  NH1 . ARG A 1 60  ? 5.480   -2.395  8.651   1.00 15.23 ? 60  ARG A NH1 1 
ATOM   470  N  NH2 . ARG A 1 60  ? 5.425   -3.378  10.735  1.00 15.83 ? 60  ARG A NH2 1 
ATOM   471  N  N   . ARG A 1 61  ? 3.447   4.064   13.425  1.00 13.15 ? 61  ARG A N   1 
ATOM   472  C  CA  . ARG A 1 61  ? 2.246   4.717   13.935  1.00 12.84 ? 61  ARG A CA  1 
ATOM   473  C  C   . ARG A 1 61  ? 1.143   4.418   12.912  1.00 12.80 ? 61  ARG A C   1 
ATOM   474  O  O   . ARG A 1 61  ? 1.174   4.943   11.810  1.00 13.52 ? 61  ARG A O   1 
ATOM   475  C  CB  . ARG A 1 61  ? 2.455   6.230   14.053  1.00 12.49 ? 61  ARG A CB  1 
ATOM   476  C  CG  . ARG A 1 61  ? 1.248   6.951   14.618  1.00 12.45 ? 61  ARG A CG  1 
ATOM   477  C  CD  . ARG A 1 61  ? 1.515   8.430   14.719  1.00 13.06 ? 61  ARG A CD  1 
ATOM   478  N  NE  . ARG A 1 61  ? 0.372   9.126   15.296  1.00 14.51 ? 61  ARG A NE  1 
ATOM   479  C  CZ  . ARG A 1 61  ? 0.215   10.443  15.281  1.00 13.98 ? 61  ARG A CZ  1 
ATOM   480  N  NH1 . ARG A 1 61  ? 1.139   11.211  14.725  1.00 14.88 ? 61  ARG A NH1 1 
ATOM   481  N  NH2 . ARG A 1 61  ? -0.883  10.982  15.779  1.00 14.12 ? 61  ARG A NH2 1 
ATOM   482  N  N   . ASN A 1 62  ? 0.207   3.541   13.267  1.00 13.59 ? 62  ASN A N   1 
ATOM   483  C  CA  . ASN A 1 62  ? -0.892  3.151   12.383  1.00 13.51 ? 62  ASN A CA  1 
ATOM   484  C  C   . ASN A 1 62  ? -2.010  4.172   12.393  1.00 14.08 ? 62  ASN A C   1 
ATOM   485  O  O   . ASN A 1 62  ? -2.550  4.507   13.462  1.00 14.82 ? 62  ASN A O   1 
ATOM   486  C  CB  . ASN A 1 62  ? -1.468  1.801   12.811  1.00 13.67 ? 62  ASN A CB  1 
ATOM   487  C  CG  . ASN A 1 62  ? -0.478  0.652   12.652  1.00 14.07 ? 62  ASN A CG  1 
ATOM   488  O  OD1 . ASN A 1 62  ? 0.691   0.750   13.056  1.00 15.30 ? 62  ASN A OD1 1 
ATOM   489  N  ND2 . ASN A 1 62  ? -0.942  -0.446  12.067  1.00 12.55 ? 62  ASN A ND2 1 
ATOM   490  N  N   . VAL A 1 63  ? -2.362  4.669   11.210  1.00 14.36 ? 63  VAL A N   1 
ATOM   491  C  CA  . VAL A 1 63  ? -3.452  5.652   11.061  1.00 14.13 ? 63  VAL A CA  1 
ATOM   492  C  C   . VAL A 1 63  ? -4.477  5.014   10.119  1.00 14.84 ? 63  VAL A C   1 
ATOM   493  O  O   . VAL A 1 63  ? -4.112  4.547   9.045   1.00 14.33 ? 63  VAL A O   1 
ATOM   494  C  CB  . VAL A 1 63  ? -2.939  6.993   10.464  1.00 14.65 ? 63  VAL A CB  1 
ATOM   495  C  CG1 . VAL A 1 63  ? -4.110  7.989   10.293  1.00 14.20 ? 63  VAL A CG1 1 
ATOM   496  C  CG2 . VAL A 1 63  ? -1.866  7.606   11.372  1.00 14.40 ? 63  VAL A CG2 1 
ATOM   497  N  N   . VAL A 1 64  ? -5.731  4.944   10.561  1.00 15.39 ? 64  VAL A N   1 
ATOM   498  C  CA  . VAL A 1 64  ? -6.820  4.329   9.802   1.00 17.01 ? 64  VAL A CA  1 
ATOM   499  C  C   . VAL A 1 64  ? -7.915  5.331   9.404   1.00 19.55 ? 64  VAL A C   1 
ATOM   500  O  O   . VAL A 1 64  ? -8.482  6.020   10.256  1.00 19.04 ? 64  VAL A O   1 
ATOM   501  C  CB  . VAL A 1 64  ? -7.455  3.186   10.626  1.00 16.64 ? 64  VAL A CB  1 
ATOM   502  C  CG1 . VAL A 1 64  ? -8.647  2.550   9.872   1.00 15.82 ? 64  VAL A CG1 1 
ATOM   503  C  CG2 . VAL A 1 64  ? -6.403  2.138   10.962  1.00 14.74 ? 64  VAL A CG2 1 
ATOM   504  N  N   A LEU A 1 65  ? -8.195  5.403   8.103   1.00 22.21 ? 65  LEU A N   1 
ATOM   505  C  CA  A LEU A 1 65  ? -9.209  6.297   7.556   1.00 26.05 ? 65  LEU A CA  1 
ATOM   506  C  C   A LEU A 1 65  ? -10.564 5.624   7.570   1.00 25.11 ? 65  LEU A C   1 
ATOM   507  O  O   A LEU A 1 65  ? -10.744 4.576   6.948   1.00 23.95 ? 65  LEU A O   1 
ATOM   508  C  CB  A LEU A 1 65  ? -8.884  6.642   6.099   0.40 29.51 ? 65  LEU A CB  1 
ATOM   509  C  CB  B LEU A 1 65  ? -8.866  6.681   6.112   0.60 28.80 ? 65  LEU A CB  1 
ATOM   510  C  CG  A LEU A 1 65  ? -8.320  8.012   5.730   0.40 33.13 ? 65  LEU A CG  1 
ATOM   511  C  CG  B LEU A 1 65  ? -8.586  8.138   5.733   0.60 32.03 ? 65  LEU A CG  1 
ATOM   512  C  CD1 A LEU A 1 65  ? -9.290  9.112   6.141   0.40 34.05 ? 65  LEU A CD1 1 
ATOM   513  C  CD1 B LEU A 1 65  ? -8.632  8.282   4.210   0.60 31.13 ? 65  LEU A CD1 1 
ATOM   514  C  CD2 A LEU A 1 65  ? -6.983  8.197   6.389   0.40 33.57 ? 65  LEU A CD2 1 
ATOM   515  C  CD2 B LEU A 1 65  ? -9.623  9.058   6.367   0.60 32.36 ? 65  LEU A CD2 1 
ATOM   516  N  N   . SER A 1 66  ? -11.531 6.259   8.221   1.00 24.87 ? 66  SER A N   1 
ATOM   517  C  CA  . SER A 1 66  ? -12.886 5.726   8.272   1.00 25.10 ? 66  SER A CA  1 
ATOM   518  C  C   . SER A 1 66  ? -13.898 6.866   8.337   1.00 25.63 ? 66  SER A C   1 
ATOM   519  O  O   . SER A 1 66  ? -13.602 7.935   8.862   1.00 25.54 ? 66  SER A O   1 
ATOM   520  C  CB  . SER A 1 66  ? -13.061 4.822   9.492   1.00 24.27 ? 66  SER A CB  1 
ATOM   521  O  OG  . SER A 1 66  ? -14.370 4.284   9.545   1.00 23.80 ? 66  SER A OG  1 
ATOM   522  N  N   . ARG A 1 67  ? -15.072 6.654   7.753   1.00 26.81 ? 67  ARG A N   1 
ATOM   523  C  CA  . ARG A 1 67  ? -16.136 7.665   7.801   1.00 28.32 ? 67  ARG A CA  1 
ATOM   524  C  C   . ARG A 1 67  ? -17.014 7.486   9.046   1.00 29.31 ? 67  ARG A C   1 
ATOM   525  O  O   . ARG A 1 67  ? -17.906 8.289   9.295   1.00 29.53 ? 67  ARG A O   1 
ATOM   526  C  CB  . ARG A 1 67  ? -17.007 7.644   6.540   1.00 27.26 ? 67  ARG A CB  1 
ATOM   527  C  CG  . ARG A 1 67  ? -16.349 8.235   5.324   1.00 26.46 ? 67  ARG A CG  1 
ATOM   528  C  CD  . ARG A 1 67  ? -17.387 8.595   4.286   1.00 27.01 ? 67  ARG A CD  1 
ATOM   529  N  NE  . ARG A 1 67  ? -16.780 9.031   3.031   1.00 27.19 ? 67  ARG A NE  1 
ATOM   530  C  CZ  . ARG A 1 67  ? -16.305 8.208   2.098   1.00 26.79 ? 67  ARG A CZ  1 
ATOM   531  N  NH1 . ARG A 1 67  ? -16.357 6.886   2.267   1.00 26.06 ? 67  ARG A NH1 1 
ATOM   532  N  NH2 . ARG A 1 67  ? -15.782 8.713   0.986   1.00 27.15 ? 67  ARG A NH2 1 
ATOM   533  N  N   . GLN A 1 68  ? -16.802 6.395   9.780   1.00 30.87 ? 68  GLN A N   1 
ATOM   534  C  CA  . GLN A 1 68  ? -17.540 6.139   11.012  1.00 32.90 ? 68  GLN A CA  1 
ATOM   535  C  C   . GLN A 1 68  ? -16.730 6.842   12.115  1.00 34.49 ? 68  GLN A C   1 
ATOM   536  O  O   . GLN A 1 68  ? -15.612 6.426   12.444  1.00 34.46 ? 68  GLN A O   1 
ATOM   537  C  CB  . GLN A 1 68  ? -17.604 4.640   11.291  1.00 33.13 ? 68  GLN A CB  1 
ATOM   538  C  CG  . GLN A 1 68  ? -17.864 3.770   10.061  1.00 33.95 ? 68  GLN A CG  1 
ATOM   539  C  CD  . GLN A 1 68  ? -17.678 2.287   10.361  1.00 34.32 ? 68  GLN A CD  1 
ATOM   540  O  OE1 . GLN A 1 68  ? -18.075 1.805   11.430  1.00 34.71 ? 68  GLN A OE1 1 
ATOM   541  N  NE2 . GLN A 1 68  ? -17.048 1.561   9.432   1.00 33.25 ? 68  GLN A NE2 1 
ATOM   542  N  N   . ALA A 1 69  ? -17.290 7.912   12.670  1.00 36.19 ? 69  ALA A N   1 
ATOM   543  C  CA  . ALA A 1 69  ? -16.610 8.706   13.695  1.00 37.77 ? 69  ALA A CA  1 
ATOM   544  C  C   . ALA A 1 69  ? -16.138 7.923   14.905  1.00 38.80 ? 69  ALA A C   1 
ATOM   545  O  O   . ALA A 1 69  ? -15.068 8.214   15.454  1.00 39.69 ? 69  ALA A O   1 
ATOM   546  C  CB  . ALA A 1 69  ? -17.491 9.868   14.135  1.00 38.21 ? 69  ALA A CB  1 
ATOM   547  N  N   . ASP A 1 70  ? -16.915 6.917   15.299  1.00 39.52 ? 70  ASP A N   1 
ATOM   548  C  CA  . ASP A 1 70  ? -16.584 6.089   16.456  1.00 39.80 ? 70  ASP A CA  1 
ATOM   549  C  C   . ASP A 1 70  ? -16.032 4.681   16.149  1.00 39.13 ? 70  ASP A C   1 
ATOM   550  O  O   . ASP A 1 70  ? -16.131 3.788   16.994  1.00 39.33 ? 70  ASP A O   1 
ATOM   551  C  CB  . ASP A 1 70  ? -17.815 5.977   17.362  1.00 41.51 ? 70  ASP A CB  1 
ATOM   552  C  CG  . ASP A 1 70  ? -19.057 5.471   16.612  1.00 42.75 ? 70  ASP A CG  1 
ATOM   553  O  OD1 . ASP A 1 70  ? -20.157 5.502   17.216  1.00 43.47 ? 70  ASP A OD1 1 
ATOM   554  O  OD2 . ASP A 1 70  ? -18.945 5.045   15.431  1.00 43.24 ? 70  ASP A OD2 1 
ATOM   555  N  N   . PHE A 1 71  ? -15.469 4.473   14.956  1.00 37.76 ? 71  PHE A N   1 
ATOM   556  C  CA  . PHE A 1 71  ? -14.907 3.167   14.590  1.00 36.34 ? 71  PHE A CA  1 
ATOM   557  C  C   . PHE A 1 71  ? -13.786 2.759   15.556  1.00 36.29 ? 71  PHE A C   1 
ATOM   558  O  O   . PHE A 1 71  ? -12.914 3.571   15.879  1.00 35.81 ? 71  PHE A O   1 
ATOM   559  C  CB  . PHE A 1 71  ? -14.362 3.197   13.157  1.00 35.02 ? 71  PHE A CB  1 
ATOM   560  C  CG  . PHE A 1 71  ? -13.665 1.926   12.745  1.00 33.82 ? 71  PHE A CG  1 
ATOM   561  C  CD1 . PHE A 1 71  ? -14.377 0.733   12.618  1.00 33.20 ? 71  PHE A CD1 1 
ATOM   562  C  CD2 . PHE A 1 71  ? -12.290 1.912   12.507  1.00 33.10 ? 71  PHE A CD2 1 
ATOM   563  C  CE1 . PHE A 1 71  ? -13.732 -0.456  12.260  1.00 33.23 ? 71  PHE A CE1 1 
ATOM   564  C  CE2 . PHE A 1 71  ? -11.637 0.730   12.150  1.00 32.58 ? 71  PHE A CE2 1 
ATOM   565  C  CZ  . PHE A 1 71  ? -12.359 -0.456  12.028  1.00 32.67 ? 71  PHE A CZ  1 
ATOM   566  N  N   . MET A 1 72  ? -13.818 1.507   16.015  1.00 36.20 ? 72  MET A N   1 
ATOM   567  C  CA  . MET A 1 72  ? -12.802 0.995   16.949  1.00 36.56 ? 72  MET A CA  1 
ATOM   568  C  C   . MET A 1 72  ? -11.654 0.238   16.272  1.00 34.61 ? 72  MET A C   1 
ATOM   569  O  O   . MET A 1 72  ? -11.878 -0.794  15.636  1.00 34.66 ? 72  MET A O   1 
ATOM   570  C  CB  . MET A 1 72  ? -13.444 0.100   18.031  1.00 39.41 ? 72  MET A CB  1 
ATOM   571  C  CG  . MET A 1 72  ? -14.096 0.859   19.205  1.00 42.65 ? 72  MET A CG  1 
ATOM   572  S  SD  . MET A 1 72  ? -15.091 -0.227  20.285  1.00 47.41 ? 72  MET A SD  1 
ATOM   573  C  CE  . MET A 1 72  ? -16.684 0.747   20.269  1.00 45.43 ? 72  MET A CE  1 
ATOM   574  N  N   . ALA A 1 73  ? -10.437 0.769   16.412  1.00 32.05 ? 73  ALA A N   1 
ATOM   575  C  CA  . ALA A 1 73  ? -9.226  0.173   15.848  1.00 29.93 ? 73  ALA A CA  1 
ATOM   576  C  C   . ALA A 1 73  ? -8.171  0.267   16.935  1.00 28.56 ? 73  ALA A C   1 
ATOM   577  O  O   . ALA A 1 73  ? -7.445  1.252   17.013  1.00 28.58 ? 73  ALA A O   1 
ATOM   578  C  CB  . ALA A 1 73  ? -8.778  0.951   14.613  1.00 28.94 ? 73  ALA A CB  1 
ATOM   579  N  N   . SER A 1 74  ? -8.120  -0.732  17.806  1.00 27.68 ? 74  SER A N   1 
ATOM   580  C  CA  . SER A 1 74  ? -7.158  -0.727  18.911  1.00 27.28 ? 74  SER A CA  1 
ATOM   581  C  C   . SER A 1 74  ? -5.701  -0.710  18.449  1.00 25.14 ? 74  SER A C   1 
ATOM   582  O  O   . SER A 1 74  ? -5.274  -1.559  17.660  1.00 24.27 ? 74  SER A O   1 
ATOM   583  C  CB  . SER A 1 74  ? -7.413  -1.905  19.863  1.00 29.13 ? 74  SER A CB  1 
ATOM   584  O  OG  . SER A 1 74  ? -7.201  -3.153  19.216  1.00 32.08 ? 74  SER A OG  1 
ATOM   585  N  N   . GLY A 1 75  ? -4.942  0.269   18.946  1.00 23.25 ? 75  GLY A N   1 
ATOM   586  C  CA  . GLY A 1 75  ? -3.541  0.394   18.579  1.00 21.09 ? 75  GLY A CA  1 
ATOM   587  C  C   . GLY A 1 75  ? -3.345  1.286   17.366  1.00 19.79 ? 75  GLY A C   1 
ATOM   588  O  O   . GLY A 1 75  ? -2.240  1.448   16.866  1.00 19.78 ? 75  GLY A O   1 
ATOM   589  N  N   . ALA A 1 76  ? -4.433  1.872   16.893  1.00 18.96 ? 76  ALA A N   1 
ATOM   590  C  CA  . ALA A 1 76  ? -4.361  2.745   15.741  1.00 19.03 ? 76  ALA A CA  1 
ATOM   591  C  C   . ALA A 1 76  ? -5.112  4.040   15.968  1.00 18.56 ? 76  ALA A C   1 
ATOM   592  O  O   . ALA A 1 76  ? -5.985  4.134   16.833  1.00 18.51 ? 76  ALA A O   1 
ATOM   593  C  CB  . ALA A 1 76  ? -4.914  2.038   14.503  1.00 19.19 ? 76  ALA A CB  1 
ATOM   594  N  N   . GLU A 1 77  ? -4.722  5.050   15.207  1.00 17.96 ? 77  GLU A N   1 
ATOM   595  C  CA  . GLU A 1 77  ? -5.356  6.337   15.270  1.00 18.75 ? 77  GLU A CA  1 
ATOM   596  C  C   . GLU A 1 77  ? -6.421  6.404   14.160  1.00 18.89 ? 77  GLU A C   1 
ATOM   597  O  O   . GLU A 1 77  ? -6.075  6.409   12.984  1.00 19.25 ? 77  GLU A O   1 
ATOM   598  C  CB  . GLU A 1 77  ? -4.318  7.439   15.041  1.00 18.47 ? 77  GLU A CB  1 
ATOM   599  C  CG  . GLU A 1 77  ? -4.928  8.814   15.090  1.00 20.64 ? 77  GLU A CG  1 
ATOM   600  C  CD  . GLU A 1 77  ? -4.032  9.885   14.552  1.00 21.79 ? 77  GLU A CD  1 
ATOM   601  O  OE1 . GLU A 1 77  ? -3.814  10.855  15.279  1.00 24.36 ? 77  GLU A OE1 1 
ATOM   602  O  OE2 . GLU A 1 77  ? -3.569  9.791   13.396  1.00 22.85 ? 77  GLU A OE2 1 
ATOM   603  N  N   . VAL A 1 78  ? -7.698  6.442   14.540  1.00 18.87 ? 78  VAL A N   1 
ATOM   604  C  CA  . VAL A 1 78  ? -8.797  6.550   13.580  1.00 19.13 ? 78  VAL A CA  1 
ATOM   605  C  C   . VAL A 1 78  ? -9.062  8.026   13.282  1.00 19.38 ? 78  VAL A C   1 
ATOM   606  O  O   . VAL A 1 78  ? -9.196  8.835   14.197  1.00 18.52 ? 78  VAL A O   1 
ATOM   607  C  CB  . VAL A 1 78  ? -10.104 5.900   14.114  1.00 19.48 ? 78  VAL A CB  1 
ATOM   608  C  CG1 . VAL A 1 78  ? -11.248 6.080   13.096  1.00 20.08 ? 78  VAL A CG1 1 
ATOM   609  C  CG2 . VAL A 1 78  ? -9.886  4.413   14.399  1.00 19.55 ? 78  VAL A CG2 1 
ATOM   610  N  N   . VAL A 1 79  ? -9.031  8.385   12.001  1.00 19.86 ? 79  VAL A N   1 
ATOM   611  C  CA  . VAL A 1 79  ? -9.302  9.762   11.565  1.00 20.10 ? 79  VAL A CA  1 
ATOM   612  C  C   . VAL A 1 79  ? -10.394 9.694   10.487  1.00 21.10 ? 79  VAL A C   1 
ATOM   613  O  O   . VAL A 1 79  ? -10.575 8.664   9.819   1.00 19.66 ? 79  VAL A O   1 
ATOM   614  C  CB  . VAL A 1 79  ? -8.038  10.497  11.029  1.00 19.78 ? 79  VAL A CB  1 
ATOM   615  C  CG1 . VAL A 1 79  ? -6.975  10.596  12.127  1.00 19.74 ? 79  VAL A CG1 1 
ATOM   616  C  CG2 . VAL A 1 79  ? -7.470  9.783   9.802   1.00 19.96 ? 79  VAL A CG2 1 
ATOM   617  N  N   . GLY A 1 80  ? -11.146 10.778  10.350  1.00 21.94 ? 80  GLY A N   1 
ATOM   618  C  CA  . GLY A 1 80  ? -12.237 10.784  9.392   1.00 23.41 ? 80  GLY A CA  1 
ATOM   619  C  C   . GLY A 1 80  ? -11.991 11.505  8.096   1.00 24.46 ? 80  GLY A C   1 
ATOM   620  O  O   . GLY A 1 80  ? -12.851 11.494  7.218   1.00 25.29 ? 80  GLY A O   1 
ATOM   621  N  N   . SER A 1 81  ? -10.844 12.157  7.974   1.00 25.53 ? 81  SER A N   1 
ATOM   622  C  CA  . SER A 1 81  ? -10.532 12.876  6.752   1.00 26.94 ? 81  SER A CA  1 
ATOM   623  C  C   . SER A 1 81  ? -9.079  12.646  6.367   1.00 27.84 ? 81  SER A C   1 
ATOM   624  O  O   . SER A 1 81  ? -8.244  12.251  7.196   1.00 27.97 ? 81  SER A O   1 
ATOM   625  C  CB  . SER A 1 81  ? -10.797 14.377  6.919   1.00 27.27 ? 81  SER A CB  1 
ATOM   626  O  OG  . SER A 1 81  ? -9.818  14.986  7.751   1.00 27.41 ? 81  SER A OG  1 
ATOM   627  N  N   . LEU A 1 82  ? -8.781  12.924  5.105   1.00 28.22 ? 82  LEU A N   1 
ATOM   628  C  CA  . LEU A 1 82  ? -7.448  12.762  4.572   1.00 29.18 ? 82  LEU A CA  1 
ATOM   629  C  C   . LEU A 1 82  ? -6.484  13.749  5.213   1.00 30.03 ? 82  LEU A C   1 
ATOM   630  O  O   . LEU A 1 82  ? -5.341  13.401  5.525   1.00 29.69 ? 82  LEU A O   1 
ATOM   631  C  CB  . LEU A 1 82  ? -7.471  12.974  3.061   1.00 29.29 ? 82  LEU A CB  1 
ATOM   632  C  CG  . LEU A 1 82  ? -6.684  12.007  2.177   1.00 29.80 ? 82  LEU A CG  1 
ATOM   633  C  CD1 . LEU A 1 82  ? -5.869  12.823  1.208   1.00 30.00 ? 82  LEU A CD1 1 
ATOM   634  C  CD2 . LEU A 1 82  ? -5.804  11.069  2.980   1.00 28.92 ? 82  LEU A CD2 1 
ATOM   635  N  N   . GLU A 1 83  ? -6.950  14.983  5.411   1.00 31.13 ? 83  GLU A N   1 
ATOM   636  C  CA  . GLU A 1 83  ? -6.113  16.015  6.008   1.00 32.28 ? 83  GLU A CA  1 
ATOM   637  C  C   . GLU A 1 83  ? -5.630  15.633  7.414   1.00 31.93 ? 83  GLU A C   1 
ATOM   638  O  O   . GLU A 1 83  ? -4.469  15.847  7.739   1.00 31.61 ? 83  GLU A O   1 
ATOM   639  C  CB  . GLU A 1 83  ? -6.830  17.370  6.015   1.00 34.42 ? 83  GLU A CB  1 
ATOM   640  C  CG  . GLU A 1 83  ? -8.218  17.367  6.664   1.00 38.48 ? 83  GLU A CG  1 
ATOM   641  C  CD  . GLU A 1 83  ? -8.406  18.495  7.700   1.00 40.84 ? 83  GLU A CD  1 
ATOM   642  O  OE1 . GLU A 1 83  ? -7.449  19.294  7.902   1.00 41.62 ? 83  GLU A OE1 1 
ATOM   643  O  OE2 . GLU A 1 83  ? -9.514  18.569  8.311   1.00 41.39 ? 83  GLU A OE2 1 
ATOM   644  N  N   . GLU A 1 84  ? -6.506  15.019  8.212   1.00 32.01 ? 84  GLU A N   1 
ATOM   645  C  CA  . GLU A 1 84  ? -6.156  14.593  9.569   1.00 32.27 ? 84  GLU A CA  1 
ATOM   646  C  C   . GLU A 1 84  ? -5.098  13.477  9.524   1.00 32.15 ? 84  GLU A C   1 
ATOM   647  O  O   . GLU A 1 84  ? -4.243  13.367  10.412  1.00 32.15 ? 84  GLU A O   1 
ATOM   648  C  CB  . GLU A 1 84  ? -7.395  14.059  10.303  1.00 33.27 ? 84  GLU A CB  1 
ATOM   649  C  CG  . GLU A 1 84  ? -8.496  15.075  10.609  1.00 35.41 ? 84  GLU A CG  1 
ATOM   650  C  CD  . GLU A 1 84  ? -9.827  14.408  10.997  1.00 37.37 ? 84  GLU A CD  1 
ATOM   651  O  OE1 . GLU A 1 84  ? -9.886  13.696  12.029  1.00 38.85 ? 84  GLU A OE1 1 
ATOM   652  O  OE2 . GLU A 1 84  ? -10.826 14.591  10.263  1.00 38.65 ? 84  GLU A OE2 1 
ATOM   653  N  N   . ALA A 1 85  ? -5.159  12.665  8.474   1.00 31.07 ? 85  ALA A N   1 
ATOM   654  C  CA  . ALA A 1 85  ? -4.245  11.536  8.310   1.00 30.78 ? 85  ALA A CA  1 
ATOM   655  C  C   . ALA A 1 85  ? -2.826  11.830  7.831   1.00 30.49 ? 85  ALA A C   1 
ATOM   656  O  O   . ALA A 1 85  ? -1.881  11.167  8.248   1.00 30.20 ? 85  ALA A O   1 
ATOM   657  C  CB  . ALA A 1 85  ? -4.878  10.505  7.392   1.00 30.11 ? 85  ALA A CB  1 
ATOM   658  N  N   . LEU A 1 86  ? -2.675  12.828  6.968   1.00 30.33 ? 86  LEU A N   1 
ATOM   659  C  CA  . LEU A 1 86  ? -1.378  13.146  6.376   1.00 30.02 ? 86  LEU A CA  1 
ATOM   660  C  C   . LEU A 1 86  ? -0.550  14.229  7.058   1.00 30.47 ? 86  LEU A C   1 
ATOM   661  O  O   . LEU A 1 86  ? 0.234   14.915  6.407   1.00 30.82 ? 86  LEU A O   1 
ATOM   662  C  CB  . LEU A 1 86  ? -1.578  13.482  4.888   1.00 28.88 ? 86  LEU A CB  1 
ATOM   663  C  CG  . LEU A 1 86  ? -2.413  12.456  4.115   1.00 28.32 ? 86  LEU A CG  1 
ATOM   664  C  CD1 . LEU A 1 86  ? -2.615  12.914  2.685   1.00 28.43 ? 86  LEU A CD1 1 
ATOM   665  C  CD2 . LEU A 1 86  ? -1.731  11.080  4.156   1.00 27.52 ? 86  LEU A CD2 1 
ATOM   666  N  N   . THR A 1 87  ? -0.668  14.336  8.376   1.00 31.52 ? 87  THR A N   1 
ATOM   667  C  CA  . THR A 1 87  ? 0.074   15.353  9.112   1.00 31.86 ? 87  THR A CA  1 
ATOM   668  C  C   . THR A 1 87  ? 1.554   15.087  9.371   1.00 32.02 ? 87  THR A C   1 
ATOM   669  O  O   . THR A 1 87  ? 2.322   16.040  9.457   1.00 32.54 ? 87  THR A O   1 
ATOM   670  C  CB  . THR A 1 87  ? -0.636  15.738  10.422  1.00 31.96 ? 87  THR A CB  1 
ATOM   671  O  OG1 . THR A 1 87  ? -1.077  14.559  11.105  1.00 32.61 ? 87  THR A OG1 1 
ATOM   672  C  CG2 . THR A 1 87  ? -1.835  16.612  10.119  1.00 32.83 ? 87  THR A CG2 1 
ATOM   673  N  N   . SER A 1 88  ? 1.967   13.818  9.478   1.00 31.75 ? 88  SER A N   1 
ATOM   674  C  CA  . SER A 1 88  ? 3.382   13.479  9.720   1.00 31.18 ? 88  SER A CA  1 
ATOM   675  C  C   . SER A 1 88  ? 4.247   13.782  8.491   1.00 32.29 ? 88  SER A C   1 
ATOM   676  O  O   . SER A 1 88  ? 3.846   13.491  7.366   1.00 32.89 ? 88  SER A O   1 
ATOM   677  C  CB  . SER A 1 88  ? 3.540   11.994  10.084  1.00 29.94 ? 88  SER A CB  1 
ATOM   678  O  OG  . SER A 1 88  ? 2.724   11.621  11.185  1.00 28.65 ? 88  SER A OG  1 
ATOM   679  N  N   . PRO A 1 89  ? 5.465   14.316  8.698   1.00 32.69 ? 89  PRO A N   1 
ATOM   680  C  CA  . PRO A 1 89  ? 6.447   14.681  7.661   1.00 32.87 ? 89  PRO A CA  1 
ATOM   681  C  C   . PRO A 1 89  ? 6.841   13.535  6.719   1.00 32.28 ? 89  PRO A C   1 
ATOM   682  O  O   . PRO A 1 89  ? 7.209   13.769  5.567   1.00 33.02 ? 89  PRO A O   1 
ATOM   683  C  CB  . PRO A 1 89  ? 7.654   15.133  8.481   1.00 33.65 ? 89  PRO A CB  1 
ATOM   684  C  CG  . PRO A 1 89  ? 7.030   15.683  9.718   1.00 33.88 ? 89  PRO A CG  1 
ATOM   685  C  CD  . PRO A 1 89  ? 5.996   14.630  10.033  1.00 33.57 ? 89  PRO A CD  1 
ATOM   686  N  N   . GLU A 1 90  ? 6.862   12.319  7.252   1.00 30.92 ? 90  GLU A N   1 
ATOM   687  C  CA  . GLU A 1 90  ? 7.173   11.120  6.482   1.00 29.84 ? 90  GLU A CA  1 
ATOM   688  C  C   . GLU A 1 90  ? 5.983   10.174  6.689   1.00 27.34 ? 90  GLU A C   1 
ATOM   689  O  O   . GLU A 1 90  ? 5.839   9.545   7.742   1.00 28.11 ? 90  GLU A O   1 
ATOM   690  C  CB  . GLU A 1 90  ? 8.467   10.481  6.987   1.00 31.66 ? 90  GLU A CB  1 
ATOM   691  C  CG  . GLU A 1 90  ? 9.709   10.862  6.201   1.00 35.71 ? 90  GLU A CG  1 
ATOM   692  C  CD  . GLU A 1 90  ? 10.367  9.654   5.523   1.00 38.44 ? 90  GLU A CD  1 
ATOM   693  O  OE1 . GLU A 1 90  ? 10.012  8.495   5.864   1.00 39.31 ? 90  GLU A OE1 1 
ATOM   694  O  OE2 . GLU A 1 90  ? 11.240  9.862   4.640   1.00 40.65 ? 90  GLU A OE2 1 
ATOM   695  N  N   . THR A 1 91  ? 5.082   10.141  5.719   1.00 22.87 ? 91  THR A N   1 
ATOM   696  C  CA  . THR A 1 91  ? 3.912   9.288   5.827   1.00 19.60 ? 91  THR A CA  1 
ATOM   697  C  C   . THR A 1 91  ? 3.890   8.284   4.684   1.00 17.12 ? 91  THR A C   1 
ATOM   698  O  O   . THR A 1 91  ? 4.114   8.643   3.537   1.00 16.13 ? 91  THR A O   1 
ATOM   699  C  CB  . THR A 1 91  ? 2.609   10.122  5.744   1.00 19.67 ? 91  THR A CB  1 
ATOM   700  O  OG1 . THR A 1 91  ? 2.567   11.073  6.816   1.00 19.86 ? 91  THR A OG1 1 
ATOM   701  C  CG2 . THR A 1 91  ? 1.376   9.230   5.798   1.00 18.81 ? 91  THR A CG2 1 
ATOM   702  N  N   . TRP A 1 92  ? 3.629   7.027   5.006   1.00 15.39 ? 92  TRP A N   1 
ATOM   703  C  CA  . TRP A 1 92  ? 3.525   6.002   3.989   1.00 13.98 ? 92  TRP A CA  1 
ATOM   704  C  C   . TRP A 1 92  ? 2.099   5.511   3.909   1.00 12.72 ? 92  TRP A C   1 
ATOM   705  O  O   . TRP A 1 92  ? 1.535   5.061   4.902   1.00 12.48 ? 92  TRP A O   1 
ATOM   706  C  CB  . TRP A 1 92  ? 4.487   4.853   4.257   1.00 14.18 ? 92  TRP A CB  1 
ATOM   707  C  CG  . TRP A 1 92  ? 5.877   5.215   3.838   1.00 14.57 ? 92  TRP A CG  1 
ATOM   708  C  CD1 . TRP A 1 92  ? 6.893   5.647   4.643   1.00 15.15 ? 92  TRP A CD1 1 
ATOM   709  C  CD2 . TRP A 1 92  ? 6.383   5.258   2.494   1.00 14.43 ? 92  TRP A CD2 1 
ATOM   710  N  NE1 . TRP A 1 92  ? 7.994   5.971   3.883   1.00 15.37 ? 92  TRP A NE1 1 
ATOM   711  C  CE2 . TRP A 1 92  ? 7.709   5.741   2.561   1.00 15.30 ? 92  TRP A CE2 1 
ATOM   712  C  CE3 . TRP A 1 92  ? 5.839   4.941   1.239   1.00 14.13 ? 92  TRP A CE3 1 
ATOM   713  C  CZ2 . TRP A 1 92  ? 8.504   5.914   1.422   1.00 15.54 ? 92  TRP A CZ2 1 
ATOM   714  C  CZ3 . TRP A 1 92  ? 6.628   5.111   0.102   1.00 14.56 ? 92  TRP A CZ3 1 
ATOM   715  C  CH2 . TRP A 1 92  ? 7.946   5.596   0.200   1.00 15.54 ? 92  TRP A CH2 1 
ATOM   716  N  N   . VAL A 1 93  ? 1.484   5.709   2.742   1.00 11.98 ? 93  VAL A N   1 
ATOM   717  C  CA  . VAL A 1 93  ? 0.119   5.260   2.513   1.00 11.58 ? 93  VAL A CA  1 
ATOM   718  C  C   . VAL A 1 93  ? 0.257   3.803   2.054   1.00 11.77 ? 93  VAL A C   1 
ATOM   719  O  O   . VAL A 1 93  ? 0.897   3.516   1.037   1.00 11.80 ? 93  VAL A O   1 
ATOM   720  C  CB  . VAL A 1 93  ? -0.582  6.147   1.467   1.00 11.73 ? 93  VAL A CB  1 
ATOM   721  C  CG1 . VAL A 1 93  ? -1.946  5.570   1.129   1.00 11.43 ? 93  VAL A CG1 1 
ATOM   722  C  CG2 . VAL A 1 93  ? -0.739  7.573   2.042   1.00 12.46 ? 93  VAL A CG2 1 
ATOM   723  N  N   . ILE A 1 94  ? -0.332  2.893   2.825   1.00 11.85 ? 94  ILE A N   1 
ATOM   724  C  CA  . ILE A 1 94  ? -0.172  1.472   2.568   1.00 12.05 ? 94  ILE A CA  1 
ATOM   725  C  C   . ILE A 1 94  ? -1.379  0.725   2.045   1.00 12.67 ? 94  ILE A C   1 
ATOM   726  O  O   . ILE A 1 94  ? -1.382  -0.506  2.019   1.00 12.81 ? 94  ILE A O   1 
ATOM   727  C  CB  . ILE A 1 94  ? 0.355   0.772   3.845   1.00 11.27 ? 94  ILE A CB  1 
ATOM   728  C  CG1 . ILE A 1 94  ? -0.731  0.732   4.915   1.00 11.94 ? 94  ILE A CG1 1 
ATOM   729  C  CG2 . ILE A 1 94  ? 1.572   1.518   4.366   1.00 11.03 ? 94  ILE A CG2 1 
ATOM   730  C  CD1 . ILE A 1 94  ? -0.503  -0.310  5.974   1.00 12.49 ? 94  ILE A CD1 1 
ATOM   731  N  N   . GLY A 1 95  ? -2.363  1.343   1.634   1.00 13.39 ? 95  GLY A N   1 
ATOM   732  C  CA  . GLY A 1 95  ? -3.550  0.847   0.934   1.00 13.10 ? 95  GLY A CA  1 
ATOM   733  C  C   . GLY A 1 95  ? -4.827  1.287   1.287   1.00 13.98 ? 95  GLY A C   1 
ATOM   734  O  O   . GLY A 1 95  ? -4.981  1.866   2.394   1.00 14.43 ? 95  GLY A O   1 
ATOM   735  N  N   . GLY A 1 96  ? -6.163  0.817   0.939   1.00 14.13 ? 96  GLY A N   1 
ATOM   736  C  CA  . GLY A 1 96  ? -6.157  0.006   -0.273  1.00 13.51 ? 96  GLY A CA  1 
ATOM   737  C  C   . GLY A 1 96  ? -6.406  0.811   -1.539  1.00 13.19 ? 96  GLY A C   1 
ATOM   738  O  O   . GLY A 1 96  ? -5.899  1.932   -1.678  1.00 12.54 ? 96  GLY A O   1 
ATOM   739  N  N   . GLY A 1 97  ? -7.177  0.245   -2.466  1.00 12.72 ? 97  GLY A N   1 
ATOM   740  C  CA  . GLY A 1 97  ? -7.475  0.942   -3.711  1.00 12.68 ? 97  GLY A CA  1 
ATOM   741  C  C   . GLY A 1 97  ? -8.058  2.339   -3.537  1.00 12.16 ? 97  GLY A C   1 
ATOM   742  O  O   . GLY A 1 97  ? -7.580  3.289   -4.159  1.00 12.43 ? 97  GLY A O   1 
ATOM   743  N  N   . GLN A 1 98  ? -9.073  2.474   -2.686  1.00 13.04 ? 98  GLN A N   1 
ATOM   744  C  CA  . GLN A 1 98  ? -9.695  3.781   -2.460  1.00 13.78 ? 98  GLN A CA  1 
ATOM   745  C  C   . GLN A 1 98  ? -8.714  4.805   -1.886  1.00 14.65 ? 98  GLN A C   1 
ATOM   746  O  O   . GLN A 1 98  ? -8.608  5.925   -2.400  1.00 14.68 ? 98  GLN A O   1 
ATOM   747  C  CB  . GLN A 1 98  ? -10.877 3.677   -1.513  1.00 14.49 ? 98  GLN A CB  1 
ATOM   748  C  CG  . GLN A 1 98  ? -12.032 2.845   -2.022  1.00 16.38 ? 98  GLN A CG  1 
ATOM   749  C  CD  . GLN A 1 98  ? -13.133 2.708   -0.999  1.00 16.15 ? 98  GLN A CD  1 
ATOM   750  O  OE1 . GLN A 1 98  ? -13.775 1.666   -0.904  1.00 18.49 ? 98  GLN A OE1 1 
ATOM   751  N  NE2 . GLN A 1 98  ? -13.343 3.748   -0.213  1.00 15.38 ? 98  GLN A NE2 1 
ATOM   752  N  N   . VAL A 1 99  ? -7.969  4.412   -0.848  1.00 13.88 ? 99  VAL A N   1 
ATOM   753  C  CA  . VAL A 1 99  ? -7.030  5.334   -0.222  1.00 13.40 ? 99  VAL A CA  1 
ATOM   754  C  C   . VAL A 1 99  ? -5.853  5.723   -1.105  1.00 13.80 ? 99  VAL A C   1 
ATOM   755  O  O   . VAL A 1 99  ? -5.422  6.873   -1.049  1.00 13.68 ? 99  VAL A O   1 
ATOM   756  C  CB  . VAL A 1 99  ? -6.604  4.873   1.215   1.00 13.54 ? 99  VAL A CB  1 
ATOM   757  C  CG1 . VAL A 1 99  ? -5.564  5.819   1.796   1.00 12.12 ? 99  VAL A CG1 1 
ATOM   758  C  CG2 . VAL A 1 99  ? -7.825  4.839   2.141   1.00 12.65 ? 99  VAL A CG2 1 
ATOM   759  N  N   . TYR A 1 100 ? -5.355  4.816   -1.954  1.00 13.29 ? 100 TYR A N   1 
ATOM   760  C  CA  . TYR A 1 100 ? -4.262  5.160   -2.871  1.00 12.93 ? 100 TYR A CA  1 
ATOM   761  C  C   . TYR A 1 100 ? -4.723  6.272   -3.815  1.00 13.67 ? 100 TYR A C   1 
ATOM   762  O  O   . TYR A 1 100 ? -4.009  7.254   -4.050  1.00 12.74 ? 100 TYR A O   1 
ATOM   763  C  CB  . TYR A 1 100 ? -3.836  3.963   -3.725  1.00 13.03 ? 100 TYR A CB  1 
ATOM   764  C  CG  . TYR A 1 100 ? -3.006  2.904   -3.000  1.00 13.14 ? 100 TYR A CG  1 
ATOM   765  C  CD1 . TYR A 1 100 ? -3.241  1.546   -3.229  1.00 13.89 ? 100 TYR A CD1 1 
ATOM   766  C  CD2 . TYR A 1 100 ? -1.999  3.251   -2.093  1.00 12.86 ? 100 TYR A CD2 1 
ATOM   767  C  CE1 . TYR A 1 100 ? -2.507  0.553   -2.580  1.00 13.63 ? 100 TYR A CE1 1 
ATOM   768  C  CE2 . TYR A 1 100 ? -1.246  2.249   -1.435  1.00 12.68 ? 100 TYR A CE2 1 
ATOM   769  C  CZ  . TYR A 1 100 ? -1.516  0.904   -1.685  1.00 13.91 ? 100 TYR A CZ  1 
ATOM   770  O  OH  . TYR A 1 100 ? -0.830  -0.120  -1.041  1.00 13.05 ? 100 TYR A OH  1 
ATOM   771  N  N   . ALA A 1 101 ? -5.921  6.100   -4.366  1.00 13.89 ? 101 ALA A N   1 
ATOM   772  C  CA  . ALA A 1 101 ? -6.491  7.076   -5.290  1.00 14.71 ? 101 ALA A CA  1 
ATOM   773  C  C   . ALA A 1 101 ? -6.686  8.424   -4.596  1.00 15.37 ? 101 ALA A C   1 
ATOM   774  O  O   . ALA A 1 101 ? -6.416  9.464   -5.166  1.00 14.84 ? 101 ALA A O   1 
ATOM   775  C  CB  . ALA A 1 101 ? -7.815  6.556   -5.821  1.00 15.77 ? 101 ALA A CB  1 
ATOM   776  N  N   . LEU A 1 102 ? -7.120  8.378   -3.346  1.00 16.49 ? 102 LEU A N   1 
ATOM   777  C  CA  . LEU A 1 102 ? -7.363  9.560   -2.535  1.00 18.12 ? 102 LEU A CA  1 
ATOM   778  C  C   . LEU A 1 102 ? -6.075  10.308  -2.206  1.00 17.80 ? 102 LEU A C   1 
ATOM   779  O  O   . LEU A 1 102 ? -6.016  11.534  -2.293  1.00 17.31 ? 102 LEU A O   1 
ATOM   780  C  CB  . LEU A 1 102 ? -8.039  9.130   -1.233  1.00 20.40 ? 102 LEU A CB  1 
ATOM   781  C  CG  . LEU A 1 102 ? -8.966  10.054  -0.443  1.00 23.02 ? 102 LEU A CG  1 
ATOM   782  C  CD1 . LEU A 1 102 ? -10.163 10.502  -1.319  1.00 23.24 ? 102 LEU A CD1 1 
ATOM   783  C  CD2 . LEU A 1 102 ? -9.468  9.311   0.812   1.00 23.92 ? 102 LEU A CD2 1 
ATOM   784  N  N   . ALA A 1 103 ? -5.016  9.573   -1.889  1.00 16.38 ? 103 ALA A N   1 
ATOM   785  C  CA  . ALA A 1 103 ? -3.757  10.203  -1.505  1.00 16.32 ? 103 ALA A CA  1 
ATOM   786  C  C   . ALA A 1 103 ? -2.721  10.458  -2.593  1.00 16.06 ? 103 ALA A C   1 
ATOM   787  O  O   . ALA A 1 103 ? -1.743  11.155  -2.339  1.00 15.33 ? 103 ALA A O   1 
ATOM   788  C  CB  . ALA A 1 103 ? -3.118  9.401   -0.367  1.00 15.52 ? 103 ALA A CB  1 
ATOM   789  N  N   A LEU A 1 104 ? -2.927  9.911   -3.792  1.00 17.69 ? 104 LEU A N   1 
ATOM   790  C  CA  A LEU A 1 104 ? -1.953  10.060  -4.882  1.00 19.86 ? 104 LEU A CA  1 
ATOM   791  C  C   A LEU A 1 104 ? -1.556  11.515  -5.137  1.00 17.46 ? 104 LEU A C   1 
ATOM   792  O  O   A LEU A 1 104 ? -0.363  11.803  -5.261  1.00 15.74 ? 104 LEU A O   1 
ATOM   793  C  CB  A LEU A 1 104 ? -2.471  9.430   -6.188  0.92 23.50 ? 104 LEU A CB  1 
ATOM   794  C  CB  B LEU A 1 104 ? -2.473  9.399   -6.171  0.08 24.84 ? 104 LEU A CB  1 
ATOM   795  C  CG  A LEU A 1 104 ? -1.502  8.650   -7.108  0.92 26.66 ? 104 LEU A CG  1 
ATOM   796  C  CG  B LEU A 1 104 ? -1.536  9.059   -7.349  0.08 28.64 ? 104 LEU A CG  1 
ATOM   797  C  CD1 A LEU A 1 104 ? -2.050  8.589   -8.530  0.92 25.52 ? 104 LEU A CD1 1 
ATOM   798  C  CD1 B LEU A 1 104 ? -1.086  10.302  -8.094  0.08 30.32 ? 104 LEU A CD1 1 
ATOM   799  C  CD2 A LEU A 1 104 ? -0.123  9.268   -7.136  0.92 26.59 ? 104 LEU A CD2 1 
ATOM   800  C  CD2 B LEU A 1 104 ? -0.336  8.245   -6.876  0.08 29.78 ? 104 LEU A CD2 1 
ATOM   801  N  N   . PRO A 1 105 ? -2.536  12.448  -5.208  1.00 15.35 ? 105 PRO A N   1 
ATOM   802  C  CA  . PRO A 1 105 ? -2.134  13.839  -5.457  1.00 14.70 ? 105 PRO A CA  1 
ATOM   803  C  C   . PRO A 1 105 ? -1.238  14.486  -4.400  1.00 13.76 ? 105 PRO A C   1 
ATOM   804  O  O   . PRO A 1 105 ? -0.535  15.430  -4.702  1.00 14.23 ? 105 PRO A O   1 
ATOM   805  C  CB  . PRO A 1 105 ? -3.466  14.584  -5.661  1.00 14.19 ? 105 PRO A CB  1 
ATOM   806  C  CG  . PRO A 1 105 ? -4.515  13.671  -5.199  1.00 14.61 ? 105 PRO A CG  1 
ATOM   807  C  CD  . PRO A 1 105 ? -3.993  12.277  -5.341  1.00 14.40 ? 105 PRO A CD  1 
ATOM   808  N  N   . TYR A 1 106 ? -1.220  13.939  -3.190  1.00 13.82 ? 106 TYR A N   1 
ATOM   809  C  CA  . TYR A 1 106 ? -0.384  14.467  -2.103  1.00 13.88 ? 106 TYR A CA  1 
ATOM   810  C  C   . TYR A 1 106 ? 0.999   13.827  -2.115  1.00 14.61 ? 106 TYR A C   1 
ATOM   811  O  O   . TYR A 1 106 ? 1.925   14.317  -1.470  1.00 13.72 ? 106 TYR A O   1 
ATOM   812  C  CB  . TYR A 1 106 ? -1.028  14.171  -0.732  1.00 14.43 ? 106 TYR A CB  1 
ATOM   813  C  CG  . TYR A 1 106 ? -2.376  14.822  -0.535  1.00 15.22 ? 106 TYR A CG  1 
ATOM   814  C  CD1 . TYR A 1 106 ? -3.529  14.287  -1.141  1.00 14.99 ? 106 TYR A CD1 1 
ATOM   815  C  CD2 . TYR A 1 106 ? -2.492  16.031  0.170   1.00 15.36 ? 106 TYR A CD2 1 
ATOM   816  C  CE1 . TYR A 1 106 ? -4.765  14.949  -1.061  1.00 15.68 ? 106 TYR A CE1 1 
ATOM   817  C  CE2 . TYR A 1 106 ? -3.722  16.698  0.255   1.00 15.91 ? 106 TYR A CE2 1 
ATOM   818  C  CZ  . TYR A 1 106 ? -4.851  16.155  -0.366  1.00 15.76 ? 106 TYR A CZ  1 
ATOM   819  O  OH  . TYR A 1 106 ? -6.048  16.825  -0.324  1.00 15.51 ? 106 TYR A OH  1 
ATOM   820  N  N   . ALA A 1 107 ? 1.127   12.743  -2.879  1.00 14.46 ? 107 ALA A N   1 
ATOM   821  C  CA  . ALA A 1 107 ? 2.358   11.961  -2.967  1.00 15.47 ? 107 ALA A CA  1 
ATOM   822  C  C   . ALA A 1 107 ? 3.458   12.408  -3.924  1.00 15.86 ? 107 ALA A C   1 
ATOM   823  O  O   . ALA A 1 107 ? 3.202   12.821  -5.060  1.00 15.58 ? 107 ALA A O   1 
ATOM   824  C  CB  . ALA A 1 107 ? 2.005   10.511  -3.255  1.00 15.12 ? 107 ALA A CB  1 
ATOM   825  N  N   . THR A 1 108 ? 4.693   12.258  -3.459  1.00 15.87 ? 108 THR A N   1 
ATOM   826  C  CA  . THR A 1 108 ? 5.871   12.580  -4.239  1.00 16.89 ? 108 THR A CA  1 
ATOM   827  C  C   . THR A 1 108 ? 6.770   11.351  -4.441  1.00 17.43 ? 108 THR A C   1 
ATOM   828  O  O   . THR A 1 108 ? 7.810   11.436  -5.101  1.00 17.74 ? 108 THR A O   1 
ATOM   829  C  CB  . THR A 1 108 ? 6.689   13.708  -3.590  1.00 17.87 ? 108 THR A CB  1 
ATOM   830  O  OG1 . THR A 1 108 ? 6.762   13.496  -2.177  1.00 18.94 ? 108 THR A OG1 1 
ATOM   831  C  CG2 . THR A 1 108 ? 6.044   15.083  -3.877  1.00 19.23 ? 108 THR A CG2 1 
ATOM   832  N  N   . ARG A 1 109 ? 6.362   10.214  -3.871  1.00 17.29 ? 109 ARG A N   1 
ATOM   833  C  CA  . ARG A 1 109 ? 7.098   8.953   -3.988  1.00 16.92 ? 109 ARG A CA  1 
ATOM   834  C  C   . ARG A 1 109 ? 6.143   7.780   -4.032  1.00 15.97 ? 109 ARG A C   1 
ATOM   835  O  O   . ARG A 1 109 ? 5.112   7.781   -3.359  1.00 14.71 ? 109 ARG A O   1 
ATOM   836  C  CB  . ARG A 1 109 ? 8.003   8.704   -2.774  1.00 18.34 ? 109 ARG A CB  1 
ATOM   837  C  CG  . ARG A 1 109 ? 9.323   9.403   -2.793  1.00 20.61 ? 109 ARG A CG  1 
ATOM   838  C  CD  . ARG A 1 109 ? 10.162  8.949   -1.609  1.00 23.36 ? 109 ARG A CD  1 
ATOM   839  N  NE  . ARG A 1 109 ? 10.572  7.541   -1.686  1.00 23.96 ? 109 ARG A NE  1 
ATOM   840  C  CZ  . ARG A 1 109 ? 11.277  6.914   -0.742  1.00 24.44 ? 109 ARG A CZ  1 
ATOM   841  N  NH1 . ARG A 1 109 ? 11.646  7.574   0.355   1.00 24.64 ? 109 ARG A NH1 1 
ATOM   842  N  NH2 . ARG A 1 109 ? 11.624  5.637   -0.886  1.00 23.33 ? 109 ARG A NH2 1 
ATOM   843  N  N   . CYS A 1 110 ? 6.534   6.762   -4.802  1.00 15.49 ? 110 CYS A N   1 
ATOM   844  C  CA  . CYS A 1 110 ? 5.798   5.504   -4.900  1.00 15.98 ? 110 CYS A CA  1 
ATOM   845  C  C   . CYS A 1 110 ? 6.832   4.373   -4.940  1.00 15.76 ? 110 CYS A C   1 
ATOM   846  O  O   . CYS A 1 110 ? 7.804   4.446   -5.693  1.00 16.85 ? 110 CYS A O   1 
ATOM   847  C  CB  . CYS A 1 110 ? 4.954   5.422   -6.167  1.00 16.09 ? 110 CYS A CB  1 
ATOM   848  S  SG  . CYS A 1 110 ? 3.479   6.449   -6.200  1.00 17.06 ? 110 CYS A SG  1 
ATOM   849  N  N   . GLU A 1 111 ? 6.663   3.388   -4.062  1.00 15.15 ? 111 GLU A N   1 
ATOM   850  C  CA  . GLU A 1 111 ? 7.529   2.205   -4.010  1.00 15.23 ? 111 GLU A CA  1 
ATOM   851  C  C   . GLU A 1 111 ? 6.592   1.094   -4.412  1.00 14.18 ? 111 GLU A C   1 
ATOM   852  O  O   . GLU A 1 111 ? 5.655   0.744   -3.684  1.00 13.13 ? 111 GLU A O   1 
ATOM   853  C  CB  . GLU A 1 111 ? 8.080   1.961   -2.607  1.00 15.92 ? 111 GLU A CB  1 
ATOM   854  C  CG  . GLU A 1 111 ? 9.219   2.900   -2.243  1.00 19.09 ? 111 GLU A CG  1 
ATOM   855  C  CD  . GLU A 1 111 ? 10.351  2.901   -3.261  1.00 20.18 ? 111 GLU A CD  1 
ATOM   856  O  OE1 . GLU A 1 111 ? 10.699  1.831   -3.796  1.00 21.34 ? 111 GLU A OE1 1 
ATOM   857  O  OE2 . GLU A 1 111 ? 10.901  3.988   -3.533  1.00 22.20 ? 111 GLU A OE2 1 
ATOM   858  N  N   . VAL A 1 112 ? 6.824   0.587   -5.613  1.00 14.54 ? 112 VAL A N   1 
ATOM   859  C  CA  . VAL A 1 112 ? 5.982   -0.433  -6.213  1.00 14.54 ? 112 VAL A CA  1 
ATOM   860  C  C   . VAL A 1 112 ? 6.657   -1.780  -6.475  1.00 14.94 ? 112 VAL A C   1 
ATOM   861  O  O   . VAL A 1 112 ? 7.791   -1.851  -6.960  1.00 15.32 ? 112 VAL A O   1 
ATOM   862  C  CB  . VAL A 1 112 ? 5.424   0.087   -7.568  1.00 14.69 ? 112 VAL A CB  1 
ATOM   863  C  CG1 . VAL A 1 112 ? 4.445   -0.913  -8.159  1.00 14.31 ? 112 VAL A CG1 1 
ATOM   864  C  CG2 . VAL A 1 112 ? 4.789   1.484   -7.392  1.00 14.66 ? 112 VAL A CG2 1 
ATOM   865  N  N   . THR A 1 113 ? 5.936   -2.839  -6.144  1.00 14.99 ? 113 THR A N   1 
ATOM   866  C  CA  . THR A 1 113 ? 6.399   -4.197  -6.395  1.00 14.95 ? 113 THR A CA  1 
ATOM   867  C  C   . THR A 1 113 ? 5.489   -4.751  -7.484  1.00 15.06 ? 113 THR A C   1 
ATOM   868  O  O   . THR A 1 113 ? 4.271   -4.768  -7.301  1.00 14.91 ? 113 THR A O   1 
ATOM   869  C  CB  . THR A 1 113 ? 6.232   -5.075  -5.151  1.00 14.39 ? 113 THR A CB  1 
ATOM   870  O  OG1 . THR A 1 113 ? 7.056   -4.564  -4.101  1.00 14.77 ? 113 THR A OG1 1 
ATOM   871  C  CG2 . THR A 1 113 ? 6.634   -6.528  -5.450  1.00 14.20 ? 113 THR A CG2 1 
ATOM   872  N  N   . GLU A 1 114 ? 6.045   -5.113  -8.642  1.00 15.70 ? 114 GLU A N   1 
ATOM   873  C  CA  . GLU A 1 114 ? 5.224   -5.723  -9.693  1.00 15.94 ? 114 GLU A CA  1 
ATOM   874  C  C   . GLU A 1 114 ? 5.400   -7.242  -9.572  1.00 16.49 ? 114 GLU A C   1 
ATOM   875  O  O   . GLU A 1 114 ? 6.524   -7.746  -9.501  1.00 16.08 ? 114 GLU A O   1 
ATOM   876  C  CB  . GLU A 1 114 ? 5.649   -5.294  -11.094 1.00 16.52 ? 114 GLU A CB  1 
ATOM   877  C  CG  . GLU A 1 114 ? 4.783   -5.959  -12.205 1.00 18.04 ? 114 GLU A CG  1 
ATOM   878  C  CD  . GLU A 1 114 ? 5.301   -5.727  -13.627 1.00 19.78 ? 114 GLU A CD  1 
ATOM   879  O  OE1 . GLU A 1 114 ? 6.315   -5.022  -13.799 1.00 20.90 ? 114 GLU A OE1 1 
ATOM   880  O  OE2 . GLU A 1 114 ? 4.700   -6.265  -14.585 1.00 20.89 ? 114 GLU A OE2 1 
ATOM   881  N  N   . VAL A 1 115 ? 4.279   -7.947  -9.512  1.00 16.66 ? 115 VAL A N   1 
ATOM   882  C  CA  . VAL A 1 115 ? 4.271   -9.392  -9.412  1.00 17.24 ? 115 VAL A CA  1 
ATOM   883  C  C   . VAL A 1 115 ? 3.883   -9.944  -10.793 1.00 18.21 ? 115 VAL A C   1 
ATOM   884  O  O   . VAL A 1 115 ? 2.811   -9.644  -11.329 1.00 16.84 ? 115 VAL A O   1 
ATOM   885  C  CB  . VAL A 1 115 ? 3.281   -9.852  -8.335  1.00 17.00 ? 115 VAL A CB  1 
ATOM   886  C  CG1 . VAL A 1 115 ? 3.357   -11.370 -8.142  1.00 17.90 ? 115 VAL A CG1 1 
ATOM   887  C  CG2 . VAL A 1 115 ? 3.591   -9.151  -7.015  1.00 16.84 ? 115 VAL A CG2 1 
ATOM   888  N  N   . ASP A 1 116 ? 4.787   -10.727 -11.376 1.00 19.68 ? 116 ASP A N   1 
ATOM   889  C  CA  . ASP A 1 116 ? 4.584   -11.323 -12.696 1.00 20.48 ? 116 ASP A CA  1 
ATOM   890  C  C   . ASP A 1 116 ? 3.653   -12.540 -12.601 1.00 21.68 ? 116 ASP A C   1 
ATOM   891  O  O   . ASP A 1 116 ? 4.079   -13.693 -12.701 1.00 22.34 ? 116 ASP A O   1 
ATOM   892  C  CB  . ASP A 1 116 ? 5.950   -11.694 -13.296 1.00 20.44 ? 116 ASP A CB  1 
ATOM   893  C  CG  . ASP A 1 116 ? 5.870   -12.121 -14.758 1.00 21.24 ? 116 ASP A CG  1 
ATOM   894  O  OD1 . ASP A 1 116 ? 4.795   -12.002 -15.380 1.00 20.79 ? 116 ASP A OD1 1 
ATOM   895  O  OD2 . ASP A 1 116 ? 6.903   -12.585 -15.286 1.00 21.48 ? 116 ASP A OD2 1 
ATOM   896  N  N   . ILE A 1 117 ? 2.373   -12.266 -12.398 1.00 22.12 ? 117 ILE A N   1 
ATOM   897  C  CA  . ILE A 1 117 ? 1.350   -13.291 -12.277 1.00 22.28 ? 117 ILE A CA  1 
ATOM   898  C  C   . ILE A 1 117 ? 0.207   -12.925 -13.227 1.00 23.16 ? 117 ILE A C   1 
ATOM   899  O  O   . ILE A 1 117 ? -0.119  -11.740 -13.385 1.00 22.74 ? 117 ILE A O   1 
ATOM   900  C  CB  . ILE A 1 117 ? 0.868   -13.376 -10.806 1.00 22.32 ? 117 ILE A CB  1 
ATOM   901  C  CG1 . ILE A 1 117 ? -0.142  -14.497 -10.626 1.00 22.48 ? 117 ILE A CG1 1 
ATOM   902  C  CG2 . ILE A 1 117 ? 0.312   -12.029 -10.322 1.00 22.84 ? 117 ILE A CG2 1 
ATOM   903  C  CD1 . ILE A 1 117 ? -0.629  -14.633 -9.190  1.00 23.93 ? 117 ILE A CD1 1 
ATOM   904  N  N   . GLY A 1 118 ? -0.314  -13.926 -13.938 1.00 23.54 ? 118 GLY A N   1 
ATOM   905  C  CA  . GLY A 1 118 ? -1.424  -13.712 -14.864 1.00 23.89 ? 118 GLY A CA  1 
ATOM   906  C  C   . GLY A 1 118 ? -2.695  -13.558 -14.058 1.00 23.95 ? 118 GLY A C   1 
ATOM   907  O  O   . GLY A 1 118 ? -3.244  -14.531 -13.549 1.00 24.71 ? 118 GLY A O   1 
ATOM   908  N  N   . LEU A 1 119 ? -3.191  -12.334 -13.967 1.00 24.43 ? 119 LEU A N   1 
ATOM   909  C  CA  . LEU A 1 119 ? -4.358  -12.080 -13.147 1.00 25.02 ? 119 LEU A CA  1 
ATOM   910  C  C   . LEU A 1 119 ? -5.206  -10.941 -13.703 1.00 25.70 ? 119 LEU A C   1 
ATOM   911  O  O   . LEU A 1 119 ? -5.158  -9.820  -13.197 1.00 25.47 ? 119 LEU A O   1 
ATOM   912  C  CB  . LEU A 1 119 ? -3.872  -11.729 -11.735 1.00 25.25 ? 119 LEU A CB  1 
ATOM   913  C  CG  . LEU A 1 119 ? -4.745  -11.963 -10.510 1.00 25.94 ? 119 LEU A CG  1 
ATOM   914  C  CD1 . LEU A 1 119 ? -5.003  -13.440 -10.346 1.00 26.19 ? 119 LEU A CD1 1 
ATOM   915  C  CD2 . LEU A 1 119 ? -4.028  -11.417 -9.281  1.00 26.95 ? 119 LEU A CD2 1 
ATOM   916  N  N   . PRO A 1 120 ? -5.987  -11.213 -14.764 1.00 25.84 ? 120 PRO A N   1 
ATOM   917  C  CA  . PRO A 1 120 ? -6.863  -10.225 -15.407 1.00 25.66 ? 120 PRO A CA  1 
ATOM   918  C  C   . PRO A 1 120 ? -7.786  -9.576  -14.387 1.00 24.83 ? 120 PRO A C   1 
ATOM   919  O  O   . PRO A 1 120 ? -8.260  -10.233 -13.462 1.00 24.25 ? 120 PRO A O   1 
ATOM   920  C  CB  . PRO A 1 120 ? -7.670  -11.079 -16.385 1.00 25.43 ? 120 PRO A CB  1 
ATOM   921  C  CG  . PRO A 1 120 ? -6.694  -12.115 -16.778 1.00 25.81 ? 120 PRO A CG  1 
ATOM   922  C  CD  . PRO A 1 120 ? -6.089  -12.511 -15.453 1.00 26.31 ? 120 PRO A CD  1 
ATOM   923  N  N   . ARG A 1 121 ? -8.016  -8.281  -14.542 1.00 25.04 ? 121 ARG A N   1 
ATOM   924  C  CA  . ARG A 1 121 ? -8.894  -7.566  -13.623 1.00 25.44 ? 121 ARG A CA  1 
ATOM   925  C  C   . ARG A 1 121 ? -10.324 -8.069  -13.725 1.00 24.43 ? 121 ARG A C   1 
ATOM   926  O  O   . ARG A 1 121 ? -10.805 -8.395  -14.810 1.00 24.74 ? 121 ARG A O   1 
ATOM   927  C  CB  . ARG A 1 121 ? -8.876  -6.070  -13.927 1.00 27.27 ? 121 ARG A CB  1 
ATOM   928  C  CG  . ARG A 1 121 ? -7.489  -5.472  -13.940 1.00 30.20 ? 121 ARG A CG  1 
ATOM   929  C  CD  . ARG A 1 121 ? -7.555  -3.970  -14.116 1.00 33.37 ? 121 ARG A CD  1 
ATOM   930  N  NE  . ARG A 1 121 ? -8.113  -3.590  -15.410 1.00 36.32 ? 121 ARG A NE  1 
ATOM   931  C  CZ  . ARG A 1 121 ? -7.431  -3.634  -16.549 1.00 37.49 ? 121 ARG A CZ  1 
ATOM   932  N  NH1 . ARG A 1 121 ? -6.160  -4.045  -16.552 1.00 37.47 ? 121 ARG A NH1 1 
ATOM   933  N  NH2 . ARG A 1 121 ? -8.019  -3.263  -17.685 1.00 38.17 ? 121 ARG A NH2 1 
ATOM   934  N  N   . GLU A 1 122 ? -10.989 -8.153  -12.585 1.00 22.84 ? 122 GLU A N   1 
ATOM   935  C  CA  . GLU A 1 122 ? -12.374 -8.580  -12.524 1.00 22.73 ? 122 GLU A CA  1 
ATOM   936  C  C   . GLU A 1 122 ? -13.124 -7.456  -11.839 1.00 22.22 ? 122 GLU A C   1 
ATOM   937  O  O   . GLU A 1 122 ? -12.513 -6.644  -11.146 1.00 22.46 ? 122 GLU A O   1 
ATOM   938  C  CB  . GLU A 1 122 ? -12.507 -9.881  -11.727 1.00 22.67 ? 122 GLU A CB  1 
ATOM   939  C  CG  . GLU A 1 122 ? -11.835 -11.043 -12.432 1.00 23.63 ? 122 GLU A CG  1 
ATOM   940  C  CD  . GLU A 1 122 ? -11.758 -12.316 -11.617 1.00 24.42 ? 122 GLU A CD  1 
ATOM   941  O  OE1 . GLU A 1 122 ? -11.102 -13.255 -12.107 1.00 26.32 ? 122 GLU A OE1 1 
ATOM   942  O  OE2 . GLU A 1 122 ? -12.330 -12.396 -10.504 1.00 25.01 ? 122 GLU A OE2 1 
ATOM   943  N  N   . ALA A 1 123 ? -14.435 -7.393  -12.039 1.00 21.80 ? 123 ALA A N   1 
ATOM   944  C  CA  . ALA A 1 123 ? -15.242 -6.344  -11.425 1.00 21.16 ? 123 ALA A CA  1 
ATOM   945  C  C   . ALA A 1 123 ? -15.196 -6.476  -9.918  1.00 19.88 ? 123 ALA A C   1 
ATOM   946  O  O   . ALA A 1 123 ? -15.306 -7.573  -9.388  1.00 19.58 ? 123 ALA A O   1 
ATOM   947  C  CB  . ALA A 1 123 ? -16.675 -6.420  -11.907 1.00 21.09 ? 123 ALA A CB  1 
ATOM   948  N  N   . GLY A 1 124 ? -15.030 -5.351  -9.231  1.00 19.45 ? 124 GLY A N   1 
ATOM   949  C  CA  . GLY A 1 124 ? -14.979 -5.377  -7.776  1.00 19.36 ? 124 GLY A CA  1 
ATOM   950  C  C   . GLY A 1 124 ? -13.587 -5.494  -7.166  1.00 19.24 ? 124 GLY A C   1 
ATOM   951  O  O   . GLY A 1 124 ? -13.440 -5.434  -5.941  1.00 19.78 ? 124 GLY A O   1 
ATOM   952  N  N   . ASP A 1 125 ? -12.572 -5.658  -8.010  1.00 18.47 ? 125 ASP A N   1 
ATOM   953  C  CA  . ASP A 1 125 ? -11.189 -5.783  -7.566  1.00 18.32 ? 125 ASP A CA  1 
ATOM   954  C  C   . ASP A 1 125 ? -10.681 -4.454  -7.019  1.00 18.80 ? 125 ASP A C   1 
ATOM   955  O  O   . ASP A 1 125 ? -11.220 -3.399  -7.349  1.00 19.62 ? 125 ASP A O   1 
ATOM   956  C  CB  . ASP A 1 125 ? -10.291 -6.131  -8.754  1.00 17.65 ? 125 ASP A CB  1 
ATOM   957  C  CG  . ASP A 1 125 ? -10.302 -7.611  -9.115  1.00 17.77 ? 125 ASP A CG  1 
ATOM   958  O  OD1 . ASP A 1 125 ? -10.956 -8.427  -8.431  1.00 18.09 ? 125 ASP A OD1 1 
ATOM   959  O  OD2 . ASP A 1 125 ? -9.619  -7.946  -10.100 1.00 18.43 ? 125 ASP A OD2 1 
ATOM   960  N  N   . ALA A 1 126 ? -9.656  -4.515  -6.169  1.00 17.89 ? 126 ALA A N   1 
ATOM   961  C  CA  . ALA A 1 126 ? -9.004  -3.316  -5.654  1.00 16.64 ? 126 ALA A CA  1 
ATOM   962  C  C   . ALA A 1 126 ? -7.898  -3.166  -6.701  1.00 16.82 ? 126 ALA A C   1 
ATOM   963  O  O   . ALA A 1 126 ? -7.278  -4.168  -7.115  1.00 15.93 ? 126 ALA A O   1 
ATOM   964  C  CB  . ALA A 1 126 ? -8.414  -3.570  -4.263  1.00 15.98 ? 126 ALA A CB  1 
ATOM   965  N  N   . LEU A 1 127 ? -7.679  -1.946  -7.173  1.00 16.30 ? 127 LEU A N   1 
ATOM   966  C  CA  . LEU A 1 127 ? -6.688  -1.691  -8.206  1.00 16.92 ? 127 LEU A CA  1 
ATOM   967  C  C   . LEU A 1 127 ? -5.652  -0.660  -7.813  1.00 16.63 ? 127 LEU A C   1 
ATOM   968  O  O   . LEU A 1 127 ? -5.933  0.245   -7.040  1.00 16.33 ? 127 LEU A O   1 
ATOM   969  C  CB  . LEU A 1 127 ? -7.375  -1.206  -9.496  1.00 17.96 ? 127 LEU A CB  1 
ATOM   970  C  CG  . LEU A 1 127 ? -8.267  -2.132  -10.336 1.00 19.26 ? 127 LEU A CG  1 
ATOM   971  C  CD1 . LEU A 1 127 ? -8.697  -1.360  -11.573 1.00 19.69 ? 127 LEU A CD1 1 
ATOM   972  C  CD2 . LEU A 1 127 ? -7.520  -3.402  -10.766 1.00 18.64 ? 127 LEU A CD2 1 
ATOM   973  N  N   . ALA A 1 128 ? -4.464  -0.781  -8.388  1.00 16.27 ? 128 ALA A N   1 
ATOM   974  C  CA  . ALA A 1 128 ? -3.390  0.164   -8.118  1.00 16.96 ? 128 ALA A CA  1 
ATOM   975  C  C   . ALA A 1 128 ? -3.645  1.461   -8.889  1.00 17.59 ? 128 ALA A C   1 
ATOM   976  O  O   . ALA A 1 128 ? -4.389  1.471   -9.891  1.00 17.23 ? 128 ALA A O   1 
ATOM   977  C  CB  . ALA A 1 128 ? -2.051  -0.426  -8.538  1.00 16.44 ? 128 ALA A CB  1 
ATOM   978  N  N   . PRO A 1 129 ? -3.139  2.592   -8.367  1.00 17.64 ? 129 PRO A N   1 
ATOM   979  C  CA  . PRO A 1 129 ? -3.349  3.837   -9.096  1.00 18.43 ? 129 PRO A CA  1 
ATOM   980  C  C   . PRO A 1 129 ? -2.434  3.780   -10.325 1.00 20.25 ? 129 PRO A C   1 
ATOM   981  O  O   . PRO A 1 129 ? -1.484  2.992   -10.375 1.00 19.87 ? 129 PRO A O   1 
ATOM   982  C  CB  . PRO A 1 129 ? -2.903  4.902   -8.083  1.00 18.02 ? 129 PRO A CB  1 
ATOM   983  C  CG  . PRO A 1 129 ? -1.869  4.226   -7.286  1.00 17.57 ? 129 PRO A CG  1 
ATOM   984  C  CD  . PRO A 1 129 ? -2.479  2.845   -7.072  1.00 17.43 ? 129 PRO A CD  1 
ATOM   985  N  N   . VAL A 1 130 ? -2.800  4.511   -11.370 1.00 22.54 ? 130 VAL A N   1 
ATOM   986  C  CA  . VAL A 1 130 ? -1.983  4.540   -12.576 1.00 23.85 ? 130 VAL A CA  1 
ATOM   987  C  C   . VAL A 1 130 ? -1.136  5.798   -12.535 1.00 23.65 ? 130 VAL A C   1 
ATOM   988  O  O   . VAL A 1 130 ? -1.643  6.892   -12.287 1.00 24.03 ? 130 VAL A O   1 
ATOM   989  C  CB  . VAL A 1 130 ? -2.841  4.512   -13.860 1.00 25.16 ? 130 VAL A CB  1 
ATOM   990  C  CG1 . VAL A 1 130 ? -1.924  4.502   -15.096 1.00 26.08 ? 130 VAL A CG1 1 
ATOM   991  C  CG2 . VAL A 1 130 ? -3.758  3.272   -13.850 1.00 25.85 ? 130 VAL A CG2 1 
ATOM   992  N  N   . LEU A 1 131 ? 0.166   5.630   -12.720 1.00 23.22 ? 131 LEU A N   1 
ATOM   993  C  CA  . LEU A 1 131 ? 1.080   6.757   -12.677 1.00 23.05 ? 131 LEU A CA  1 
ATOM   994  C  C   . LEU A 1 131 ? 1.259   7.398   -14.047 1.00 23.74 ? 131 LEU A C   1 
ATOM   995  O  O   . LEU A 1 131 ? 1.613   6.736   -15.026 1.00 23.38 ? 131 LEU A O   1 
ATOM   996  C  CB  . LEU A 1 131 ? 2.422   6.335   -12.071 1.00 21.50 ? 131 LEU A CB  1 
ATOM   997  C  CG  . LEU A 1 131 ? 2.300   5.716   -10.666 1.00 20.77 ? 131 LEU A CG  1 
ATOM   998  C  CD1 . LEU A 1 131 ? 3.691   5.440   -10.134 1.00 21.38 ? 131 LEU A CD1 1 
ATOM   999  C  CD2 . LEU A 1 131 ? 1.520   6.605   -9.700  1.00 19.30 ? 131 LEU A CD2 1 
ATOM   1000 N  N   . ASP A 1 132 ? 0.966   8.692   -14.109 1.00 24.44 ? 132 ASP A N   1 
ATOM   1001 C  CA  . ASP A 1 132 ? 1.073   9.445   -15.348 1.00 25.34 ? 132 ASP A CA  1 
ATOM   1002 C  C   . ASP A 1 132 ? 2.481   9.967   -15.589 1.00 26.26 ? 132 ASP A C   1 
ATOM   1003 O  O   . ASP A 1 132 ? 3.414   9.607   -14.872 1.00 26.31 ? 132 ASP A O   1 
ATOM   1004 C  CB  . ASP A 1 132 ? 0.025   10.571  -15.399 1.00 24.69 ? 132 ASP A CB  1 
ATOM   1005 C  CG  . ASP A 1 132 ? 0.282   11.689  -14.381 1.00 25.10 ? 132 ASP A CG  1 
ATOM   1006 O  OD1 . ASP A 1 132 ? -0.649  12.500  -14.162 1.00 25.14 ? 132 ASP A OD1 1 
ATOM   1007 O  OD2 . ASP A 1 132 ? 1.389   11.787  -13.811 1.00 24.99 ? 132 ASP A OD2 1 
ATOM   1008 N  N   . GLU A 1 133 ? 2.617   10.871  -16.557 1.00 27.70 ? 133 GLU A N   1 
ATOM   1009 C  CA  . GLU A 1 133 ? 3.914   11.418  -16.908 1.00 29.38 ? 133 GLU A CA  1 
ATOM   1010 C  C   . GLU A 1 133 ? 4.564   12.412  -15.959 1.00 28.97 ? 133 GLU A C   1 
ATOM   1011 O  O   . GLU A 1 133 ? 5.657   12.894  -16.239 1.00 29.46 ? 133 GLU A O   1 
ATOM   1012 C  CB  . GLU A 1 133 ? 3.908   11.947  -18.346 1.00 31.69 ? 133 GLU A CB  1 
ATOM   1013 C  CG  . GLU A 1 133 ? 4.450   10.930  -19.345 1.00 36.25 ? 133 GLU A CG  1 
ATOM   1014 C  CD  . GLU A 1 133 ? 5.899   10.507  -19.030 1.00 39.02 ? 133 GLU A CD  1 
ATOM   1015 O  OE1 . GLU A 1 133 ? 6.100   9.483   -18.329 1.00 40.67 ? 133 GLU A OE1 1 
ATOM   1016 O  OE2 . GLU A 1 133 ? 6.844   11.207  -19.480 1.00 41.32 ? 133 GLU A OE2 1 
ATOM   1017 N  N   . THR A 1 134 ? 3.927   12.707  -14.828 1.00 28.67 ? 134 THR A N   1 
ATOM   1018 C  CA  . THR A 1 134 ? 4.540   13.624  -13.862 1.00 27.09 ? 134 THR A CA  1 
ATOM   1019 C  C   . THR A 1 134 ? 5.605   12.856  -13.082 1.00 27.19 ? 134 THR A C   1 
ATOM   1020 O  O   . THR A 1 134 ? 6.486   13.463  -12.478 1.00 27.02 ? 134 THR A O   1 
ATOM   1021 C  CB  . THR A 1 134 ? 3.508   14.231  -12.853 1.00 26.65 ? 134 THR A CB  1 
ATOM   1022 O  OG1 . THR A 1 134 ? 2.874   13.190  -12.094 1.00 25.46 ? 134 THR A OG1 1 
ATOM   1023 C  CG2 . THR A 1 134 ? 2.442   15.036  -13.584 1.00 26.12 ? 134 THR A CG2 1 
ATOM   1024 N  N   . TRP A 1 135 ? 5.541   11.521  -13.144 1.00 26.81 ? 135 TRP A N   1 
ATOM   1025 C  CA  . TRP A 1 135 ? 6.465   10.641  -12.420 1.00 26.97 ? 135 TRP A CA  1 
ATOM   1026 C  C   . TRP A 1 135 ? 7.677   10.185  -13.203 1.00 28.67 ? 135 TRP A C   1 
ATOM   1027 O  O   . TRP A 1 135 ? 7.573   9.865   -14.388 1.00 29.11 ? 135 TRP A O   1 
ATOM   1028 C  CB  . TRP A 1 135 ? 5.737   9.389   -11.927 1.00 24.08 ? 135 TRP A CB  1 
ATOM   1029 C  CG  . TRP A 1 135 ? 4.640   9.661   -10.957 1.00 21.23 ? 135 TRP A CG  1 
ATOM   1030 C  CD1 . TRP A 1 135 ? 3.323   9.874   -11.243 1.00 19.65 ? 135 TRP A CD1 1 
ATOM   1031 C  CD2 . TRP A 1 135 ? 4.760   9.728   -9.531  1.00 19.54 ? 135 TRP A CD2 1 
ATOM   1032 N  NE1 . TRP A 1 135 ? 2.614   10.067  -10.084 1.00 19.18 ? 135 TRP A NE1 1 
ATOM   1033 C  CE2 . TRP A 1 135 ? 3.471   9.984   -9.016  1.00 18.96 ? 135 TRP A CE2 1 
ATOM   1034 C  CE3 . TRP A 1 135 ? 5.831   9.598   -8.635  1.00 18.82 ? 135 TRP A CE3 1 
ATOM   1035 C  CZ2 . TRP A 1 135 ? 3.224   10.112  -7.633  1.00 18.23 ? 135 TRP A CZ2 1 
ATOM   1036 C  CZ3 . TRP A 1 135 ? 5.581   9.727   -7.260  1.00 17.53 ? 135 TRP A CZ3 1 
ATOM   1037 C  CH2 . TRP A 1 135 ? 4.292   9.981   -6.781  1.00 17.62 ? 135 TRP A CH2 1 
ATOM   1038 N  N   . ARG A 1 136 ? 8.814   10.129  -12.513 1.00 30.29 ? 136 ARG A N   1 
ATOM   1039 C  CA  . ARG A 1 136 ? 10.089  9.669   -13.078 1.00 32.17 ? 136 ARG A CA  1 
ATOM   1040 C  C   . ARG A 1 136 ? 10.392  8.404   -12.277 1.00 32.11 ? 136 ARG A C   1 
ATOM   1041 O  O   . ARG A 1 136 ? 10.317  8.419   -11.044 1.00 32.06 ? 136 ARG A O   1 
ATOM   1042 C  CB  . ARG A 1 136 ? 11.211  10.684  -12.812 1.00 34.04 ? 136 ARG A CB  1 
ATOM   1043 C  CG  . ARG A 1 136 ? 10.890  12.130  -13.202 1.00 38.04 ? 136 ARG A CG  1 
ATOM   1044 C  CD  . ARG A 1 136 ? 11.712  13.139  -12.362 1.00 41.05 ? 136 ARG A CD  1 
ATOM   1045 N  NE  . ARG A 1 136 ? 11.007  14.416  -12.136 1.00 43.84 ? 136 ARG A NE  1 
ATOM   1046 C  CZ  . ARG A 1 136 ? 11.005  15.098  -10.983 1.00 44.29 ? 136 ARG A CZ  1 
ATOM   1047 N  NH1 . ARG A 1 136 ? 11.674  14.641  -9.924  1.00 44.63 ? 136 ARG A NH1 1 
ATOM   1048 N  NH2 . ARG A 1 136 ? 10.313  16.232  -10.876 1.00 43.91 ? 136 ARG A NH2 1 
ATOM   1049 N  N   . GLY A 1 137 ? 10.755  7.319   -12.951 1.00 32.21 ? 137 GLY A N   1 
ATOM   1050 C  CA  . GLY A 1 137 ? 11.033  6.096   -12.216 1.00 32.28 ? 137 GLY A CA  1 
ATOM   1051 C  C   . GLY A 1 137 ? 12.276  5.305   -12.568 1.00 31.93 ? 137 GLY A C   1 
ATOM   1052 O  O   . GLY A 1 137 ? 12.932  5.568   -13.573 1.00 32.06 ? 137 GLY A O   1 
ATOM   1053 N  N   . GLU A 1 138 ? 12.623  4.371   -11.681 1.00 32.02 ? 138 GLU A N   1 
ATOM   1054 C  CA  . GLU A 1 138 ? 13.762  3.465   -11.850 1.00 31.79 ? 138 GLU A CA  1 
ATOM   1055 C  C   . GLU A 1 138 ? 13.173  2.070   -11.678 1.00 30.55 ? 138 GLU A C   1 
ATOM   1056 O  O   . GLU A 1 138 ? 12.420  1.830   -10.734 1.00 29.63 ? 138 GLU A O   1 
ATOM   1057 C  CB  . GLU A 1 138 ? 14.811  3.653   -10.746 1.00 33.96 ? 138 GLU A CB  1 
ATOM   1058 C  CG  . GLU A 1 138 ? 15.172  5.085   -10.375 1.00 37.32 ? 138 GLU A CG  1 
ATOM   1059 C  CD  . GLU A 1 138 ? 15.260  5.273   -8.851  1.00 39.69 ? 138 GLU A CD  1 
ATOM   1060 O  OE1 . GLU A 1 138 ? 14.640  6.240   -8.336  1.00 40.72 ? 138 GLU A OE1 1 
ATOM   1061 O  OE2 . GLU A 1 138 ? 15.921  4.437   -8.166  1.00 40.42 ? 138 GLU A OE2 1 
ATOM   1062 N  N   . THR A 1 139 ? 13.502  1.161   -12.589 1.00 29.75 ? 139 THR A N   1 
ATOM   1063 C  CA  . THR A 1 139 ? 13.012  -0.215  -12.521 1.00 28.93 ? 139 THR A CA  1 
ATOM   1064 C  C   . THR A 1 139 ? 14.153  -1.118  -12.058 1.00 28.26 ? 139 THR A C   1 
ATOM   1065 O  O   . THR A 1 139 ? 15.292  -0.955  -12.496 1.00 27.73 ? 139 THR A O   1 
ATOM   1066 C  CB  . THR A 1 139 ? 12.539  -0.704  -13.909 1.00 29.75 ? 139 THR A CB  1 
ATOM   1067 O  OG1 . THR A 1 139 ? 11.632  0.256   -14.467 1.00 31.38 ? 139 THR A OG1 1 
ATOM   1068 C  CG2 . THR A 1 139 ? 11.830  -2.044  -13.803 1.00 29.57 ? 139 THR A CG2 1 
ATOM   1069 N  N   . GLY A 1 140 ? 13.856  -2.030  -11.141 1.00 27.41 ? 140 GLY A N   1 
ATOM   1070 C  CA  . GLY A 1 140 ? 14.867  -2.955  -10.665 1.00 26.67 ? 140 GLY A CA  1 
ATOM   1071 C  C   . GLY A 1 140 ? 14.828  -4.237  -11.477 1.00 26.18 ? 140 GLY A C   1 
ATOM   1072 O  O   . GLY A 1 140 ? 13.937  -4.424  -12.303 1.00 25.73 ? 140 GLY A O   1 
ATOM   1073 N  N   . GLU A 1 141 ? 15.803  -5.116  -11.245 1.00 26.41 ? 141 GLU A N   1 
ATOM   1074 C  CA  . GLU A 1 141 ? 15.906  -6.408  -11.941 1.00 26.54 ? 141 GLU A CA  1 
ATOM   1075 C  C   . GLU A 1 141 ? 14.843  -7.404  -11.491 1.00 25.84 ? 141 GLU A C   1 
ATOM   1076 O  O   . GLU A 1 141 ? 14.497  -7.450  -10.309 1.00 25.76 ? 141 GLU A O   1 
ATOM   1077 C  CB  . GLU A 1 141 ? 17.277  -7.055  -11.680 1.00 27.61 ? 141 GLU A CB  1 
ATOM   1078 C  CG  . GLU A 1 141 ? 18.460  -6.302  -12.252 1.00 31.01 ? 141 GLU A CG  1 
ATOM   1079 C  CD  . GLU A 1 141 ? 18.289  -5.977  -13.726 1.00 32.71 ? 141 GLU A CD  1 
ATOM   1080 O  OE1 . GLU A 1 141 ? 18.539  -4.809  -14.103 1.00 35.19 ? 141 GLU A OE1 1 
ATOM   1081 O  OE2 . GLU A 1 141 ? 17.887  -6.876  -14.510 1.00 34.06 ? 141 GLU A OE2 1 
ATOM   1082 N  N   . TRP A 1 142 ? 14.348  -8.219  -12.423 1.00 25.46 ? 142 TRP A N   1 
ATOM   1083 C  CA  . TRP A 1 142 ? 13.366  -9.240  -12.087 1.00 25.59 ? 142 TRP A CA  1 
ATOM   1084 C  C   . TRP A 1 142 ? 14.054  -10.245 -11.156 1.00 26.46 ? 142 TRP A C   1 
ATOM   1085 O  O   . TRP A 1 142 ? 15.247  -10.523 -11.312 1.00 26.66 ? 142 TRP A O   1 
ATOM   1086 C  CB  . TRP A 1 142 ? 12.893  -9.973  -13.344 1.00 25.54 ? 142 TRP A CB  1 
ATOM   1087 C  CG  . TRP A 1 142 ? 11.820  -9.277  -14.124 1.00 24.90 ? 142 TRP A CG  1 
ATOM   1088 C  CD1 . TRP A 1 142 ? 11.945  -8.719  -15.356 1.00 25.66 ? 142 TRP A CD1 1 
ATOM   1089 C  CD2 . TRP A 1 142 ? 10.434  -9.131  -13.758 1.00 24.90 ? 142 TRP A CD2 1 
ATOM   1090 N  NE1 . TRP A 1 142 ? 10.726  -8.238  -15.795 1.00 25.31 ? 142 TRP A NE1 1 
ATOM   1091 C  CE2 . TRP A 1 142 ? 9.783   -8.479  -14.833 1.00 24.76 ? 142 TRP A CE2 1 
ATOM   1092 C  CE3 . TRP A 1 142 ? 9.682   -9.489  -12.634 1.00 23.38 ? 142 TRP A CE3 1 
ATOM   1093 C  CZ2 . TRP A 1 142 ? 8.417   -8.181  -14.815 1.00 24.85 ? 142 TRP A CZ2 1 
ATOM   1094 C  CZ3 . TRP A 1 142 ? 8.323   -9.192  -12.614 1.00 24.45 ? 142 TRP A CZ3 1 
ATOM   1095 C  CH2 . TRP A 1 142 ? 7.704   -8.545  -13.700 1.00 25.01 ? 142 TRP A CH2 1 
ATOM   1096 N  N   . ARG A 1 143 ? 13.325  -10.742 -10.162 1.00 26.83 ? 143 ARG A N   1 
ATOM   1097 C  CA  . ARG A 1 143 ? 13.857  -11.726 -9.222  1.00 28.36 ? 143 ARG A CA  1 
ATOM   1098 C  C   . ARG A 1 143 ? 12.812  -12.823 -9.068  1.00 28.11 ? 143 ARG A C   1 
ATOM   1099 O  O   . ARG A 1 143 ? 11.622  -12.596 -9.285  1.00 28.07 ? 143 ARG A O   1 
ATOM   1100 C  CB  . ARG A 1 143 ? 14.120  -11.108 -7.840  1.00 29.73 ? 143 ARG A CB  1 
ATOM   1101 C  CG  . ARG A 1 143 ? 14.954  -9.813  -7.812  1.00 32.80 ? 143 ARG A CG  1 
ATOM   1102 C  CD  . ARG A 1 143 ? 15.087  -9.256  -6.379  1.00 34.80 ? 143 ARG A CD  1 
ATOM   1103 N  NE  . ARG A 1 143 ? 15.597  -7.877  -6.340  1.00 37.05 ? 143 ARG A NE  1 
ATOM   1104 C  CZ  . ARG A 1 143 ? 15.542  -7.066  -5.275  1.00 37.93 ? 143 ARG A CZ  1 
ATOM   1105 N  NH1 . ARG A 1 143 ? 14.992  -7.478  -4.126  1.00 38.23 ? 143 ARG A NH1 1 
ATOM   1106 N  NH2 . ARG A 1 143 ? 16.025  -5.824  -5.359  1.00 37.93 ? 143 ARG A NH2 1 
ATOM   1107 N  N   . PHE A 1 144 ? 13.249  -14.026 -8.721  1.00 28.07 ? 144 PHE A N   1 
ATOM   1108 C  CA  . PHE A 1 144 ? 12.310  -15.118 -8.507  1.00 28.12 ? 144 PHE A CA  1 
ATOM   1109 C  C   . PHE A 1 144 ? 12.060  -15.281 -7.003  1.00 29.28 ? 144 PHE A C   1 
ATOM   1110 O  O   . PHE A 1 144 ? 13.001  -15.299 -6.205  1.00 29.49 ? 144 PHE A O   1 
ATOM   1111 C  CB  . PHE A 1 144 ? 12.853  -16.441 -9.078  1.00 26.61 ? 144 PHE A CB  1 
ATOM   1112 C  CG  . PHE A 1 144 ? 12.390  -16.751 -10.477 1.00 24.42 ? 144 PHE A CG  1 
ATOM   1113 C  CD1 . PHE A 1 144 ? 13.264  -16.633 -11.552 1.00 23.24 ? 144 PHE A CD1 1 
ATOM   1114 C  CD2 . PHE A 1 144 ? 11.093  -17.186 -10.714 1.00 23.58 ? 144 PHE A CD2 1 
ATOM   1115 C  CE1 . PHE A 1 144 ? 12.857  -16.951 -12.835 1.00 22.88 ? 144 PHE A CE1 1 
ATOM   1116 C  CE2 . PHE A 1 144 ? 10.677  -17.507 -11.995 1.00 22.50 ? 144 PHE A CE2 1 
ATOM   1117 C  CZ  . PHE A 1 144 ? 11.564  -17.387 -13.061 1.00 22.33 ? 144 PHE A CZ  1 
ATOM   1118 N  N   . SER A 1 145 ? 10.785  -15.338 -6.627  1.00 30.43 ? 145 SER A N   1 
ATOM   1119 C  CA  . SER A 1 145 ? 10.378  -15.540 -5.239  1.00 32.09 ? 145 SER A CA  1 
ATOM   1120 C  C   . SER A 1 145 ? 10.418  -17.040 -4.971  1.00 34.42 ? 145 SER A C   1 
ATOM   1121 O  O   . SER A 1 145 ? 10.290  -17.845 -5.905  1.00 34.28 ? 145 SER A O   1 
ATOM   1122 C  CB  . SER A 1 145 ? 8.939   -15.059 -5.053  1.00 31.21 ? 145 SER A CB  1 
ATOM   1123 O  OG  . SER A 1 145 ? 8.330   -15.658 -3.919  1.00 30.26 ? 145 SER A OG  1 
ATOM   1124 N  N   A ARG A 1 146 ? 10.544  -17.435 -3.706  1.00 36.80 ? 146 ARG A N   1 
ATOM   1125 C  CA  A ARG A 1 146 ? 10.552  -18.859 -3.406  1.00 39.29 ? 146 ARG A CA  1 
ATOM   1126 C  C   A ARG A 1 146 ? 9.164   -19.439 -3.679  1.00 38.06 ? 146 ARG A C   1 
ATOM   1127 O  O   A ARG A 1 146 ? 8.995   -20.652 -3.757  1.00 37.30 ? 146 ARG A O   1 
ATOM   1128 C  CB  A ARG A 1 146 ? 10.994  -19.134 -1.969  0.81 41.01 ? 146 ARG A CB  1 
ATOM   1129 C  CB  B ARG A 1 146 ? 10.973  -19.100 -1.956  0.19 42.58 ? 146 ARG A CB  1 
ATOM   1130 C  CG  A ARG A 1 146 ? 10.035  -18.692 -0.884  0.81 42.94 ? 146 ARG A CG  1 
ATOM   1131 C  CG  B ARG A 1 146 ? 12.437  -18.779 -1.697  0.19 47.06 ? 146 ARG A CG  1 
ATOM   1132 C  CD  A ARG A 1 146 ? 10.536  -19.219 0.451   0.81 44.90 ? 146 ARG A CD  1 
ATOM   1133 C  CD  B ARG A 1 146 ? 12.843  -19.062 -0.261  0.19 50.70 ? 146 ARG A CD  1 
ATOM   1134 N  NE  A ARG A 1 146 ? 9.711   -18.839 1.598   0.81 46.37 ? 146 ARG A NE  1 
ATOM   1135 N  NE  B ARG A 1 146 ? 12.195  -18.154 0.679   0.19 54.83 ? 146 ARG A NE  1 
ATOM   1136 C  CZ  A ARG A 1 146 ? 9.867   -17.723 2.305   0.81 46.88 ? 146 ARG A CZ  1 
ATOM   1137 C  CZ  B ARG A 1 146 ? 12.772  -17.086 1.221   0.19 56.75 ? 146 ARG A CZ  1 
ATOM   1138 N  NH1 A ARG A 1 146 ? 10.812  -16.844 1.987   0.81 47.28 ? 146 ARG A NH1 1 
ATOM   1139 N  NH1 B ARG A 1 146 ? 14.029  -16.775 0.925   0.19 57.95 ? 146 ARG A NH1 1 
ATOM   1140 N  NH2 A ARG A 1 146 ? 9.115   -17.516 3.376   0.81 47.16 ? 146 ARG A NH2 1 
ATOM   1141 N  NH2 B ARG A 1 146 ? 12.083  -16.312 2.047   0.19 58.04 ? 146 ARG A NH2 1 
ATOM   1142 N  N   . SER A 1 147 ? 8.177   -18.560 -3.860  1.00 36.40 ? 147 SER A N   1 
ATOM   1143 C  CA  . SER A 1 147 ? 6.820   -19.003 -4.171  1.00 35.76 ? 147 SER A CA  1 
ATOM   1144 C  C   . SER A 1 147 ? 6.704   -19.288 -5.686  1.00 34.60 ? 147 SER A C   1 
ATOM   1145 O  O   . SER A 1 147 ? 5.631   -19.665 -6.184  1.00 34.82 ? 147 SER A O   1 
ATOM   1146 C  CB  . SER A 1 147 ? 5.772   -17.966 -3.718  1.00 36.17 ? 147 SER A CB  1 
ATOM   1147 O  OG  . SER A 1 147 ? 5.647   -16.884 -4.633  1.00 37.67 ? 147 SER A OG  1 
ATOM   1148 N  N   . GLY A 1 148 ? 7.821   -19.110 -6.399  1.00 32.53 ? 148 GLY A N   1 
ATOM   1149 C  CA  . GLY A 1 148 ? 7.864   -19.355 -7.830  1.00 30.22 ? 148 GLY A CA  1 
ATOM   1150 C  C   . GLY A 1 148 ? 7.584   -18.160 -8.718  1.00 29.04 ? 148 GLY A C   1 
ATOM   1151 O  O   . GLY A 1 148 ? 7.980   -18.157 -9.882  1.00 28.91 ? 148 GLY A O   1 
ATOM   1152 N  N   . LEU A 1 149 ? 6.925   -17.138 -8.172  1.00 27.32 ? 149 LEU A N   1 
ATOM   1153 C  CA  . LEU A 1 149 ? 6.582   -15.940 -8.945  1.00 25.54 ? 149 LEU A CA  1 
ATOM   1154 C  C   . LEU A 1 149 ? 7.732   -14.969 -9.122  1.00 24.23 ? 149 LEU A C   1 
ATOM   1155 O  O   . LEU A 1 149 ? 8.533   -14.778 -8.213  1.00 24.21 ? 149 LEU A O   1 
ATOM   1156 C  CB  . LEU A 1 149 ? 5.422   -15.186 -8.282  1.00 24.99 ? 149 LEU A CB  1 
ATOM   1157 C  CG  . LEU A 1 149 ? 4.049   -15.841 -8.205  1.00 24.47 ? 149 LEU A CG  1 
ATOM   1158 C  CD1 . LEU A 1 149 ? 3.151   -14.963 -7.378  1.00 25.80 ? 149 LEU A CD1 1 
ATOM   1159 C  CD2 . LEU A 1 149 ? 3.454   -16.014 -9.585  1.00 25.32 ? 149 LEU A CD2 1 
ATOM   1160 N  N   . ARG A 1 150 ? 7.843   -14.396 -10.314 1.00 22.62 ? 150 ARG A N   1 
ATOM   1161 C  CA  . ARG A 1 150 ? 8.861   -13.381 -10.546 1.00 21.87 ? 150 ARG A CA  1 
ATOM   1162 C  C   . ARG A 1 150 ? 8.285   -12.057 -10.037 1.00 21.64 ? 150 ARG A C   1 
ATOM   1163 O  O   . ARG A 1 150 ? 7.061   -11.840 -10.062 1.00 20.79 ? 150 ARG A O   1 
ATOM   1164 C  CB  . ARG A 1 150 ? 9.164   -13.204 -12.022 1.00 22.25 ? 150 ARG A CB  1 
ATOM   1165 C  CG  . ARG A 1 150 ? 10.031  -14.250 -12.608 1.00 23.19 ? 150 ARG A CG  1 
ATOM   1166 C  CD  . ARG A 1 150 ? 10.750  -13.686 -13.809 1.00 24.27 ? 150 ARG A CD  1 
ATOM   1167 N  NE  . ARG A 1 150 ? 9.834   -12.998 -14.720 1.00 25.01 ? 150 ARG A NE  1 
ATOM   1168 C  CZ  . ARG A 1 150 ? 10.224  -12.187 -15.694 1.00 24.80 ? 150 ARG A CZ  1 
ATOM   1169 N  NH1 . ARG A 1 150 ? 11.520  -11.959 -15.891 1.00 24.56 ? 150 ARG A NH1 1 
ATOM   1170 N  NH2 . ARG A 1 150 ? 9.320   -11.583 -16.457 1.00 25.79 ? 150 ARG A NH2 1 
ATOM   1171 N  N   . TYR A 1 151 ? 9.165   -11.172 -9.592  1.00 20.80 ? 151 TYR A N   1 
ATOM   1172 C  CA  . TYR A 1 151 ? 8.742   -9.869  -9.107  1.00 20.29 ? 151 TYR A CA  1 
ATOM   1173 C  C   . TYR A 1 151 ? 9.897   -8.886  -9.251  1.00 20.41 ? 151 TYR A C   1 
ATOM   1174 O  O   . TYR A 1 151 ? 11.055  -9.289  -9.374  1.00 20.47 ? 151 TYR A O   1 
ATOM   1175 C  CB  . TYR A 1 151 ? 8.286   -9.954  -7.637  1.00 19.77 ? 151 TYR A CB  1 
ATOM   1176 C  CG  . TYR A 1 151 ? 9.416   -10.141 -6.657  1.00 20.91 ? 151 TYR A CG  1 
ATOM   1177 C  CD1 . TYR A 1 151 ? 10.040  -9.045  -6.052  1.00 20.88 ? 151 TYR A CD1 1 
ATOM   1178 C  CD2 . TYR A 1 151 ? 9.895   -11.420 -6.362  1.00 21.27 ? 151 TYR A CD2 1 
ATOM   1179 C  CE1 . TYR A 1 151 ? 11.122  -9.224  -5.180  1.00 21.84 ? 151 TYR A CE1 1 
ATOM   1180 C  CE2 . TYR A 1 151 ? 10.960  -11.607 -5.508  1.00 21.30 ? 151 TYR A CE2 1 
ATOM   1181 C  CZ  . TYR A 1 151 ? 11.574  -10.513 -4.918  1.00 21.87 ? 151 TYR A CZ  1 
ATOM   1182 O  OH  . TYR A 1 151 ? 12.647  -10.721 -4.080  1.00 22.43 ? 151 TYR A OH  1 
ATOM   1183 N  N   . ARG A 1 152 ? 9.577   -7.598  -9.322  1.00 19.71 ? 152 ARG A N   1 
ATOM   1184 C  CA  . ARG A 1 152 ? 10.613  -6.575  -9.404  1.00 19.15 ? 152 ARG A CA  1 
ATOM   1185 C  C   . ARG A 1 152 ? 10.118  -5.319  -8.715  1.00 19.18 ? 152 ARG A C   1 
ATOM   1186 O  O   . ARG A 1 152 ? 8.914   -5.124  -8.544  1.00 18.67 ? 152 ARG A O   1 
ATOM   1187 C  CB  . ARG A 1 152 ? 11.068  -6.280  -10.840 1.00 18.62 ? 152 ARG A CB  1 
ATOM   1188 C  CG  . ARG A 1 152 ? 9.996   -5.834  -11.767 1.00 19.39 ? 152 ARG A CG  1 
ATOM   1189 C  CD  . ARG A 1 152 ? 10.573  -5.316  -13.064 1.00 20.41 ? 152 ARG A CD  1 
ATOM   1190 N  NE  . ARG A 1 152 ? 9.499   -5.193  -14.047 1.00 22.16 ? 152 ARG A NE  1 
ATOM   1191 C  CZ  . ARG A 1 152 ? 9.684   -4.988  -15.343 1.00 22.96 ? 152 ARG A CZ  1 
ATOM   1192 N  NH1 . ARG A 1 152 ? 10.913  -4.855  -15.820 1.00 22.19 ? 152 ARG A NH1 1 
ATOM   1193 N  NH2 . ARG A 1 152 ? 8.642   -5.040  -16.171 1.00 23.22 ? 152 ARG A NH2 1 
ATOM   1194 N  N   . LEU A 1 153 ? 11.060  -4.483  -8.313  1.00 19.41 ? 153 LEU A N   1 
ATOM   1195 C  CA  . LEU A 1 153 ? 10.735  -3.262  -7.610  1.00 20.12 ? 153 LEU A CA  1 
ATOM   1196 C  C   . LEU A 1 153 ? 10.923  -2.010  -8.449  1.00 20.85 ? 153 LEU A C   1 
ATOM   1197 O  O   . LEU A 1 153 ? 11.875  -1.907  -9.228  1.00 21.49 ? 153 LEU A O   1 
ATOM   1198 C  CB  . LEU A 1 153 ? 11.591  -3.159  -6.351  1.00 19.94 ? 153 LEU A CB  1 
ATOM   1199 C  CG  . LEU A 1 153 ? 11.655  -4.399  -5.459  1.00 20.38 ? 153 LEU A CG  1 
ATOM   1200 C  CD1 . LEU A 1 153 ? 12.607  -4.117  -4.300  1.00 20.91 ? 153 LEU A CD1 1 
ATOM   1201 C  CD2 . LEU A 1 153 ? 10.286  -4.784  -4.938  1.00 20.14 ? 153 LEU A CD2 1 
ATOM   1202 N  N   . TYR A 1 154 ? 9.995   -1.069  -8.292  1.00 20.68 ? 154 TYR A N   1 
ATOM   1203 C  CA  . TYR A 1 154 ? 10.065  0.215   -8.982  1.00 21.81 ? 154 TYR A CA  1 
ATOM   1204 C  C   . TYR A 1 154 ? 10.058  1.320   -7.932  1.00 21.74 ? 154 TYR A C   1 
ATOM   1205 O  O   . TYR A 1 154 ? 9.358   1.217   -6.930  1.00 21.81 ? 154 TYR A O   1 
ATOM   1206 C  CB  . TYR A 1 154 ? 8.831   0.458   -9.826  1.00 22.82 ? 154 TYR A CB  1 
ATOM   1207 C  CG  . TYR A 1 154 ? 8.639   -0.402  -11.029 1.00 23.83 ? 154 TYR A CG  1 
ATOM   1208 C  CD1 . TYR A 1 154 ? 8.103   -1.685  -10.915 1.00 24.14 ? 154 TYR A CD1 1 
ATOM   1209 C  CD2 . TYR A 1 154 ? 8.818   0.131   -12.308 1.00 25.46 ? 154 TYR A CD2 1 
ATOM   1210 C  CE1 . TYR A 1 154 ? 7.734   -2.405  -12.042 1.00 24.97 ? 154 TYR A CE1 1 
ATOM   1211 C  CE2 . TYR A 1 154 ? 8.448   -0.581  -13.445 1.00 25.39 ? 154 TYR A CE2 1 
ATOM   1212 C  CZ  . TYR A 1 154 ? 7.903   -1.840  -13.304 1.00 25.63 ? 154 TYR A CZ  1 
ATOM   1213 O  OH  . TYR A 1 154 ? 7.483   -2.513  -14.427 1.00 27.15 ? 154 TYR A OH  1 
ATOM   1214 N  N   . SER A 1 155 ? 10.832  2.374   -8.165  1.00 22.53 ? 155 SER A N   1 
ATOM   1215 C  CA  . SER A 1 155 ? 10.867  3.528   -7.264  1.00 23.06 ? 155 SER A CA  1 
ATOM   1216 C  C   . SER A 1 155 ? 10.559  4.750   -8.121  1.00 23.34 ? 155 SER A C   1 
ATOM   1217 O  O   . SER A 1 155 ? 11.305  5.077   -9.041  1.00 22.79 ? 155 SER A O   1 
ATOM   1218 C  CB  . SER A 1 155 ? 12.230  3.673   -6.589  1.00 23.65 ? 155 SER A CB  1 
ATOM   1219 O  OG  . SER A 1 155 ? 12.498  2.544   -5.778  1.00 24.44 ? 155 SER A OG  1 
ATOM   1220 N  N   . TYR A 1 156 ? 9.402   5.356   -7.865  1.00 23.60 ? 156 TYR A N   1 
ATOM   1221 C  CA  . TYR A 1 156 ? 8.954   6.529   -8.598  1.00 23.79 ? 156 TYR A CA  1 
ATOM   1222 C  C   . TYR A 1 156 ? 9.030   7.767   -7.729  1.00 25.06 ? 156 TYR A C   1 
ATOM   1223 O  O   . TYR A 1 156 ? 8.843   7.705   -6.511  1.00 23.99 ? 156 TYR A O   1 
ATOM   1224 C  CB  . TYR A 1 156 ? 7.514   6.351   -9.049  1.00 23.29 ? 156 TYR A CB  1 
ATOM   1225 C  CG  . TYR A 1 156 ? 7.304   5.276   -10.081 1.00 23.75 ? 156 TYR A CG  1 
ATOM   1226 C  CD1 . TYR A 1 156 ? 6.934   3.976   -9.701  1.00 23.92 ? 156 TYR A CD1 1 
ATOM   1227 C  CD2 . TYR A 1 156 ? 7.385   5.568   -11.445 1.00 23.68 ? 156 TYR A CD2 1 
ATOM   1228 C  CE1 . TYR A 1 156 ? 6.638   2.997   -10.658 1.00 23.87 ? 156 TYR A CE1 1 
ATOM   1229 C  CE2 . TYR A 1 156 ? 7.093   4.597   -12.413 1.00 24.88 ? 156 TYR A CE2 1 
ATOM   1230 C  CZ  . TYR A 1 156 ? 6.714   3.314   -12.014 1.00 24.60 ? 156 TYR A CZ  1 
ATOM   1231 O  OH  . TYR A 1 156 ? 6.394   2.368   -12.970 1.00 24.81 ? 156 TYR A OH  1 
ATOM   1232 N  N   . HIS A 1 157 ? 9.246   8.906   -8.382  1.00 26.43 ? 157 HIS A N   1 
ATOM   1233 C  CA  . HIS A 1 157 ? 9.345   10.176  -7.686  1.00 28.04 ? 157 HIS A CA  1 
ATOM   1234 C  C   . HIS A 1 157 ? 8.972   11.359  -8.583  1.00 27.42 ? 157 HIS A C   1 
ATOM   1235 O  O   . HIS A 1 157 ? 8.951   11.262  -9.810  1.00 26.56 ? 157 HIS A O   1 
ATOM   1236 C  CB  . HIS A 1 157 ? 10.773  10.370  -7.165  1.00 31.12 ? 157 HIS A CB  1 
ATOM   1237 C  CG  . HIS A 1 157 ? 11.794  10.498  -8.255  1.00 34.79 ? 157 HIS A CG  1 
ATOM   1238 N  ND1 . HIS A 1 157 ? 12.275  9.409   -8.956  1.00 36.89 ? 157 HIS A ND1 1 
ATOM   1239 C  CD2 . HIS A 1 157 ? 12.385  11.590  -8.803  1.00 36.04 ? 157 HIS A CD2 1 
ATOM   1240 C  CE1 . HIS A 1 157 ? 13.112  9.826   -9.892  1.00 37.18 ? 157 HIS A CE1 1 
ATOM   1241 N  NE2 . HIS A 1 157 ? 13.195  11.144  -9.821  1.00 37.11 ? 157 HIS A NE2 1 
ATOM   1242 N  N   . ARG A 1 158 ? 8.637   12.457  -7.917  1.00 27.23 ? 158 ARG A N   1 
ATOM   1243 C  CA  . ARG A 1 158 ? 8.307   13.729  -8.541  1.00 27.10 ? 158 ARG A CA  1 
ATOM   1244 C  C   . ARG A 1 158 ? 8.539   14.799  -7.469  1.00 28.47 ? 158 ARG A C   1 
ATOM   1245 O  O   . ARG A 1 158 ? 8.418   14.526  -6.267  1.00 28.82 ? 158 ARG A O   1 
ATOM   1246 C  CB  . ARG A 1 158 ? 6.880   13.746  -9.113  1.00 24.82 ? 158 ARG A CB  1 
ATOM   1247 C  CG  . ARG A 1 158 ? 5.762   13.594  -8.139  1.00 21.90 ? 158 ARG A CG  1 
ATOM   1248 C  CD  . ARG A 1 158 ? 4.428   13.619  -8.864  1.00 19.48 ? 158 ARG A CD  1 
ATOM   1249 N  NE  . ARG A 1 158 ? 3.347   13.446  -7.900  1.00 18.94 ? 158 ARG A NE  1 
ATOM   1250 C  CZ  . ARG A 1 158 ? 2.055   13.359  -8.186  1.00 17.13 ? 158 ARG A CZ  1 
ATOM   1251 N  NH1 . ARG A 1 158 ? 1.631   13.434  -9.441  1.00 18.91 ? 158 ARG A NH1 1 
ATOM   1252 N  NH2 . ARG A 1 158 ? 1.185   13.162  -7.210  1.00 16.48 ? 158 ARG A NH2 1 
ATOM   1253 N  N   . SER A 1 159 ? 8.967   15.986  -7.895  1.00 29.77 ? 159 SER A N   1 
ATOM   1254 C  CA  . SER A 1 159 ? 9.264   17.071  -6.958  1.00 30.50 ? 159 SER A CA  1 
ATOM   1255 C  C   . SER A 1 159 ? 8.135   18.064  -6.749  1.00 30.27 ? 159 SER A C   1 
ATOM   1256 O  O   . SER A 1 159 ? 8.146   18.730  -5.690  1.00 29.87 ? 159 SER A O   1 
ATOM   1257 C  CB  . SER A 1 159 ? 10.522  17.807  -7.405  1.00 31.55 ? 159 SER A CB  1 
ATOM   1258 O  OG  . SER A 1 159 ? 11.612  16.909  -7.532  1.00 34.91 ? 159 SER A OG  1 
ATOM   1259 O  OXT . SER A 1 159 ? 7.256   18.162  -7.633  1.00 30.34 ? 159 SER A OXT 1 
HETATM 1260 C  C1  . WRB B 2 .   ? 2.152   -5.081  1.044   1.00 16.44 ? 200 WRB A C1  1 
HETATM 1261 N  N2  . WRB B 2 .   ? 3.433   -4.932  0.427   1.00 14.53 ? 200 WRB A N2  1 
HETATM 1262 C  C3  . WRB B 2 .   ? 3.631   -3.776  -0.271  1.00 14.99 ? 200 WRB A C3  1 
HETATM 1263 N  N4  . WRB B 2 .   ? 2.908   -2.668  0.022   1.00 15.13 ? 200 WRB A N4  1 
HETATM 1264 C  C5  . WRB B 2 .   ? 1.788   -2.773  0.736   1.00 16.15 ? 200 WRB A C5  1 
HETATM 1265 N  N6  . WRB B 2 .   ? 1.679   -3.820  1.588   1.00 17.17 ? 200 WRB A N6  1 
HETATM 1266 O  O7  . WRB B 2 .   ? 0.332   -3.959  2.088   1.00 20.95 ? 200 WRB A O7  1 
HETATM 1267 C  C8  . WRB B 2 .   ? 0.240   -3.420  3.430   1.00 26.57 ? 200 WRB A C8  1 
HETATM 1268 C  C9  . WRB B 2 .   ? -1.070  -3.887  4.073   1.00 33.84 ? 200 WRB A C9  1 
HETATM 1269 C  C10 . WRB B 2 .   ? -1.044  -5.384  4.369   1.00 42.85 ? 200 WRB A C10 1 
HETATM 1270 O  O11 . WRB B 2 .   ? 0.301   -5.693  4.822   1.00 51.29 ? 200 WRB A O11 1 
HETATM 1271 C  C12 . WRB B 2 .   ? 0.403   -6.871  5.669   1.00 59.58 ? 200 WRB A C12 1 
HETATM 1272 C  C13 . WRB B 2 .   ? -0.409  -8.011  5.404   1.00 60.56 ? 200 WRB A C13 1 
HETATM 1273 C  C14 . WRB B 2 .   ? -0.062  -9.239  6.071   1.00 63.77 ? 200 WRB A C14 1 
HETATM 1274 C  C15 . WRB B 2 .   ? 1.512   -6.885  6.551   1.00 60.64 ? 200 WRB A C15 1 
HETATM 1275 C  C16 . WRB B 2 .   ? 1.853   -8.098  7.203   1.00 63.83 ? 200 WRB A C16 1 
HETATM 1276 C  C17 . WRB B 2 .   ? 1.079   -9.291  6.980   1.00 67.65 ? 200 WRB A C17 1 
HETATM 1277 C  CM1 . WRB B 2 .   ? 2.281   -6.055  2.157   1.00 15.67 ? 200 WRB A CM1 1 
HETATM 1278 C  CM2 . WRB B 2 .   ? 1.183   -5.644  0.057   1.00 16.21 ? 200 WRB A CM2 1 
HETATM 1279 N  NH1 . WRB B 2 .   ? 4.771   -3.627  -0.970  1.00 13.06 ? 200 WRB A NH1 1 
HETATM 1280 N  NH2 . WRB B 2 .   ? 1.059   -1.654  0.946   1.00 14.17 ? 200 WRB A NH2 1 
HETATM 1281 BR BR  . WRB B 2 .   ? 1.535   -10.924 7.953   1.00 64.89 ? 200 WRB A BR  1 
HETATM 1282 P  PA  . NDP C 3 .   ? -9.455  0.662   1.554   1.00 17.57 ? 201 NDP A PA  1 
HETATM 1283 O  O1A . NDP C 3 .   ? -8.923  1.756   0.696   1.00 15.82 ? 201 NDP A O1A 1 
HETATM 1284 O  O2A . NDP C 3 .   ? -8.374  -0.060  2.287   1.00 18.49 ? 201 NDP A O2A 1 
HETATM 1285 O  O5B . NDP C 3 .   ? -10.514 1.221   2.638   1.00 17.39 ? 201 NDP A O5B 1 
HETATM 1286 C  C5B . NDP C 3 .   ? -11.709 1.932   2.145   1.00 18.82 ? 201 NDP A C5B 1 
HETATM 1287 C  C4B . NDP C 3 .   ? -12.334 2.517   3.446   1.00 20.27 ? 201 NDP A C4B 1 
HETATM 1288 O  O4B . NDP C 3 .   ? -11.543 3.690   3.825   1.00 20.59 ? 201 NDP A O4B 1 
HETATM 1289 C  C3B . NDP C 3 .   ? -13.652 2.999   3.270   1.00 21.40 ? 201 NDP A C3B 1 
HETATM 1290 O  O3B . NDP C 3 .   ? -14.550 1.894   3.264   1.00 21.45 ? 201 NDP A O3B 1 
HETATM 1291 C  C2B . NDP C 3 .   ? -13.753 3.997   4.492   1.00 22.02 ? 201 NDP A C2B 1 
HETATM 1292 O  O2B . NDP C 3 .   ? -13.915 3.423   5.763   1.00 23.80 ? 201 NDP A O2B 1 
HETATM 1293 C  C1B . NDP C 3 .   ? -12.445 4.672   4.367   1.00 22.12 ? 201 NDP A C1B 1 
HETATM 1294 N  N9A . NDP C 3 .   ? -12.482 5.842   3.514   1.00 21.57 ? 201 NDP A N9A 1 
HETATM 1295 C  C8A . NDP C 3 .   ? -12.332 5.929   2.162   1.00 22.24 ? 201 NDP A C8A 1 
HETATM 1296 N  N7A . NDP C 3 .   ? -12.374 7.171   1.713   1.00 22.48 ? 201 NDP A N7A 1 
HETATM 1297 C  C5A . NDP C 3 .   ? -12.550 7.909   2.849   1.00 22.78 ? 201 NDP A C5A 1 
HETATM 1298 C  C6A . NDP C 3 .   ? -12.678 9.338   3.044   1.00 23.52 ? 201 NDP A C6A 1 
HETATM 1299 N  N6A . NDP C 3 .   ? -12.625 10.178  1.988   1.00 24.10 ? 201 NDP A N6A 1 
HETATM 1300 N  N1A . NDP C 3 .   ? -12.863 9.770   4.331   1.00 21.89 ? 201 NDP A N1A 1 
HETATM 1301 C  C2A . NDP C 3 .   ? -12.911 8.829   5.339   1.00 21.57 ? 201 NDP A C2A 1 
HETATM 1302 N  N3A . NDP C 3 .   ? -12.806 7.524   5.253   1.00 21.98 ? 201 NDP A N3A 1 
HETATM 1303 C  C4A . NDP C 3 .   ? -12.614 7.128   3.963   1.00 21.86 ? 201 NDP A C4A 1 
HETATM 1304 O  O3  . NDP C 3 .   ? -10.284 -0.305  0.729   1.00 17.59 ? 201 NDP A O3  1 
HETATM 1305 P  PN  . NDP C 3 .   ? -10.312 -1.056  -0.642  1.00 18.44 ? 201 NDP A PN  1 
HETATM 1306 O  O1N . NDP C 3 .   ? -11.535 -1.885  -0.748  1.00 17.33 ? 201 NDP A O1N 1 
HETATM 1307 O  O2N . NDP C 3 .   ? -10.157 -0.106  -1.777  1.00 16.83 ? 201 NDP A O2N 1 
HETATM 1308 O  O5D . NDP C 3 .   ? -8.952  -1.973  -0.601  1.00 18.32 ? 201 NDP A O5D 1 
HETATM 1309 C  C5D . NDP C 3 .   ? -8.940  -3.142  0.267   1.00 18.07 ? 201 NDP A C5D 1 
HETATM 1310 C  C4D . NDP C 3 .   ? -8.313  -4.245  -0.602  1.00 18.32 ? 201 NDP A C4D 1 
HETATM 1311 O  O4D . NDP C 3 .   ? -6.976  -3.861  -0.957  1.00 17.84 ? 201 NDP A O4D 1 
HETATM 1312 C  C3D . NDP C 3 .   ? -8.184  -5.616  0.110   1.00 18.63 ? 201 NDP A C3D 1 
HETATM 1313 O  O3D . NDP C 3 .   ? -8.476  -6.606  -0.858  1.00 19.36 ? 201 NDP A O3D 1 
HETATM 1314 C  C2D . NDP C 3 .   ? -6.705  -5.605  0.551   1.00 18.45 ? 201 NDP A C2D 1 
HETATM 1315 O  O2D . NDP C 3 .   ? -6.259  -6.953  0.762   1.00 18.91 ? 201 NDP A O2D 1 
HETATM 1316 C  C1D . NDP C 3 .   ? -6.048  -4.925  -0.636  1.00 17.96 ? 201 NDP A C1D 1 
HETATM 1317 N  N1N . NDP C 3 .   ? -4.721  -4.289  -0.344  1.00 16.65 ? 201 NDP A N1N 1 
HETATM 1318 C  C2N . NDP C 3 .   ? -3.682  -4.616  -1.244  1.00 15.82 ? 201 NDP A C2N 1 
HETATM 1319 C  C3N . NDP C 3 .   ? -2.465  -4.006  -1.020  1.00 14.98 ? 201 NDP A C3N 1 
HETATM 1320 C  C7N . NDP C 3 .   ? -1.332  -4.344  -2.016  1.00 14.68 ? 201 NDP A C7N 1 
HETATM 1321 O  O7N . NDP C 3 .   ? -0.339  -3.654  -1.952  1.00 15.56 ? 201 NDP A O7N 1 
HETATM 1322 N  N7N . NDP C 3 .   ? -1.532  -5.377  -2.886  1.00 14.43 ? 201 NDP A N7N 1 
HETATM 1323 C  C4N . NDP C 3 .   ? -2.171  -3.087  0.042   1.00 15.33 ? 201 NDP A C4N 1 
HETATM 1324 C  C5N . NDP C 3 .   ? -3.319  -2.863  0.879   1.00 15.73 ? 201 NDP A C5N 1 
HETATM 1325 C  C6N . NDP C 3 .   ? -4.550  -3.410  0.728   1.00 16.06 ? 201 NDP A C6N 1 
HETATM 1326 P  P2B . NDP C 3 .   ? -15.489 3.125   6.321   1.00 25.24 ? 201 NDP A P2B 1 
HETATM 1327 O  O1X . NDP C 3 .   ? -16.091 2.199   5.372   1.00 25.24 ? 201 NDP A O1X 1 
HETATM 1328 O  O2X . NDP C 3 .   ? -15.091 2.547   7.667   1.00 25.32 ? 201 NDP A O2X 1 
HETATM 1329 O  O3X . NDP C 3 .   ? -16.055 4.498   6.343   1.00 25.29 ? 201 NDP A O3X 1 
HETATM 1330 C  C1  . GOL D 4 .   ? -11.948 -1.650  -4.189  1.00 23.56 ? 202 GOL A C1  1 
HETATM 1331 O  O1  . GOL D 4 .   ? -11.044 -0.528  -4.209  1.00 22.67 ? 202 GOL A O1  1 
HETATM 1332 C  C2  . GOL D 4 .   ? -13.384 -1.103  -4.319  1.00 25.03 ? 202 GOL A C2  1 
HETATM 1333 O  O2  . GOL D 4 .   ? -13.754 -0.090  -3.395  1.00 24.76 ? 202 GOL A O2  1 
HETATM 1334 C  C3  . GOL D 4 .   ? -14.491 -2.121  -4.603  1.00 26.07 ? 202 GOL A C3  1 
HETATM 1335 O  O3  . GOL D 4 .   ? -15.730 -1.501  -4.872  1.00 27.90 ? 202 GOL A O3  1 
HETATM 1336 C  C1  . GOL E 4 .   ? 2.782   -9.489  -0.343  1.00 47.41 ? 203 GOL A C1  1 
HETATM 1337 O  O1  . GOL E 4 .   ? 2.443   -9.063  -1.686  1.00 45.29 ? 203 GOL A O1  1 
HETATM 1338 C  C2  . GOL E 4 .   ? 1.722   -10.508 0.177   1.00 48.62 ? 203 GOL A C2  1 
HETATM 1339 O  O2  . GOL E 4 .   ? 1.284   -10.332 1.512   1.00 50.12 ? 203 GOL A O2  1 
HETATM 1340 C  C3  . GOL E 4 .   ? 1.892   -11.982 -0.206  1.00 49.41 ? 203 GOL A C3  1 
HETATM 1341 O  O3  . GOL E 4 .   ? 2.732   -12.686 0.701   1.00 50.30 ? 203 GOL A O3  1 
HETATM 1342 C  C1  . GOL F 4 .   ? -11.493 -6.436  -3.050  1.00 27.49 ? 204 GOL A C1  1 
HETATM 1343 O  O1  . GOL F 4 .   ? -10.607 -7.221  -2.207  1.00 24.63 ? 204 GOL A O1  1 
HETATM 1344 C  C2  . GOL F 4 .   ? -12.216 -5.387  -2.155  1.00 28.28 ? 204 GOL A C2  1 
HETATM 1345 O  O2  . GOL F 4 .   ? -11.408 -4.360  -1.623  1.00 27.70 ? 204 GOL A O2  1 
HETATM 1346 C  C3  . GOL F 4 .   ? -13.265 -5.910  -1.174  1.00 28.36 ? 204 GOL A C3  1 
HETATM 1347 O  O3  . GOL F 4 .   ? -14.052 -4.877  -0.649  1.00 30.07 ? 204 GOL A O3  1 
HETATM 1348 C  C1  . GOL G 4 .   ? -8.853  -5.546  16.774  1.00 20.00 ? 205 GOL A C1  1 
HETATM 1349 O  O1  . GOL G 4 .   ? -7.516  -5.663  16.153  1.00 20.00 ? 205 GOL A O1  1 
HETATM 1350 C  C2  . GOL G 4 .   ? -9.454  -4.131  16.396  1.00 20.00 ? 205 GOL A C2  1 
HETATM 1351 O  O2  . GOL G 4 .   ? -9.818  -3.222  17.472  1.00 20.00 ? 205 GOL A O2  1 
HETATM 1352 C  C3  . GOL G 4 .   ? -10.382 -4.057  15.162  1.00 20.00 ? 205 GOL A C3  1 
HETATM 1353 O  O3  . GOL G 4 .   ? -10.590 -2.709  14.760  1.00 20.00 ? 205 GOL A O3  1 
HETATM 1354 O  O   . HOH H 5 .   ? -1.781  13.222  -8.787  1.00 11.44 ? 206 HOH A O   1 
HETATM 1355 O  O   . HOH H 5 .   ? 6.580   -2.056  -2.786  1.00 14.44 ? 207 HOH A O   1 
HETATM 1356 O  O   . HOH H 5 .   ? 5.352   -5.510  8.102   1.00 13.48 ? 208 HOH A O   1 
HETATM 1357 O  O   . HOH H 5 .   ? -0.114  2.822   16.183  1.00 15.93 ? 209 HOH A O   1 
HETATM 1358 O  O   . HOH H 5 .   ? -6.108  3.002   -6.482  1.00 17.06 ? 210 HOH A O   1 
HETATM 1359 O  O   . HOH H 5 .   ? -4.246  -6.608  2.639   1.00 28.07 ? 211 HOH A O   1 
HETATM 1360 O  O   . HOH H 5 .   ? -4.450  -0.173  -12.039 1.00 23.90 ? 212 HOH A O   1 
HETATM 1361 O  O   . HOH H 5 .   ? -9.851  0.028   -6.655  1.00 22.13 ? 213 HOH A O   1 
HETATM 1362 O  O   . HOH H 5 .   ? 1.098   -5.648  16.634  1.00 23.97 ? 214 HOH A O   1 
HETATM 1363 O  O   . HOH H 5 .   ? -16.800 -3.614  3.982   1.00 19.83 ? 215 HOH A O   1 
HETATM 1364 O  O   . HOH H 5 .   ? -15.195 6.189   -1.096  1.00 40.80 ? 216 HOH A O   1 
HETATM 1365 O  O   . HOH H 5 .   ? 6.736   9.050   9.981   1.00 23.99 ? 217 HOH A O   1 
HETATM 1366 O  O   . HOH H 5 .   ? 10.257  6.492   -4.278  1.00 23.04 ? 218 HOH A O   1 
HETATM 1367 O  O   . HOH H 5 .   ? -7.877  13.185  -3.695  1.00 25.86 ? 219 HOH A O   1 
HETATM 1368 O  O   . HOH H 5 .   ? 5.141   8.472   13.385  1.00 21.92 ? 220 HOH A O   1 
HETATM 1369 O  O   . HOH H 5 .   ? 6.004   -15.366 -12.499 1.00 25.00 ? 221 HOH A O   1 
HETATM 1370 O  O   . HOH H 5 .   ? -2.600  11.749  12.329  1.00 24.42 ? 222 HOH A O   1 
HETATM 1371 O  O   . HOH H 5 .   ? -1.450  13.650  15.072  1.00 23.43 ? 223 HOH A O   1 
HETATM 1372 O  O   . HOH H 5 .   ? 9.674   -0.594  -4.342  1.00 24.93 ? 224 HOH A O   1 
HETATM 1373 O  O   . HOH H 5 .   ? 1.993   -0.128  16.430  1.00 25.49 ? 225 HOH A O   1 
HETATM 1374 O  O   . HOH H 5 .   ? 5.336   16.861  -8.160  1.00 22.82 ? 226 HOH A O   1 
HETATM 1375 O  O   . HOH H 5 .   ? -1.374  -8.414  -17.283 1.00 35.87 ? 227 HOH A O   1 
HETATM 1376 O  O   . HOH H 5 .   ? -1.151  -9.551  -14.402 1.00 24.76 ? 228 HOH A O   1 
HETATM 1377 O  O   . HOH H 5 .   ? 13.607  -5.467  -8.432  1.00 20.73 ? 229 HOH A O   1 
HETATM 1378 O  O   . HOH H 5 .   ? 4.686   14.355  -0.787  1.00 20.85 ? 230 HOH A O   1 
HETATM 1379 O  O   . HOH H 5 .   ? -11.160 7.303   -3.100  1.00 24.66 ? 231 HOH A O   1 
HETATM 1380 O  O   . HOH H 5 .   ? 13.287  -5.118  -14.680 1.00 32.82 ? 232 HOH A O   1 
HETATM 1381 O  O   . HOH H 5 .   ? -0.166  10.321  -10.956 1.00 38.76 ? 233 HOH A O   1 
HETATM 1382 O  O   . HOH H 5 .   ? 15.814  -4.016  -7.055  1.00 24.78 ? 234 HOH A O   1 
HETATM 1383 O  O   . HOH H 5 .   ? -15.935 1.366   0.932   1.00 28.77 ? 235 HOH A O   1 
HETATM 1384 O  O   . HOH H 5 .   ? 11.367  4.340   4.241   1.00 37.96 ? 236 HOH A O   1 
HETATM 1385 O  O   . HOH H 5 .   ? 5.010   6.945   -15.489 1.00 35.50 ? 237 HOH A O   1 
HETATM 1386 O  O   . HOH H 5 .   ? -6.681  -7.016  -17.023 1.00 23.47 ? 238 HOH A O   1 
HETATM 1387 O  O   . HOH H 5 .   ? -3.313  -13.329 13.326  1.00 39.49 ? 239 HOH A O   1 
HETATM 1388 O  O   . HOH H 5 .   ? -5.274  9.318   -7.734  1.00 31.38 ? 240 HOH A O   1 
HETATM 1389 O  O   . HOH H 5 .   ? -15.666 4.776   0.552   1.00 27.37 ? 241 HOH A O   1 
HETATM 1390 O  O   . HOH H 5 .   ? -5.687  -4.202  17.171  1.00 33.22 ? 242 HOH A O   1 
HETATM 1391 O  O   . HOH H 5 .   ? 4.456   -9.569  -16.571 1.00 24.47 ? 243 HOH A O   1 
HETATM 1392 O  O   . HOH H 5 .   ? -11.941 -3.991  -11.296 1.00 29.43 ? 244 HOH A O   1 
HETATM 1393 O  O   . HOH H 5 .   ? -16.667 -1.103  -2.254  1.00 32.14 ? 245 HOH A O   1 
HETATM 1394 O  O   . HOH H 5 .   ? -6.487  2.861   -10.889 1.00 28.23 ? 246 HOH A O   1 
HETATM 1395 O  O   . HOH H 5 .   ? -1.430  -0.890  -13.803 1.00 44.16 ? 247 HOH A O   1 
HETATM 1396 O  O   . HOH H 5 .   ? -16.348 -1.872  9.561   1.00 35.94 ? 248 HOH A O   1 
HETATM 1397 O  O   . HOH H 5 .   ? 17.956  -10.542 -10.172 1.00 46.54 ? 249 HOH A O   1 
HETATM 1398 O  O   . HOH H 5 .   ? 0.061   11.261  -18.779 1.00 39.93 ? 250 HOH A O   1 
HETATM 1399 O  O   . HOH H 5 .   ? 4.084   -2.000  -13.122 1.00 38.95 ? 251 HOH A O   1 
HETATM 1400 O  O   . HOH H 5 .   ? 7.500   -9.836  -19.597 1.00 33.94 ? 252 HOH A O   1 
HETATM 1401 O  O   . HOH H 5 .   ? 4.801   -0.465  17.677  1.00 35.39 ? 253 HOH A O   1 
HETATM 1402 O  O   . HOH H 5 .   ? -9.266  16.054  4.229   1.00 43.58 ? 254 HOH A O   1 
HETATM 1403 O  O   . HOH H 5 .   ? 6.113   16.488  -12.137 1.00 44.28 ? 255 HOH A O   1 
HETATM 1404 O  O   . HOH H 5 .   ? -7.909  -12.788 -12.846 1.00 26.86 ? 256 HOH A O   1 
HETATM 1405 O  O   . HOH H 5 .   ? 0.114   1.507   -11.645 1.00 30.52 ? 257 HOH A O   1 
HETATM 1406 O  O   . HOH H 5 .   ? 10.228  -4.609  -19.358 1.00 32.89 ? 258 HOH A O   1 
HETATM 1407 O  O   . HOH H 5 .   ? -17.436 5.176   4.038   1.00 26.09 ? 259 HOH A O   1 
HETATM 1408 O  O   . HOH H 5 .   ? 0.331   -16.559 -13.614 1.00 34.27 ? 260 HOH A O   1 
HETATM 1409 O  O   . HOH H 5 .   ? -12.825 12.824  4.031   1.00 50.41 ? 261 HOH A O   1 
HETATM 1410 O  O   . HOH H 5 .   ? 5.105   -6.691  10.767  1.00 38.00 ? 262 HOH A O   1 
HETATM 1411 O  O   . HOH H 5 .   ? -15.669 -8.765  -14.205 1.00 33.10 ? 263 HOH A O   1 
HETATM 1412 O  O   . HOH H 5 .   ? 5.861   -5.811  -17.263 1.00 43.22 ? 264 HOH A O   1 
HETATM 1413 O  O   . HOH H 5 .   ? 14.947  -12.283 -4.252  1.00 46.38 ? 265 HOH A O   1 
HETATM 1414 O  O   . HOH H 5 .   ? -12.923 -1.485  -8.017  1.00 25.19 ? 266 HOH A O   1 
HETATM 1415 O  O   . HOH H 5 .   ? 6.955   15.737  -16.430 1.00 33.52 ? 267 HOH A O   1 
HETATM 1416 O  O   . HOH H 5 .   ? 0.152   13.275  -11.496 1.00 53.82 ? 268 HOH A O   1 
HETATM 1417 O  O   . HOH H 5 .   ? 4.551   0.075   -12.353 1.00 33.27 ? 269 HOH A O   1 
HETATM 1418 O  O   . HOH H 5 .   ? -11.077 -11.842 3.154   1.00 47.08 ? 270 HOH A O   1 
HETATM 1419 O  O   . HOH H 5 .   ? -11.502 -11.125 -15.713 1.00 33.99 ? 271 HOH A O   1 
HETATM 1420 O  O   . HOH H 5 .   ? -13.470 -8.782  -4.997  1.00 32.49 ? 272 HOH A O   1 
HETATM 1421 O  O   . HOH H 5 .   ? 12.411  2.546   7.607   1.00 31.76 ? 273 HOH A O   1 
HETATM 1422 O  O   . HOH H 5 .   ? -3.866  -9.214  3.322   1.00 46.28 ? 274 HOH A O   1 
HETATM 1423 O  O   . HOH H 5 .   ? 0.817   11.426  8.741   1.00 26.20 ? 275 HOH A O   1 
HETATM 1424 O  O   . HOH H 5 .   ? -13.325 -8.838  -7.559  1.00 15.96 ? 276 HOH A O   1 
HETATM 1425 O  O   . HOH H 5 .   ? 1.254   -10.735 17.923  1.00 28.22 ? 277 HOH A O   1 
HETATM 1426 O  O   . HOH H 5 .   ? -8.207  16.153  -1.933  1.00 31.11 ? 278 HOH A O   1 
HETATM 1427 O  O   . HOH H 5 .   ? -10.654 9.276   -4.976  1.00 30.44 ? 279 HOH A O   1 
HETATM 1428 O  O   . HOH H 5 .   ? 1.739   16.188  0.198   1.00 29.73 ? 280 HOH A O   1 
HETATM 1429 O  O   . HOH H 5 .   ? 13.065  4.606   1.733   1.00 34.25 ? 281 HOH A O   1 
HETATM 1430 O  O   . HOH H 5 .   ? -12.575 7.875   -0.765  1.00 39.32 ? 282 HOH A O   1 
HETATM 1431 O  O   . HOH H 5 .   ? -13.951 8.236   11.731  1.00 30.86 ? 283 HOH A O   1 
HETATM 1432 O  O   . HOH H 5 .   ? -10.447 -5.895  3.128   1.00 52.68 ? 284 HOH A O   1 
HETATM 1433 O  O   . HOH H 5 .   ? -4.480  -7.645  17.540  1.00 35.89 ? 285 HOH A O   1 
HETATM 1434 O  O   . HOH H 5 .   ? -2.876  11.530  -18.806 1.00 44.55 ? 286 HOH A O   1 
HETATM 1435 O  O   . HOH H 5 .   ? -2.750  -10.791 -16.118 1.00 38.74 ? 287 HOH A O   1 
HETATM 1436 O  O   . HOH H 5 .   ? 10.376  12.756  -4.229  1.00 41.68 ? 288 HOH A O   1 
HETATM 1437 O  O   . HOH H 5 .   ? 12.381  7.990   -6.034  1.00 45.81 ? 289 HOH A O   1 
HETATM 1438 O  O   . HOH H 5 .   ? -11.469 3.160   18.215  1.00 50.40 ? 290 HOH A O   1 
HETATM 1439 O  O   . HOH H 5 .   ? 11.369  -7.384  -18.370 1.00 33.77 ? 291 HOH A O   1 
HETATM 1440 O  O   . HOH H 5 .   ? 13.954  -13.710 -14.551 1.00 36.00 ? 292 HOH A O   1 
HETATM 1441 O  O   . HOH H 5 .   ? -13.582 -11.505 -8.454  1.00 35.74 ? 293 HOH A O   1 
HETATM 1442 O  O   . HOH H 5 .   ? -0.169  0.939   18.948  1.00 47.53 ? 294 HOH A O   1 
HETATM 1443 O  O   . HOH H 5 .   ? 12.685  -8.882  0.255   1.00 37.75 ? 295 HOH A O   1 
HETATM 1444 O  O   . HOH H 5 .   ? -6.897  4.711   -8.485  1.00 40.04 ? 296 HOH A O   1 
HETATM 1445 O  O   . HOH H 5 .   ? -7.463  -13.093 -2.330  1.00 48.82 ? 297 HOH A O   1 
HETATM 1446 O  O   . HOH H 5 .   ? -9.039  11.416  15.166  1.00 32.61 ? 298 HOH A O   1 
HETATM 1447 O  O   . HOH H 5 .   ? -5.694  6.815   -9.227  1.00 39.07 ? 299 HOH A O   1 
HETATM 1448 O  O   . HOH H 5 .   ? -5.053  -11.286 1.809   1.00 40.64 ? 300 HOH A O   1 
HETATM 1449 O  O   . HOH H 5 .   ? 15.057  2.121   -14.735 1.00 40.91 ? 301 HOH A O   1 
HETATM 1450 O  O   . HOH H 5 .   ? -9.729  0.212   20.811  1.00 41.73 ? 302 HOH A O   1 
HETATM 1451 O  O   . HOH H 5 .   ? 0.291   -11.963 4.763   1.00 31.85 ? 303 HOH A O   1 
HETATM 1452 O  O   . HOH H 5 .   ? -13.218 -5.496  6.136   1.00 37.41 ? 304 HOH A O   1 
HETATM 1453 O  O   . HOH H 5 .   ? 13.441  4.521   10.529  1.00 44.37 ? 305 HOH A O   1 
HETATM 1454 O  O   . HOH H 5 .   ? 2.728   -7.637  16.184  1.00 41.08 ? 306 HOH A O   1 
HETATM 1455 O  O   . HOH H 5 .   ? 3.324   15.395  5.206   1.00 37.20 ? 307 HOH A O   1 
HETATM 1456 O  O   . HOH H 5 .   ? 4.172   15.989  2.911   1.00 37.31 ? 308 HOH A O   1 
HETATM 1457 O  O   . HOH H 5 .   ? 12.238  -6.671  6.356   1.00 36.49 ? 309 HOH A O   1 
HETATM 1458 O  O   . HOH H 5 .   ? -15.886 -8.387  -3.582  1.00 44.47 ? 310 HOH A O   1 
HETATM 1459 O  O   . HOH H 5 .   ? 2.183   -3.278  -15.327 1.00 36.16 ? 311 HOH A O   1 
HETATM 1460 O  O   . HOH H 5 .   ? -18.191 4.097   1.812   1.00 49.14 ? 312 HOH A O   1 
HETATM 1461 O  O   . HOH H 5 .   ? -13.048 6.694   16.529  1.00 51.02 ? 313 HOH A O   1 
HETATM 1462 O  O   . HOH H 5 .   ? -16.457 -4.248  -1.733  1.00 46.25 ? 314 HOH A O   1 
HETATM 1463 O  O   . HOH H 5 .   ? -8.881  1.824   -7.701  1.00 41.09 ? 315 HOH A O   1 
HETATM 1464 O  O   . HOH H 5 .   ? 8.222   17.461  -10.107 1.00 43.19 ? 316 HOH A O   1 
HETATM 1465 O  O   . HOH H 5 .   ? 1.545   13.513  -18.329 1.00 46.81 ? 317 HOH A O   1 
HETATM 1466 O  O   . HOH H 5 .   ? 13.033  -12.212 1.926   1.00 39.86 ? 318 HOH A O   1 
HETATM 1467 O  O   . HOH H 5 .   ? 13.402  -3.297  0.825   1.00 50.97 ? 319 HOH A O   1 
HETATM 1468 O  O   . HOH H 5 .   ? -10.408 -8.603  4.540   1.00 38.67 ? 320 HOH A O   1 
HETATM 1469 O  O   . HOH H 5 .   ? 3.760   13.975  -20.070 1.00 40.91 ? 321 HOH A O   1 
HETATM 1470 O  O   . HOH H 5 .   ? -15.809 -9.985  -10.241 1.00 39.13 ? 322 HOH A O   1 
HETATM 1471 O  O   . HOH H 5 .   ? 2.089   -3.998  18.375  1.00 50.19 ? 323 HOH A O   1 
HETATM 1472 O  O   . HOH H 5 .   ? -3.813  -13.990 16.615  1.00 38.86 ? 324 HOH A O   1 
HETATM 1473 O  O   . HOH H 5 .   ? -15.113 -11.403 -13.074 1.00 47.41 ? 325 HOH A O   1 
HETATM 1474 O  O   . HOH H 5 .   ? 14.915  7.827   -10.925 1.00 50.82 ? 326 HOH A O   1 
HETATM 1475 O  O   . HOH H 5 .   ? -18.564 4.439   7.104   1.00 44.37 ? 327 HOH A O   1 
HETATM 1476 O  O   . HOH H 5 .   ? -18.495 -2.466  7.479   1.00 45.12 ? 328 HOH A O   1 
HETATM 1477 O  O   . HOH H 5 .   ? 0.392   -18.081 -9.837  1.00 50.46 ? 329 HOH A O   1 
HETATM 1478 O  O   . HOH H 5 .   ? -3.688  -13.312 -17.769 1.00 40.35 ? 330 HOH A O   1 
HETATM 1479 O  O   . HOH H 5 .   ? 11.455  9.966   1.529   1.00 40.19 ? 331 HOH A O   1 
HETATM 1480 O  O   . HOH H 5 .   ? -3.702  -15.209 -1.477  1.00 46.12 ? 332 HOH A O   1 
HETATM 1481 O  O   . HOH H 5 .   ? 6.008   18.920  -4.735  1.00 50.63 ? 333 HOH A O   1 
HETATM 1482 O  O   . HOH H 5 .   ? 18.818  -8.611  -8.109  1.00 47.63 ? 334 HOH A O   1 
HETATM 1483 O  O   . HOH H 5 .   ? 14.041  -15.042 -1.803  1.00 37.69 ? 335 HOH A O   1 
HETATM 1484 O  O   . HOH H 5 .   ? 3.711   -9.364  -19.122 1.00 42.60 ? 336 HOH A O   1 
HETATM 1485 O  O   . HOH H 5 .   ? 0.902   16.094  2.928   1.00 50.00 ? 337 HOH A O   1 
HETATM 1486 O  O   . HOH H 5 .   ? 9.405   9.144   10.216  1.00 51.20 ? 338 HOH A O   1 
HETATM 1487 O  O   . HOH H 5 .   ? -6.569  0.311   -13.623 1.00 44.99 ? 339 HOH A O   1 
HETATM 1488 O  O   . HOH H 5 .   ? -0.294  11.477  11.471  1.00 36.07 ? 340 HOH A O   1 
HETATM 1489 O  O   . HOH H 5 .   ? -14.755 -9.160  -0.873  1.00 44.19 ? 341 HOH A O   1 
HETATM 1490 O  O   . HOH H 5 .   ? 9.087   12.078  -1.291  1.00 68.06 ? 342 HOH A O   1 
HETATM 1491 O  O   . HOH H 5 .   ? -8.117  3.214   -13.807 1.00 57.58 ? 343 HOH A O   1 
HETATM 1492 O  O   . HOH H 5 .   ? -2.356  -16.719 -2.553  1.00 55.76 ? 344 HOH A O   1 
HETATM 1493 O  O   . HOH H 5 .   ? -19.217 0.052   5.506   1.00 53.43 ? 345 HOH A O   1 
HETATM 1494 O  O   . HOH H 5 .   ? 5.742   -7.553  16.957  1.00 41.37 ? 346 HOH A O   1 
HETATM 1495 O  O   . HOH H 5 .   ? 14.158  4.595   -3.958  1.00 41.18 ? 347 HOH A O   1 
HETATM 1496 O  O   . HOH H 5 .   ? -8.021  -10.087 9.267   1.00 43.35 ? 348 HOH A O   1 
HETATM 1497 O  O   . HOH H 5 .   ? -16.551 12.060  1.362   1.00 50.44 ? 349 HOH A O   1 
HETATM 1498 O  O   . HOH H 5 .   ? -11.272 13.382  2.193   1.00 44.16 ? 350 HOH A O   1 
HETATM 1499 O  O   . HOH H 5 .   ? 10.720  7.519   -15.668 1.00 44.78 ? 351 HOH A O   1 
HETATM 1500 O  O   . HOH H 5 .   ? -13.751 -9.703  2.643   1.00 54.62 ? 352 HOH A O   1 
HETATM 1501 O  O   . HOH H 5 .   ? -9.494  8.988   -8.183  1.00 44.19 ? 353 HOH A O   1 
HETATM 1502 O  O   . HOH H 5 .   ? -6.150  13.695  13.720  1.00 40.67 ? 354 HOH A O   1 
HETATM 1503 O  O   . HOH H 5 .   ? 13.633  -0.747  8.802   1.00 46.27 ? 355 HOH A O   1 
HETATM 1504 O  O   . HOH H 5 .   ? -10.921 8.195   17.356  1.00 47.87 ? 356 HOH A O   1 
HETATM 1505 O  O   . HOH H 5 .   ? 3.141   -4.711  -18.889 1.00 40.76 ? 357 HOH A O   1 
HETATM 1506 O  O   . HOH H 5 .   ? 3.959   9.950   -21.784 1.00 50.09 ? 358 HOH A O   1 
HETATM 1507 O  O   . HOH H 5 .   ? -6.330  -14.620 17.294  1.00 47.50 ? 359 HOH A O   1 
HETATM 1508 O  O   . HOH H 5 .   ? 10.576  2.821   -14.454 1.00 46.19 ? 360 HOH A O   1 
HETATM 1509 O  O   . HOH H 5 .   ? 15.284  -7.704  -15.084 1.00 42.72 ? 361 HOH A O   1 
HETATM 1510 O  O   . HOH H 5 .   ? -4.968  -14.032 10.008  1.00 40.79 ? 362 HOH A O   1 
HETATM 1511 O  O   . HOH H 5 .   ? 3.154   -19.404 -8.008  1.00 48.11 ? 363 HOH A O   1 
HETATM 1512 O  O   . HOH H 5 .   ? -9.826  -0.643  -14.239 1.00 42.86 ? 364 HOH A O   1 
HETATM 1513 O  O   . HOH H 5 .   ? 8.672   13.849  -12.412 1.00 51.17 ? 365 HOH A O   1 
HETATM 1514 O  O   . HOH H 5 .   ? -15.541 -4.578  -4.641  1.00 50.55 ? 366 HOH A O   1 
HETATM 1515 O  O   . HOH H 5 .   ? -2.579  1.708   20.403  1.00 69.68 ? 367 HOH A O   1 
HETATM 1516 O  O   . HOH H 5 .   ? -20.438 4.976   4.725   1.00 44.10 ? 368 HOH A O   1 
HETATM 1517 O  O   . HOH H 5 .   ? 14.447  -1.115  -7.321  1.00 59.43 ? 369 HOH A O   1 
HETATM 1518 O  O   . HOH H 5 .   ? 7.247   -6.918  -18.683 1.00 48.62 ? 370 HOH A O   1 
HETATM 1519 O  O   . HOH H 5 .   ? 12.220  14.197  -7.764  1.00 52.15 ? 371 HOH A O   1 
HETATM 1520 O  O   . HOH H 5 .   ? 13.201  5.260   7.082   1.00 47.92 ? 372 HOH A O   1 
HETATM 1521 O  O   . HOH H 5 .   ? -9.569  -14.970 -7.712  1.00 48.93 ? 373 HOH A O   1 
HETATM 1522 O  O   . HOH H 5 .   ? 3.608   8.810   -19.389 1.00 56.16 ? 374 HOH A O   1 
HETATM 1523 O  O   . HOH H 5 .   ? -15.039 11.526  7.239   1.00 48.84 ? 375 HOH A O   1 
HETATM 1524 O  O   . HOH H 5 .   ? 11.255  -14.280 2.359   1.00 39.67 ? 376 HOH A O   1 
HETATM 1525 O  O   . HOH H 5 .   ? -11.001 -6.911  11.214  1.00 48.03 ? 377 HOH A O   1 
HETATM 1526 O  O   . HOH H 5 .   ? -6.410  -12.803 12.119  1.00 43.64 ? 378 HOH A O   1 
HETATM 1527 O  O   . HOH H 5 .   ? -9.215  -4.154  -19.607 1.00 49.24 ? 379 HOH A O   1 
HETATM 1528 O  O   . HOH H 5 .   ? 10.412  7.286   4.543   1.00 49.24 ? 380 HOH A O   1 
# 
